data_3N2B
#
_entry.id   3N2B
#
_cell.length_a   45.394
_cell.length_b   80.329
_cell.length_c   118.693
_cell.angle_alpha   105.31
_cell.angle_beta   93.62
_cell.angle_gamma   90.52
#
_symmetry.space_group_name_H-M   'P 1'
#
loop_
_entity.id
_entity.type
_entity.pdbx_description
1 polymer 'Diaminopimelate decarboxylase'
2 non-polymer 'CHLORIDE ION'
3 water water
#
_entity_poly.entity_id   1
_entity_poly.type   'polypeptide(L)'
_entity_poly.pdbx_seq_one_letter_code
;MHHHHHHSSGVDLGTENLYFQSNAMDYFNYQEDGQLWAEQVPLADLANQYGTPLYVYSRATLERHWHAFDKSVGDYPHLI
CYAVKANSNLGVLNTLARLGSGFDIVSVGELERVLAAGGDPSKVVFSGVGKTEAEMKRALQLKIKCFNVESEPELQRLNK
VAGELGVKAPISLRINPDVDAKTHPYISTGLRDNKFGITFDRAAQVYRLAHSLPNLDVHGIDCHIGSQLTALAPFIDATD
RLLALIDSLKAEGIHIRHLDVGGGLGVVYRDELPPQPSEYAKALLDRLERHRDLELIFEPGRAIAANAGVLVTKVEFLKH
TEHKNFAIIDAAMNDLIRPALYQAWQDIIPLRPRQGEAQTYDLVGPVCETSDFLGKDRDLVLQEGDLLAVRSSGAYGFTM
SSNYNTRPRVAEVMVDGNKTYLVRQREELSSLWALESVLPE
;
_entity_poly.pdbx_strand_id   A,B,C,D
#
# COMPACT_ATOMS: atom_id res chain seq x y z
N ASN A 17 12.88 2.55 3.07
CA ASN A 17 11.98 2.10 1.96
C ASN A 17 11.34 3.29 1.24
N LEU A 18 11.87 3.61 0.05
CA LEU A 18 11.38 4.71 -0.77
C LEU A 18 9.91 4.52 -1.19
N TYR A 19 9.49 3.26 -1.27
CA TYR A 19 8.15 2.90 -1.75
C TYR A 19 7.16 2.60 -0.61
N PHE A 20 7.43 3.14 0.58
CA PHE A 20 6.57 2.99 1.75
C PHE A 20 5.20 3.50 1.35
N GLN A 21 4.17 2.67 1.55
CA GLN A 21 2.83 3.04 1.08
C GLN A 21 2.04 3.94 2.01
N SER A 22 1.20 4.78 1.41
CA SER A 22 0.37 5.70 2.17
C SER A 22 -0.96 5.81 1.46
N ASN A 23 -1.88 6.56 2.06
CA ASN A 23 -3.17 6.89 1.42
C ASN A 23 -3.51 8.33 1.80
N ALA A 24 -4.51 8.93 1.16
CA ALA A 24 -4.80 10.34 1.38
C ALA A 24 -5.36 10.61 2.77
N MET A 25 -5.98 9.61 3.38
CA MET A 25 -6.62 9.78 4.68
C MET A 25 -5.78 9.40 5.90
N ASP A 26 -4.97 8.35 5.82
CA ASP A 26 -4.22 7.91 7.00
C ASP A 26 -2.98 7.06 6.72
N TYR A 27 -2.31 6.66 7.80
CA TYR A 27 -1.10 5.83 7.71
C TYR A 27 -1.36 4.34 8.01
N PHE A 28 -2.55 3.85 7.68
CA PHE A 28 -2.87 2.42 7.80
C PHE A 28 -2.87 1.87 6.36
N ASN A 29 -1.81 1.14 6.00
CA ASN A 29 -1.63 0.64 4.64
C ASN A 29 -0.87 -0.67 4.55
N TYR A 30 -1.10 -1.41 3.48
CA TYR A 30 -0.43 -2.68 3.25
C TYR A 30 1.01 -2.48 2.82
N GLN A 31 1.84 -3.48 3.12
CA GLN A 31 3.27 -3.42 2.74
C GLN A 31 3.72 -4.70 2.00
N GLU A 32 5.02 -4.84 1.81
N GLU A 32 5.01 -4.83 1.74
CA GLU A 32 5.64 -5.95 1.03
CA GLU A 32 5.55 -5.97 0.96
C GLU A 32 5.30 -7.36 1.53
C GLU A 32 5.33 -7.38 1.53
N ASP A 33 5.02 -7.50 2.82
CA ASP A 33 4.76 -8.81 3.42
C ASP A 33 3.30 -9.29 3.32
N GLY A 34 2.46 -8.49 2.67
CA GLY A 34 1.07 -8.85 2.49
C GLY A 34 0.19 -8.55 3.69
N GLN A 35 0.64 -7.70 4.62
CA GLN A 35 -0.20 -7.35 5.79
C GLN A 35 -0.37 -5.84 6.01
N LEU A 36 -1.39 -5.49 6.80
CA LEU A 36 -1.72 -4.10 7.11
C LEU A 36 -0.84 -3.57 8.23
N TRP A 37 -0.20 -2.43 7.98
CA TRP A 37 0.70 -1.80 8.95
C TRP A 37 0.16 -0.42 9.38
N ALA A 38 0.40 -0.10 10.66
CA ALA A 38 0.06 1.18 11.25
C ALA A 38 1.40 1.90 11.27
N GLU A 39 1.59 2.82 10.34
CA GLU A 39 2.90 3.46 10.17
C GLU A 39 3.92 2.31 9.99
N GLN A 40 4.96 2.23 10.80
CA GLN A 40 5.99 1.19 10.66
C GLN A 40 5.80 0.03 11.68
N VAL A 41 4.55 -0.20 12.12
CA VAL A 41 4.25 -1.29 13.05
C VAL A 41 3.15 -2.16 12.49
N PRO A 42 3.40 -3.48 12.32
CA PRO A 42 2.35 -4.36 11.83
C PRO A 42 1.18 -4.39 12.80
N LEU A 43 -0.04 -4.25 12.28
CA LEU A 43 -1.21 -4.26 13.18
C LEU A 43 -1.35 -5.61 13.86
N ALA A 44 -1.00 -6.67 13.14
CA ALA A 44 -1.07 -8.03 13.67
C ALA A 44 -0.22 -8.18 14.94
N ASP A 45 0.94 -7.50 15.01
CA ASP A 45 1.79 -7.61 16.19
C ASP A 45 1.11 -6.99 17.42
N LEU A 46 0.49 -5.84 17.20
CA LEU A 46 -0.22 -5.13 18.26
C LEU A 46 -1.38 -5.97 18.80
N ALA A 47 -2.11 -6.62 17.90
CA ALA A 47 -3.25 -7.48 18.28
C ALA A 47 -2.76 -8.65 19.14
N ASN A 48 -1.59 -9.14 18.76
CA ASN A 48 -0.95 -10.24 19.46
C ASN A 48 -0.45 -9.84 20.84
N GLN A 49 0.10 -8.63 20.96
CA GLN A 49 0.62 -8.16 22.23
C GLN A 49 -0.45 -7.63 23.18
N TYR A 50 -1.47 -6.94 22.64
CA TYR A 50 -2.46 -6.26 23.49
C TYR A 50 -3.88 -6.85 23.49
N GLY A 51 -4.11 -7.83 22.63
CA GLY A 51 -5.42 -8.51 22.53
C GLY A 51 -6.38 -7.76 21.63
N THR A 52 -7.53 -8.38 21.36
CA THR A 52 -8.60 -7.77 20.60
C THR A 52 -9.90 -7.80 21.40
N PRO A 53 -10.80 -6.84 21.14
CA PRO A 53 -10.65 -5.72 20.20
C PRO A 53 -9.63 -4.75 20.70
N LEU A 54 -9.12 -3.92 19.80
CA LEU A 54 -8.09 -2.97 20.14
C LEU A 54 -8.23 -1.70 19.30
N TYR A 55 -8.17 -0.54 19.95
CA TYR A 55 -8.14 0.72 19.21
C TYR A 55 -6.68 1.04 18.97
N VAL A 56 -6.33 1.29 17.71
CA VAL A 56 -4.95 1.69 17.33
C VAL A 56 -4.98 3.08 16.65
N TYR A 57 -4.25 4.01 17.22
CA TYR A 57 -4.16 5.39 16.68
C TYR A 57 -2.80 5.64 16.09
N SER A 58 -2.78 6.50 15.06
CA SER A 58 -1.57 6.86 14.33
C SER A 58 -1.22 8.32 14.61
N ARG A 59 -0.04 8.52 15.21
CA ARG A 59 0.40 9.83 15.56
C ARG A 59 0.52 10.70 14.32
N ALA A 60 1.13 10.13 13.28
CA ALA A 60 1.37 10.88 12.03
C ALA A 60 0.07 11.30 11.35
N THR A 61 -0.96 10.46 11.45
CA THR A 61 -2.28 10.79 10.88
C THR A 61 -2.92 11.99 11.61
N LEU A 62 -2.87 12.00 12.96
CA LEU A 62 -3.39 13.12 13.71
C LEU A 62 -2.66 14.40 13.34
N GLU A 63 -1.32 14.30 13.29
CA GLU A 63 -0.49 15.48 12.99
C GLU A 63 -0.76 16.01 11.59
N ARG A 64 -0.81 15.11 10.62
CA ARG A 64 -1.11 15.47 9.24
C ARG A 64 -2.40 16.28 9.13
N HIS A 65 -3.47 15.77 9.73
CA HIS A 65 -4.75 16.45 9.68
C HIS A 65 -4.82 17.72 10.50
N TRP A 66 -4.17 17.76 11.67
CA TRP A 66 -4.15 18.98 12.43
C TRP A 66 -3.40 20.06 11.64
N HIS A 67 -2.22 19.71 11.10
CA HIS A 67 -1.46 20.69 10.30
C HIS A 67 -2.22 21.17 9.06
N ALA A 68 -2.88 20.26 8.37
CA ALA A 68 -3.63 20.61 7.17
C ALA A 68 -4.67 21.66 7.50
N PHE A 69 -5.32 21.50 8.65
CA PHE A 69 -6.31 22.45 9.09
C PHE A 69 -5.63 23.77 9.52
N ASP A 70 -4.60 23.66 10.36
CA ASP A 70 -3.90 24.85 10.85
C ASP A 70 -3.32 25.70 9.73
N LYS A 71 -2.83 25.07 8.67
CA LYS A 71 -2.20 25.79 7.56
C LYS A 71 -3.20 26.36 6.57
N SER A 72 -4.41 25.81 6.57
CA SER A 72 -5.45 26.22 5.62
C SER A 72 -5.86 27.70 5.69
N VAL A 73 -5.73 28.29 6.88
N VAL A 73 -5.78 28.32 6.86
CA VAL A 73 -6.11 29.67 7.15
CA VAL A 73 -6.16 29.75 6.98
C VAL A 73 -4.95 30.63 6.83
C VAL A 73 -4.95 30.65 6.78
N GLY A 74 -3.79 30.05 6.52
CA GLY A 74 -2.61 30.82 6.25
C GLY A 74 -2.16 31.73 7.38
N ASP A 75 -1.91 32.97 6.98
CA ASP A 75 -1.37 34.00 7.83
C ASP A 75 -2.35 34.63 8.84
N TYR A 76 -3.63 34.35 8.68
CA TYR A 76 -4.62 34.99 9.48
C TYR A 76 -4.61 34.48 10.95
N PRO A 77 -4.64 35.41 11.94
CA PRO A 77 -4.64 35.11 13.37
C PRO A 77 -5.77 34.15 13.69
N HIS A 78 -5.43 33.00 14.25
CA HIS A 78 -6.44 31.98 14.50
C HIS A 78 -6.01 31.02 15.58
N LEU A 79 -6.97 30.21 16.01
CA LEU A 79 -6.69 29.16 16.97
C LEU A 79 -7.52 27.97 16.58
N ILE A 80 -6.90 26.80 16.49
CA ILE A 80 -7.64 25.57 16.24
C ILE A 80 -8.05 25.04 17.62
N CYS A 81 -9.35 24.96 17.90
CA CYS A 81 -9.77 24.39 19.18
C CYS A 81 -10.36 22.99 18.94
N TYR A 82 -9.49 22.00 19.01
CA TYR A 82 -9.87 20.61 18.79
C TYR A 82 -11.03 20.19 19.71
N ALA A 83 -12.03 19.56 19.11
CA ALA A 83 -13.23 19.11 19.85
C ALA A 83 -12.90 17.81 20.59
N VAL A 84 -12.55 17.97 21.86
CA VAL A 84 -12.07 16.91 22.73
C VAL A 84 -12.98 15.68 22.76
N LYS A 85 -14.27 15.91 22.71
CA LYS A 85 -15.23 14.81 22.77
C LYS A 85 -15.09 13.76 21.65
N ALA A 86 -14.56 14.15 20.50
CA ALA A 86 -14.31 13.22 19.40
C ALA A 86 -13.37 12.08 19.80
N ASN A 87 -12.33 12.40 20.58
CA ASN A 87 -11.35 11.43 21.06
C ASN A 87 -10.55 12.19 22.12
N SER A 88 -10.76 11.85 23.38
N SER A 88 -10.77 11.81 23.38
CA SER A 88 -10.11 12.58 24.47
CA SER A 88 -10.20 12.51 24.53
C SER A 88 -9.02 11.80 25.19
C SER A 88 -9.04 11.79 25.20
N ASN A 89 -8.54 10.72 24.58
CA ASN A 89 -7.46 9.92 25.14
C ASN A 89 -6.27 10.83 25.45
N LEU A 90 -5.63 10.63 26.60
CA LEU A 90 -4.51 11.54 26.97
C LEU A 90 -3.37 11.59 25.94
N GLY A 91 -3.08 10.47 25.33
CA GLY A 91 -2.06 10.36 24.28
C GLY A 91 -2.45 11.17 23.05
N VAL A 92 -3.72 11.10 22.64
CA VAL A 92 -4.22 11.87 21.52
C VAL A 92 -4.16 13.36 21.88
N LEU A 93 -4.66 13.73 23.07
CA LEU A 93 -4.66 15.13 23.47
C LEU A 93 -3.22 15.66 23.57
N ASN A 94 -2.32 14.83 24.07
CA ASN A 94 -0.90 15.22 24.24
C ASN A 94 -0.25 15.45 22.87
N THR A 95 -0.57 14.60 21.90
CA THR A 95 -0.06 14.78 20.52
C THR A 95 -0.40 16.19 20.03
N LEU A 96 -1.66 16.59 20.21
CA LEU A 96 -2.13 17.89 19.77
C LEU A 96 -1.60 19.03 20.61
N ALA A 97 -1.51 18.85 21.93
CA ALA A 97 -0.94 19.90 22.81
C ALA A 97 0.50 20.20 22.38
N ARG A 98 1.21 19.17 21.97
CA ARG A 98 2.62 19.36 21.56
C ARG A 98 2.73 20.24 20.30
N LEU A 99 1.68 20.28 19.50
CA LEU A 99 1.64 21.14 18.30
C LEU A 99 1.14 22.54 18.56
N GLY A 100 0.74 22.82 19.80
CA GLY A 100 0.21 24.11 20.18
C GLY A 100 -1.29 24.23 19.94
N SER A 101 -1.97 23.09 19.83
CA SER A 101 -3.42 23.14 19.58
C SER A 101 -4.16 23.74 20.74
N GLY A 102 -5.34 24.31 20.44
CA GLY A 102 -6.27 24.74 21.41
C GLY A 102 -7.27 23.57 21.54
N PHE A 103 -8.24 23.71 22.43
CA PHE A 103 -9.23 22.67 22.68
C PHE A 103 -10.59 23.26 23.00
N ASP A 104 -11.65 22.61 22.50
CA ASP A 104 -13.02 22.94 22.83
C ASP A 104 -13.47 21.80 23.75
N ILE A 105 -13.88 22.16 24.96
CA ILE A 105 -14.31 21.19 25.95
C ILE A 105 -15.77 21.40 26.27
N VAL A 106 -16.43 20.35 26.73
CA VAL A 106 -17.86 20.50 27.08
C VAL A 106 -18.16 20.08 28.53
N SER A 107 -17.12 19.83 29.31
CA SER A 107 -17.24 19.43 30.70
C SER A 107 -15.97 19.69 31.46
N VAL A 108 -16.09 19.73 32.79
CA VAL A 108 -14.91 19.84 33.63
C VAL A 108 -13.96 18.63 33.46
N GLY A 109 -14.49 17.43 33.24
CA GLY A 109 -13.65 16.28 33.00
C GLY A 109 -12.77 16.51 31.76
N GLU A 110 -13.35 17.06 30.68
CA GLU A 110 -12.56 17.28 29.47
C GLU A 110 -11.51 18.35 29.75
N LEU A 111 -11.84 19.34 30.56
CA LEU A 111 -10.85 20.37 30.95
C LEU A 111 -9.68 19.72 31.71
N GLU A 112 -9.99 18.85 32.68
CA GLU A 112 -8.95 18.17 33.46
C GLU A 112 -8.06 17.28 32.57
N ARG A 113 -8.67 16.63 31.55
CA ARG A 113 -7.94 15.81 30.58
C ARG A 113 -6.89 16.67 29.84
N VAL A 114 -7.33 17.81 29.33
CA VAL A 114 -6.43 18.75 28.61
C VAL A 114 -5.25 19.15 29.50
N LEU A 115 -5.54 19.51 30.74
CA LEU A 115 -4.49 19.87 31.68
C LEU A 115 -3.52 18.71 31.91
N ALA A 116 -4.05 17.50 32.09
CA ALA A 116 -3.21 16.33 32.32
C ALA A 116 -2.36 15.96 31.10
N ALA A 117 -2.84 16.32 29.92
CA ALA A 117 -2.17 16.06 28.66
C ALA A 117 -1.11 17.12 28.29
N GLY A 118 -0.93 18.11 29.15
CA GLY A 118 0.06 19.19 28.88
C GLY A 118 -0.48 20.33 28.03
N GLY A 119 -1.81 20.42 27.88
CA GLY A 119 -2.43 21.47 27.13
C GLY A 119 -2.42 22.81 27.86
N ASP A 120 -2.56 23.87 27.09
CA ASP A 120 -2.56 25.22 27.65
C ASP A 120 -3.99 25.72 27.91
N PRO A 121 -4.37 25.95 29.19
CA PRO A 121 -5.73 26.41 29.46
C PRO A 121 -6.12 27.71 28.77
N SER A 122 -5.14 28.60 28.52
CA SER A 122 -5.44 29.84 27.85
C SER A 122 -5.82 29.62 26.37
N LYS A 123 -5.83 28.36 25.91
CA LYS A 123 -6.22 28.01 24.56
C LYS A 123 -7.47 27.09 24.61
N VAL A 124 -8.16 27.11 25.74
CA VAL A 124 -9.35 26.27 25.92
C VAL A 124 -10.60 27.11 25.96
N VAL A 125 -11.60 26.71 25.16
CA VAL A 125 -12.93 27.35 25.18
C VAL A 125 -13.85 26.27 25.72
N PHE A 126 -14.83 26.69 26.53
CA PHE A 126 -15.77 25.78 27.22
C PHE A 126 -17.16 26.01 26.62
N SER A 127 -17.66 24.97 25.93
CA SER A 127 -18.97 24.94 25.29
C SER A 127 -19.89 24.04 26.08
N GLY A 128 -21.17 24.04 25.76
CA GLY A 128 -22.14 23.15 26.44
C GLY A 128 -23.30 23.92 27.02
N VAL A 129 -24.52 23.37 26.88
CA VAL A 129 -25.71 24.09 27.28
C VAL A 129 -26.04 23.99 28.76
N GLY A 130 -25.43 23.05 29.49
CA GLY A 130 -25.77 22.85 30.91
C GLY A 130 -24.65 22.89 31.92
N LYS A 131 -23.69 23.80 31.71
CA LYS A 131 -22.56 23.91 32.62
C LYS A 131 -23.01 24.19 34.05
N THR A 132 -22.42 23.47 35.00
CA THR A 132 -22.77 23.63 36.40
C THR A 132 -21.90 24.71 37.04
N GLU A 133 -22.34 25.22 38.18
CA GLU A 133 -21.58 26.21 38.93
C GLU A 133 -20.20 25.67 39.28
N ALA A 134 -20.11 24.38 39.66
CA ALA A 134 -18.86 23.73 39.99
C ALA A 134 -17.88 23.71 38.80
N GLU A 135 -18.40 23.40 37.62
CA GLU A 135 -17.56 23.39 36.42
C GLU A 135 -17.06 24.80 36.09
N MET A 136 -17.95 25.78 36.18
CA MET A 136 -17.57 27.17 35.91
C MET A 136 -16.48 27.64 36.86
N LYS A 137 -16.59 27.29 38.15
CA LYS A 137 -15.60 27.68 39.15
C LYS A 137 -14.22 27.13 38.83
N ARG A 138 -14.14 25.83 38.54
CA ARG A 138 -12.86 25.23 38.21
C ARG A 138 -12.29 25.85 36.92
N ALA A 139 -13.13 26.06 35.92
CA ALA A 139 -12.67 26.66 34.64
C ALA A 139 -12.14 28.08 34.86
N LEU A 140 -12.83 28.83 35.69
CA LEU A 140 -12.38 30.19 36.05
C LEU A 140 -11.03 30.11 36.79
N GLN A 141 -10.91 29.17 37.73
CA GLN A 141 -9.66 29.00 38.47
C GLN A 141 -8.48 28.65 37.59
N LEU A 142 -8.73 27.90 36.51
CA LEU A 142 -7.67 27.55 35.58
C LEU A 142 -7.46 28.62 34.50
N LYS A 143 -8.27 29.67 34.54
CA LYS A 143 -8.21 30.80 33.59
C LYS A 143 -8.27 30.39 32.12
N ILE A 144 -9.38 29.74 31.74
CA ILE A 144 -9.55 29.31 30.37
C ILE A 144 -9.72 30.52 29.47
N LYS A 145 -9.54 30.29 28.18
CA LYS A 145 -9.69 31.35 27.18
C LYS A 145 -11.07 32.01 27.20
N CYS A 146 -12.14 31.21 27.14
CA CYS A 146 -13.46 31.78 27.06
C CYS A 146 -14.55 30.75 27.34
N PHE A 147 -15.67 31.23 27.86
CA PHE A 147 -16.89 30.46 28.05
C PHE A 147 -17.82 30.76 26.90
N ASN A 148 -18.25 29.72 26.18
CA ASN A 148 -19.17 29.88 25.06
C ASN A 148 -20.54 29.64 25.65
N VAL A 149 -21.22 30.74 25.94
CA VAL A 149 -22.51 30.74 26.66
C VAL A 149 -23.68 30.57 25.69
N GLU A 150 -24.58 29.65 26.03
CA GLU A 150 -25.66 29.24 25.14
C GLU A 150 -27.04 29.77 25.46
N SER A 151 -27.21 30.44 26.60
CA SER A 151 -28.51 30.95 27.00
C SER A 151 -28.39 32.05 28.02
N GLU A 152 -29.44 32.85 28.18
CA GLU A 152 -29.43 33.90 29.19
C GLU A 152 -29.35 33.36 30.59
N PRO A 153 -30.10 32.26 30.90
CA PRO A 153 -29.95 31.71 32.23
C PRO A 153 -28.50 31.27 32.55
N GLU A 154 -27.81 30.69 31.58
CA GLU A 154 -26.40 30.33 31.80
C GLU A 154 -25.55 31.57 32.01
N LEU A 155 -25.84 32.64 31.27
CA LEU A 155 -25.08 33.90 31.41
C LEU A 155 -25.25 34.39 32.86
N GLN A 156 -26.47 34.32 33.38
CA GLN A 156 -26.71 34.73 34.77
C GLN A 156 -25.97 33.83 35.79
N ARG A 157 -25.92 32.52 35.54
CA ARG A 157 -25.20 31.61 36.43
C ARG A 157 -23.70 31.91 36.43
N LEU A 158 -23.12 32.15 35.25
CA LEU A 158 -21.68 32.45 35.16
C LEU A 158 -21.36 33.77 35.88
N ASN A 159 -22.22 34.75 35.71
CA ASN A 159 -22.09 36.05 36.41
C ASN A 159 -22.15 35.81 37.94
N LYS A 160 -23.05 34.93 38.37
CA LYS A 160 -23.17 34.61 39.80
C LYS A 160 -21.89 34.00 40.34
N VAL A 161 -21.34 33.01 39.63
CA VAL A 161 -20.13 32.34 40.08
C VAL A 161 -18.93 33.26 40.03
N ALA A 162 -18.82 34.02 38.95
CA ALA A 162 -17.71 34.97 38.81
C ALA A 162 -17.80 36.02 39.94
N GLY A 163 -19.03 36.44 40.23
CA GLY A 163 -19.33 37.38 41.30
C GLY A 163 -18.92 36.86 42.67
N GLU A 164 -19.15 35.57 42.92
CA GLU A 164 -18.73 34.93 44.17
C GLU A 164 -17.21 34.82 44.28
N LEU A 165 -16.53 34.57 43.16
CA LEU A 165 -15.07 34.47 43.18
C LEU A 165 -14.40 35.84 43.07
N GLY A 166 -15.18 36.88 42.84
CA GLY A 166 -14.64 38.23 42.65
C GLY A 166 -13.76 38.37 41.43
N VAL A 167 -14.14 37.72 40.32
CA VAL A 167 -13.33 37.77 39.09
C VAL A 167 -14.21 38.12 37.92
N LYS A 168 -13.59 38.29 36.76
CA LYS A 168 -14.31 38.58 35.52
C LYS A 168 -14.24 37.37 34.61
N ALA A 169 -15.39 36.83 34.25
CA ALA A 169 -15.43 35.68 33.37
C ALA A 169 -15.37 36.10 31.91
N PRO A 170 -14.44 35.53 31.13
CA PRO A 170 -14.40 35.84 29.69
C PRO A 170 -15.55 35.08 28.98
N ILE A 171 -16.35 35.80 28.20
CA ILE A 171 -17.50 35.21 27.56
C ILE A 171 -17.67 35.47 26.05
N SER A 172 -18.26 34.48 25.40
CA SER A 172 -18.68 34.59 24.03
C SER A 172 -20.11 34.06 24.06
N LEU A 173 -20.99 34.67 23.30
CA LEU A 173 -22.35 34.18 23.20
C LEU A 173 -22.51 33.36 21.91
N ARG A 174 -23.21 32.22 22.05
CA ARG A 174 -23.56 31.38 20.91
C ARG A 174 -24.79 32.00 20.26
N ILE A 175 -24.57 32.59 19.10
CA ILE A 175 -25.58 33.25 18.31
C ILE A 175 -25.89 32.43 17.06
N ASN A 176 -27.17 32.13 16.84
CA ASN A 176 -27.59 31.43 15.61
C ASN A 176 -27.31 32.33 14.41
N PRO A 177 -26.83 31.76 13.29
CA PRO A 177 -26.56 32.61 12.13
C PRO A 177 -27.84 33.27 11.57
N ASP A 178 -27.67 34.46 11.00
CA ASP A 178 -28.79 35.25 10.45
C ASP A 178 -29.20 34.81 9.04
N VAL A 179 -29.95 33.72 8.98
CA VAL A 179 -30.46 33.22 7.70
C VAL A 179 -31.66 34.07 7.27
N ASP A 180 -31.75 34.37 5.99
CA ASP A 180 -32.84 35.16 5.45
C ASP A 180 -34.10 34.28 5.30
N ALA A 181 -35.12 34.56 6.11
CA ALA A 181 -36.38 33.78 6.13
C ALA A 181 -37.10 33.74 4.78
N LYS A 182 -37.00 34.83 4.01
CA LYS A 182 -37.66 34.91 2.70
C LYS A 182 -37.10 33.90 1.70
N THR A 183 -35.79 33.73 1.67
CA THR A 183 -35.16 32.79 0.74
C THR A 183 -34.97 31.40 1.33
N HIS A 184 -34.83 31.30 2.65
CA HIS A 184 -34.62 29.99 3.31
C HIS A 184 -35.55 29.80 4.49
N PRO A 185 -36.87 29.75 4.21
CA PRO A 185 -37.85 29.66 5.27
C PRO A 185 -37.69 28.46 6.18
N TYR A 186 -37.46 27.28 5.60
CA TYR A 186 -37.37 26.06 6.40
C TYR A 186 -36.15 26.06 7.34
N ILE A 187 -34.98 26.41 6.82
CA ILE A 187 -33.78 26.51 7.62
C ILE A 187 -33.95 27.57 8.72
N SER A 188 -34.60 28.69 8.37
CA SER A 188 -34.87 29.77 9.31
C SER A 188 -35.74 29.29 10.47
N THR A 189 -36.86 28.64 10.16
CA THR A 189 -37.72 28.09 11.19
C THR A 189 -36.94 27.12 12.08
N GLY A 190 -36.16 26.25 11.45
CA GLY A 190 -35.36 25.25 12.15
C GLY A 190 -34.38 25.87 13.14
N LEU A 191 -33.64 26.85 12.66
CA LEU A 191 -32.66 27.56 13.49
C LEU A 191 -33.28 28.28 14.66
N ARG A 192 -34.25 29.13 14.37
CA ARG A 192 -34.94 29.91 15.37
C ARG A 192 -35.53 29.06 16.50
N ASP A 193 -36.04 27.88 16.17
CA ASP A 193 -36.65 27.03 17.19
C ASP A 193 -35.74 25.92 17.71
N ASN A 194 -34.43 25.96 17.45
CA ASN A 194 -33.61 24.89 17.99
C ASN A 194 -33.11 25.23 19.40
N LYS A 195 -32.66 24.21 20.11
CA LYS A 195 -32.21 24.34 21.51
C LYS A 195 -30.89 25.08 21.70
N PHE A 196 -30.14 25.20 20.63
CA PHE A 196 -28.84 25.85 20.72
C PHE A 196 -28.87 27.35 20.47
N GLY A 197 -28.16 28.08 21.33
CA GLY A 197 -27.93 29.48 21.16
C GLY A 197 -29.04 30.46 21.32
N ILE A 198 -28.75 31.66 20.85
CA ILE A 198 -29.62 32.83 20.89
C ILE A 198 -29.83 33.30 19.45
N THR A 199 -31.09 33.60 19.09
CA THR A 199 -31.40 34.04 17.73
C THR A 199 -30.71 35.35 17.40
N PHE A 200 -30.37 35.54 16.14
CA PHE A 200 -29.60 36.71 15.70
C PHE A 200 -30.24 38.02 16.09
N ASP A 201 -31.58 38.11 15.96
CA ASP A 201 -32.29 39.33 16.32
C ASP A 201 -32.22 39.71 17.82
N ARG A 202 -31.86 38.75 18.68
N ARG A 202 -31.87 38.76 18.70
CA ARG A 202 -31.72 38.99 20.12
CA ARG A 202 -31.71 39.09 20.12
C ARG A 202 -30.26 39.19 20.52
C ARG A 202 -30.25 39.18 20.54
N ALA A 203 -29.34 39.00 19.58
CA ALA A 203 -27.89 39.07 19.87
C ALA A 203 -27.48 40.35 20.58
N ALA A 204 -27.78 41.49 19.97
CA ALA A 204 -27.39 42.78 20.59
C ALA A 204 -27.95 42.94 22.01
N GLN A 205 -29.21 42.56 22.23
CA GLN A 205 -29.81 42.67 23.55
C GLN A 205 -29.09 41.85 24.61
N VAL A 206 -28.74 40.61 24.29
CA VAL A 206 -28.07 39.76 25.27
C VAL A 206 -26.61 40.24 25.46
N TYR A 207 -25.98 40.73 24.40
CA TYR A 207 -24.64 41.34 24.54
C TYR A 207 -24.67 42.59 25.44
N ARG A 208 -25.72 43.41 25.33
CA ARG A 208 -25.87 44.59 26.22
C ARG A 208 -26.01 44.15 27.68
N LEU A 209 -26.72 43.06 27.91
CA LEU A 209 -26.85 42.49 29.24
C LEU A 209 -25.47 42.06 29.77
N ALA A 210 -24.69 41.34 28.95
CA ALA A 210 -23.37 40.89 29.37
C ALA A 210 -22.46 42.09 29.72
N HIS A 211 -22.55 43.12 28.88
CA HIS A 211 -21.81 44.38 29.03
C HIS A 211 -22.16 45.10 30.36
N SER A 212 -23.42 44.98 30.80
CA SER A 212 -23.87 45.61 32.05
C SER A 212 -23.38 44.87 33.30
N LEU A 213 -22.98 43.61 33.16
CA LEU A 213 -22.56 42.82 34.31
C LEU A 213 -21.04 42.91 34.48
N PRO A 214 -20.55 43.59 35.56
CA PRO A 214 -19.10 43.79 35.77
C PRO A 214 -18.28 42.52 36.03
N ASN A 215 -18.94 41.40 36.37
CA ASN A 215 -18.20 40.15 36.57
C ASN A 215 -18.13 39.30 35.29
N LEU A 216 -18.54 39.89 34.16
CA LEU A 216 -18.40 39.27 32.86
C LEU A 216 -17.52 40.19 32.04
N ASP A 217 -16.79 39.60 31.11
CA ASP A 217 -15.92 40.34 30.21
C ASP A 217 -16.15 39.76 28.81
N VAL A 218 -16.83 40.56 27.95
CA VAL A 218 -17.14 40.16 26.58
C VAL A 218 -15.88 40.08 25.73
N HIS A 219 -15.55 38.88 25.27
CA HIS A 219 -14.39 38.67 24.40
C HIS A 219 -14.78 38.18 23.00
N GLY A 220 -15.84 37.39 22.86
CA GLY A 220 -16.14 36.86 21.56
C GLY A 220 -17.56 36.67 21.15
N ILE A 221 -17.70 36.12 19.95
CA ILE A 221 -18.98 35.68 19.40
C ILE A 221 -18.78 34.27 18.81
N ASP A 222 -19.76 33.40 19.04
CA ASP A 222 -19.69 32.02 18.62
C ASP A 222 -20.86 31.83 17.68
N CYS A 223 -20.57 31.85 16.37
CA CYS A 223 -21.61 31.77 15.35
C CYS A 223 -21.16 30.74 14.33
N HIS A 224 -21.81 29.60 14.35
CA HIS A 224 -21.43 28.47 13.52
C HIS A 224 -21.93 28.63 12.06
N ILE A 225 -21.54 29.74 11.44
CA ILE A 225 -21.98 30.17 10.09
C ILE A 225 -21.99 29.16 8.93
N GLY A 226 -21.21 28.11 8.99
CA GLY A 226 -21.20 27.15 7.88
C GLY A 226 -21.96 25.88 8.15
N SER A 227 -22.51 25.76 9.36
CA SER A 227 -23.16 24.51 9.78
C SER A 227 -24.53 24.23 9.18
N GLN A 228 -25.12 25.22 8.52
CA GLN A 228 -26.39 25.02 7.84
C GLN A 228 -26.11 24.73 6.36
N LEU A 229 -26.63 23.61 5.87
CA LEU A 229 -26.44 23.21 4.48
C LEU A 229 -26.94 24.33 3.58
N THR A 230 -26.02 25.18 3.13
CA THR A 230 -26.39 26.34 2.34
C THR A 230 -25.37 26.62 1.24
N ALA A 231 -25.84 27.24 0.15
CA ALA A 231 -24.97 27.60 -0.95
C ALA A 231 -24.03 28.75 -0.54
N LEU A 232 -23.01 28.98 -1.35
CA LEU A 232 -22.01 30.01 -1.05
C LEU A 232 -22.60 31.43 -0.89
N ALA A 233 -23.46 31.83 -1.82
CA ALA A 233 -24.08 33.18 -1.80
C ALA A 233 -24.76 33.50 -0.47
N PRO A 234 -25.74 32.67 -0.06
CA PRO A 234 -26.43 32.92 1.23
C PRO A 234 -25.48 32.93 2.44
N PHE A 235 -24.55 31.97 2.47
CA PHE A 235 -23.50 31.89 3.50
C PHE A 235 -22.81 33.24 3.59
N ILE A 236 -22.37 33.77 2.45
CA ILE A 236 -21.66 35.06 2.41
C ILE A 236 -22.52 36.22 2.92
N ASP A 237 -23.77 36.35 2.46
CA ASP A 237 -24.65 37.43 2.96
C ASP A 237 -24.87 37.33 4.48
N ALA A 238 -25.03 36.09 4.96
CA ALA A 238 -25.21 35.80 6.37
C ALA A 238 -23.94 36.17 7.15
N THR A 239 -22.79 35.90 6.54
CA THR A 239 -21.51 36.22 7.16
C THR A 239 -21.35 37.72 7.24
N ASP A 240 -21.70 38.41 6.14
CA ASP A 240 -21.64 39.88 6.09
C ASP A 240 -22.49 40.50 7.21
N ARG A 241 -23.66 39.92 7.44
CA ARG A 241 -24.53 40.42 8.47
C ARG A 241 -23.95 40.17 9.85
N LEU A 242 -23.34 39.00 10.05
CA LEU A 242 -22.66 38.70 11.32
C LEU A 242 -21.56 39.74 11.57
N LEU A 243 -20.78 40.05 10.53
CA LEU A 243 -19.69 41.03 10.65
C LEU A 243 -20.20 42.45 10.94
N ALA A 244 -21.33 42.81 10.35
CA ALA A 244 -21.94 44.12 10.56
C ALA A 244 -22.44 44.25 12.00
N LEU A 245 -22.94 43.15 12.56
CA LEU A 245 -23.35 43.10 13.96
C LEU A 245 -22.14 43.34 14.86
N ILE A 246 -21.04 42.65 14.56
CA ILE A 246 -19.79 42.80 15.30
C ILE A 246 -19.36 44.28 15.30
N ASP A 247 -19.46 44.92 14.13
CA ASP A 247 -19.14 46.35 13.98
C ASP A 247 -20.10 47.26 14.74
N SER A 248 -21.41 46.97 14.67
CA SER A 248 -22.39 47.80 15.38
C SER A 248 -22.20 47.68 16.90
N LEU A 249 -21.81 46.49 17.36
CA LEU A 249 -21.55 46.26 18.77
C LEU A 249 -20.30 47.05 19.19
N LYS A 250 -19.26 46.98 18.36
CA LYS A 250 -18.01 47.70 18.61
C LYS A 250 -18.24 49.20 18.80
N ALA A 251 -19.04 49.80 17.92
CA ALA A 251 -19.33 51.24 17.99
C ALA A 251 -20.09 51.56 19.27
N GLU A 252 -20.84 50.57 19.74
CA GLU A 252 -21.66 50.67 20.92
C GLU A 252 -20.88 50.37 22.21
N GLY A 253 -19.56 50.20 22.10
CA GLY A 253 -18.70 49.97 23.26
C GLY A 253 -18.49 48.53 23.70
N ILE A 254 -19.07 47.60 22.95
CA ILE A 254 -18.94 46.16 23.26
C ILE A 254 -17.93 45.60 22.26
N HIS A 255 -16.71 45.35 22.73
CA HIS A 255 -15.61 44.92 21.85
C HIS A 255 -15.37 43.41 21.79
N ILE A 256 -15.73 42.86 20.64
CA ILE A 256 -15.57 41.43 20.33
C ILE A 256 -14.18 41.27 19.68
N ARG A 257 -13.36 40.39 20.23
N ARG A 257 -13.33 40.42 20.25
CA ARG A 257 -11.99 40.18 19.73
CA ARG A 257 -11.98 40.19 19.69
C ARG A 257 -11.79 38.89 18.93
C ARG A 257 -11.73 38.84 19.03
N HIS A 258 -12.69 37.93 19.11
CA HIS A 258 -12.58 36.66 18.42
C HIS A 258 -13.95 36.16 17.93
N LEU A 259 -13.90 35.37 16.86
CA LEU A 259 -15.09 34.76 16.28
C LEU A 259 -14.84 33.27 16.23
N ASP A 260 -15.74 32.49 16.84
CA ASP A 260 -15.64 31.03 16.83
C ASP A 260 -16.71 30.54 15.85
N VAL A 261 -16.29 29.93 14.75
CA VAL A 261 -17.21 29.44 13.73
C VAL A 261 -17.57 27.97 13.86
N GLY A 262 -17.13 27.32 14.93
CA GLY A 262 -17.46 25.92 15.18
C GLY A 262 -16.81 24.92 14.24
N GLY A 263 -17.48 23.80 14.02
CA GLY A 263 -16.95 22.73 13.17
C GLY A 263 -17.45 22.76 11.74
N GLY A 264 -16.96 21.83 10.93
CA GLY A 264 -17.44 21.70 9.55
C GLY A 264 -16.74 22.48 8.46
N LEU A 265 -16.31 23.72 8.74
CA LEU A 265 -15.60 24.54 7.73
C LEU A 265 -14.20 23.99 7.49
N GLY A 266 -14.15 22.75 7.01
CA GLY A 266 -12.90 22.06 6.78
C GLY A 266 -12.08 22.53 5.61
N VAL A 267 -11.23 21.62 5.15
CA VAL A 267 -10.30 21.87 4.07
C VAL A 267 -10.53 20.89 2.92
N VAL A 268 -10.24 21.36 1.71
CA VAL A 268 -10.33 20.52 0.51
C VAL A 268 -8.91 20.05 0.21
N TYR A 269 -8.72 18.73 0.22
CA TYR A 269 -7.41 18.14 -0.03
C TYR A 269 -7.04 18.09 -1.52
N PRO A 275 -3.80 21.40 -0.62
CA PRO A 275 -4.49 21.39 0.67
C PRO A 275 -5.05 22.77 1.03
N GLN A 276 -5.99 23.27 0.20
CA GLN A 276 -6.57 24.59 0.41
C GLN A 276 -7.94 24.57 1.12
N PRO A 277 -8.30 25.68 1.78
CA PRO A 277 -9.57 25.76 2.50
C PRO A 277 -10.77 25.69 1.57
N SER A 278 -11.93 25.29 2.12
CA SER A 278 -13.17 25.22 1.35
C SER A 278 -13.51 26.62 0.82
N GLU A 279 -14.39 26.69 -0.18
CA GLU A 279 -14.74 28.00 -0.73
C GLU A 279 -15.43 28.85 0.36
N TYR A 280 -16.14 28.17 1.25
CA TYR A 280 -16.80 28.82 2.38
C TYR A 280 -15.75 29.49 3.26
N ALA A 281 -14.73 28.71 3.62
CA ALA A 281 -13.63 29.20 4.42
C ALA A 281 -12.94 30.38 3.74
N LYS A 282 -12.74 30.30 2.43
CA LYS A 282 -12.09 31.38 1.70
C LYS A 282 -12.93 32.67 1.67
N ALA A 283 -14.24 32.54 1.50
CA ALA A 283 -15.13 33.72 1.47
C ALA A 283 -15.06 34.44 2.82
N LEU A 284 -15.05 33.65 3.89
CA LEU A 284 -14.95 34.21 5.24
C LEU A 284 -13.65 34.94 5.38
N LEU A 285 -12.54 34.30 5.01
CA LEU A 285 -11.22 34.91 5.12
C LEU A 285 -11.10 36.19 4.31
N ASP A 286 -11.67 36.20 3.11
CA ASP A 286 -11.61 37.40 2.26
C ASP A 286 -12.20 38.61 2.98
N ARG A 287 -13.24 38.39 3.77
CA ARG A 287 -13.88 39.49 4.51
C ARG A 287 -13.17 39.88 5.79
N LEU A 288 -12.64 38.89 6.50
CA LEU A 288 -11.91 39.16 7.73
C LEU A 288 -10.57 39.85 7.48
N GLU A 289 -9.94 39.56 6.34
CA GLU A 289 -8.60 40.09 6.04
C GLU A 289 -8.54 41.60 5.79
N ARG A 290 -9.67 42.29 5.71
CA ARG A 290 -9.64 43.74 5.53
C ARG A 290 -9.16 44.41 6.82
N HIS A 291 -9.83 44.09 7.92
CA HIS A 291 -9.49 44.65 9.22
C HIS A 291 -8.44 43.82 9.96
N ARG A 292 -8.64 42.50 9.98
CA ARG A 292 -7.71 41.57 10.65
C ARG A 292 -7.59 41.86 12.15
N ASP A 293 -8.70 42.25 12.78
CA ASP A 293 -8.73 42.53 14.22
C ASP A 293 -9.53 41.47 15.02
N LEU A 294 -10.00 40.45 14.31
CA LEU A 294 -10.74 39.34 14.91
C LEU A 294 -9.95 38.05 14.82
N GLU A 295 -9.64 37.44 15.95
CA GLU A 295 -9.00 36.12 15.95
C GLU A 295 -10.06 35.13 15.55
N LEU A 296 -9.72 34.24 14.63
CA LEU A 296 -10.66 33.24 14.16
C LEU A 296 -10.45 31.91 14.88
N ILE A 297 -11.52 31.38 15.49
CA ILE A 297 -11.43 30.07 16.16
C ILE A 297 -12.26 29.03 15.41
N PHE A 298 -11.63 27.88 15.14
CA PHE A 298 -12.28 26.73 14.49
C PHE A 298 -12.34 25.61 15.50
N GLU A 299 -13.38 24.78 15.41
CA GLU A 299 -13.57 23.63 16.34
C GLU A 299 -13.69 22.28 15.64
N PRO A 300 -12.65 21.86 14.89
CA PRO A 300 -12.72 20.56 14.24
C PRO A 300 -12.57 19.41 15.26
N GLY A 301 -13.21 18.28 14.99
CA GLY A 301 -13.10 17.09 15.83
C GLY A 301 -12.87 15.92 14.93
N ARG A 302 -13.95 15.42 14.30
N ARG A 302 -13.95 15.45 14.31
CA ARG A 302 -13.84 14.30 13.37
CA ARG A 302 -13.93 14.33 13.38
C ARG A 302 -12.82 14.55 12.28
C ARG A 302 -12.90 14.54 12.25
N ALA A 303 -12.77 15.78 11.77
CA ALA A 303 -11.82 16.12 10.69
C ALA A 303 -10.35 15.91 11.06
N ILE A 304 -10.05 15.90 12.36
CA ILE A 304 -8.69 15.68 12.81
C ILE A 304 -8.49 14.21 13.22
N ALA A 305 -9.44 13.67 13.96
CA ALA A 305 -9.30 12.36 14.58
C ALA A 305 -9.87 11.14 13.88
N ALA A 306 -10.88 11.31 13.04
CA ALA A 306 -11.57 10.14 12.49
C ALA A 306 -10.63 9.11 11.83
N ASN A 307 -9.82 9.56 10.87
CA ASN A 307 -8.98 8.61 10.16
C ASN A 307 -7.69 8.23 10.90
N ALA A 308 -7.46 8.83 12.05
CA ALA A 308 -6.26 8.53 12.80
C ALA A 308 -6.42 7.21 13.57
N GLY A 309 -7.59 6.60 13.51
CA GLY A 309 -7.79 5.37 14.25
C GLY A 309 -8.46 4.23 13.52
N VAL A 310 -8.10 3.02 13.92
CA VAL A 310 -8.76 1.81 13.47
C VAL A 310 -9.12 0.98 14.70
N LEU A 311 -10.18 0.20 14.58
CA LEU A 311 -10.54 -0.77 15.59
C LEU A 311 -10.17 -2.15 15.03
N VAL A 312 -9.29 -2.88 15.71
CA VAL A 312 -8.89 -4.22 15.28
C VAL A 312 -9.77 -5.22 16.03
N THR A 313 -10.37 -6.11 15.24
CA THR A 313 -11.29 -7.12 15.77
C THR A 313 -11.01 -8.49 15.14
N LYS A 314 -11.35 -9.54 15.87
CA LYS A 314 -11.14 -10.93 15.43
C LYS A 314 -12.45 -11.63 15.08
N VAL A 315 -12.43 -12.41 14.00
CA VAL A 315 -13.57 -13.19 13.60
C VAL A 315 -13.63 -14.42 14.51
N GLU A 316 -14.74 -14.57 15.21
CA GLU A 316 -14.94 -15.71 16.10
C GLU A 316 -15.51 -16.88 15.32
N PHE A 317 -16.62 -16.62 14.63
CA PHE A 317 -17.35 -17.64 13.89
C PHE A 317 -17.89 -17.14 12.55
N LEU A 318 -17.92 -18.04 11.57
CA LEU A 318 -18.55 -17.75 10.30
C LEU A 318 -19.80 -18.60 10.30
N LYS A 319 -20.95 -17.95 10.44
CA LYS A 319 -22.24 -18.63 10.50
C LYS A 319 -22.95 -18.45 9.18
N HIS A 320 -23.33 -19.56 8.56
CA HIS A 320 -24.01 -19.52 7.27
C HIS A 320 -25.47 -19.94 7.40
N THR A 321 -26.35 -19.18 6.75
CA THR A 321 -27.77 -19.49 6.73
C THR A 321 -28.27 -19.36 5.30
N LYS A 324 -27.97 -16.35 4.41
CA LYS A 324 -27.19 -15.14 4.66
C LYS A 324 -25.96 -15.51 5.47
N ASN A 325 -24.87 -14.76 5.29
CA ASN A 325 -23.60 -15.05 5.97
C ASN A 325 -23.29 -14.05 7.07
N PHE A 326 -22.88 -14.56 8.23
CA PHE A 326 -22.54 -13.71 9.36
C PHE A 326 -21.13 -14.00 9.87
N ALA A 327 -20.30 -12.98 9.92
CA ALA A 327 -18.98 -13.12 10.51
C ALA A 327 -19.18 -12.55 11.91
N ILE A 328 -19.22 -13.42 12.92
CA ILE A 328 -19.37 -12.99 14.30
C ILE A 328 -17.97 -12.57 14.78
N ILE A 329 -17.84 -11.28 15.12
CA ILE A 329 -16.59 -10.71 15.53
C ILE A 329 -16.58 -10.40 17.03
N ASP A 330 -15.41 -10.11 17.60
CA ASP A 330 -15.32 -9.90 19.04
C ASP A 330 -15.56 -8.46 19.53
N ALA A 331 -15.74 -7.52 18.58
CA ALA A 331 -16.04 -6.14 18.93
C ALA A 331 -17.56 -5.97 18.94
N ALA A 332 -18.07 -5.35 19.99
CA ALA A 332 -19.52 -5.17 20.17
C ALA A 332 -19.91 -3.70 20.22
N MET A 333 -21.22 -3.45 20.30
CA MET A 333 -21.77 -2.10 20.38
C MET A 333 -21.21 -1.33 21.55
N ASN A 334 -20.86 -2.01 22.65
CA ASN A 334 -20.28 -1.32 23.79
C ASN A 334 -18.87 -0.78 23.45
N ASP A 335 -18.22 -1.34 22.42
CA ASP A 335 -16.86 -0.90 22.00
C ASP A 335 -16.85 0.20 20.94
N LEU A 336 -17.83 0.12 20.05
CA LEU A 336 -17.99 1.06 18.91
C LEU A 336 -19.48 1.04 18.58
N ILE A 337 -20.16 2.17 18.78
CA ILE A 337 -21.62 2.23 18.62
C ILE A 337 -22.10 3.03 17.38
N ARG A 338 -21.17 3.60 16.62
CA ARG A 338 -21.50 4.43 15.45
C ARG A 338 -22.43 3.74 14.43
N GLN A 346 -18.34 2.73 7.64
CA GLN A 346 -16.93 2.46 7.96
C GLN A 346 -16.39 1.26 7.19
N ASP A 347 -15.30 1.47 6.47
CA ASP A 347 -14.68 0.40 5.69
C ASP A 347 -14.02 -0.62 6.62
N ILE A 348 -14.18 -1.89 6.28
CA ILE A 348 -13.63 -2.99 7.08
C ILE A 348 -12.75 -3.86 6.18
N ILE A 349 -11.47 -3.89 6.49
CA ILE A 349 -10.44 -4.57 5.70
C ILE A 349 -9.60 -5.58 6.51
N PRO A 350 -9.06 -6.60 5.83
CA PRO A 350 -8.31 -7.63 6.56
C PRO A 350 -6.89 -7.20 6.84
N LEU A 351 -6.37 -7.61 8.00
CA LEU A 351 -4.98 -7.34 8.29
C LEU A 351 -4.08 -8.12 7.33
N ARG A 352 -4.52 -9.33 6.97
CA ARG A 352 -3.81 -10.23 6.04
C ARG A 352 -4.81 -10.78 5.02
N PRO A 353 -4.92 -10.09 3.87
CA PRO A 353 -5.85 -10.47 2.84
C PRO A 353 -5.58 -11.86 2.30
N ARG A 354 -6.65 -12.64 2.12
CA ARG A 354 -6.55 -14.00 1.61
C ARG A 354 -6.86 -14.03 0.13
N GLN A 355 -6.20 -14.92 -0.59
CA GLN A 355 -6.47 -15.11 -2.00
C GLN A 355 -7.70 -16.02 -2.05
N GLY A 356 -8.64 -15.70 -2.92
CA GLY A 356 -9.86 -16.48 -3.05
C GLY A 356 -10.99 -15.63 -3.58
N GLU A 357 -12.18 -16.20 -3.63
CA GLU A 357 -13.37 -15.49 -4.11
C GLU A 357 -14.16 -14.95 -2.92
N ALA A 358 -14.16 -13.63 -2.77
CA ALA A 358 -14.84 -12.97 -1.67
C ALA A 358 -16.31 -13.34 -1.58
N GLN A 359 -16.77 -13.62 -0.35
CA GLN A 359 -18.19 -13.88 -0.07
C GLN A 359 -18.76 -12.68 0.68
N THR A 360 -20.09 -12.57 0.69
CA THR A 360 -20.76 -11.45 1.32
C THR A 360 -21.19 -11.74 2.75
N TYR A 361 -20.77 -10.87 3.67
CA TYR A 361 -21.08 -11.05 5.07
C TYR A 361 -21.62 -9.81 5.77
N ASP A 362 -22.38 -10.05 6.83
CA ASP A 362 -22.74 -9.00 7.74
C ASP A 362 -21.81 -9.23 8.90
N LEU A 363 -21.17 -8.18 9.39
CA LEU A 363 -20.29 -8.31 10.53
C LEU A 363 -21.08 -7.92 11.76
N VAL A 364 -21.24 -8.89 12.65
CA VAL A 364 -22.05 -8.70 13.84
C VAL A 364 -21.23 -9.03 15.07
N GLY A 365 -21.47 -8.28 16.15
CA GLY A 365 -20.75 -8.50 17.39
C GLY A 365 -21.37 -9.59 18.25
N PRO A 366 -20.84 -9.75 19.49
CA PRO A 366 -21.29 -10.76 20.44
C PRO A 366 -22.46 -10.34 21.35
N VAL A 367 -22.80 -9.06 21.43
CA VAL A 367 -23.91 -8.62 22.29
C VAL A 367 -25.23 -9.27 21.79
N CYS A 368 -26.15 -9.55 22.73
CA CYS A 368 -27.46 -10.13 22.38
C CYS A 368 -28.43 -9.00 22.05
N GLU A 369 -28.05 -8.18 21.08
CA GLU A 369 -28.88 -7.06 20.65
C GLU A 369 -28.91 -7.08 19.15
N THR A 370 -30.03 -6.68 18.58
CA THR A 370 -30.20 -6.62 17.13
C THR A 370 -29.38 -5.47 16.54
N SER A 371 -29.10 -4.45 17.34
CA SER A 371 -28.31 -3.31 16.88
C SER A 371 -26.80 -3.53 17.09
N ASP A 372 -26.42 -4.71 17.58
CA ASP A 372 -25.01 -5.04 17.81
C ASP A 372 -24.31 -5.52 16.53
N PHE A 373 -23.95 -4.57 15.69
CA PHE A 373 -23.25 -4.90 14.44
C PHE A 373 -22.34 -3.73 14.07
N LEU A 374 -21.36 -4.01 13.20
CA LEU A 374 -20.43 -2.98 12.73
C LEU A 374 -20.51 -2.72 11.22
N GLY A 375 -21.04 -3.68 10.46
CA GLY A 375 -21.13 -3.52 9.00
C GLY A 375 -22.04 -4.54 8.36
N LYS A 376 -22.69 -4.15 7.27
CA LYS A 376 -23.62 -5.00 6.53
C LYS A 376 -23.09 -5.23 5.13
N ASP A 377 -23.39 -6.42 4.58
CA ASP A 377 -23.03 -6.80 3.21
C ASP A 377 -21.61 -6.47 2.75
N ARG A 378 -20.61 -7.04 3.40
CA ARG A 378 -19.22 -6.79 3.02
C ARG A 378 -18.60 -8.02 2.35
N ASP A 379 -17.92 -7.79 1.23
CA ASP A 379 -17.24 -8.85 0.47
C ASP A 379 -15.82 -9.10 0.96
N LEU A 380 -15.61 -10.25 1.58
CA LEU A 380 -14.32 -10.60 2.16
C LEU A 380 -14.02 -12.09 2.03
N VAL A 381 -12.74 -12.43 2.03
CA VAL A 381 -12.29 -13.83 1.99
C VAL A 381 -11.88 -14.15 3.43
N LEU A 382 -12.75 -14.83 4.15
CA LEU A 382 -12.51 -15.04 5.59
C LEU A 382 -12.40 -16.46 6.07
N GLN A 383 -11.63 -16.60 7.14
CA GLN A 383 -11.53 -17.83 7.90
C GLN A 383 -11.63 -17.41 9.35
N GLU A 384 -12.17 -18.30 10.17
CA GLU A 384 -12.28 -18.04 11.59
C GLU A 384 -10.91 -17.77 12.20
N GLY A 385 -10.84 -16.74 13.04
CA GLY A 385 -9.61 -16.34 13.66
C GLY A 385 -8.96 -15.15 12.97
N ASP A 386 -9.39 -14.85 11.74
CA ASP A 386 -8.81 -13.74 10.98
C ASP A 386 -9.05 -12.40 11.67
N LEU A 387 -8.09 -11.49 11.53
CA LEU A 387 -8.20 -10.17 12.14
C LEU A 387 -8.62 -9.16 11.08
N LEU A 388 -9.47 -8.22 11.49
CA LEU A 388 -9.97 -7.19 10.59
C LEU A 388 -9.77 -5.81 11.20
N ALA A 389 -9.64 -4.80 10.34
CA ALA A 389 -9.49 -3.42 10.80
C ALA A 389 -10.71 -2.59 10.33
N VAL A 390 -11.33 -1.88 11.27
CA VAL A 390 -12.46 -1.01 10.94
C VAL A 390 -11.88 0.40 10.84
N ARG A 391 -11.80 0.92 9.61
CA ARG A 391 -11.27 2.25 9.38
C ARG A 391 -12.17 3.34 9.91
N SER A 392 -11.62 4.54 10.00
N SER A 392 -11.62 4.54 10.00
CA SER A 392 -12.33 5.73 10.47
CA SER A 392 -12.33 5.72 10.47
C SER A 392 -12.93 5.51 11.85
C SER A 392 -12.92 5.52 11.86
N SER A 393 -12.14 4.95 12.76
CA SER A 393 -12.58 4.70 14.12
C SER A 393 -11.88 5.55 15.17
N GLY A 394 -11.20 6.63 14.75
CA GLY A 394 -10.52 7.52 15.69
C GLY A 394 -11.41 8.60 16.32
N ALA A 395 -12.62 8.80 15.79
CA ALA A 395 -13.54 9.79 16.33
C ALA A 395 -14.86 9.13 16.64
N TYR A 396 -15.41 9.46 17.81
CA TYR A 396 -16.69 8.91 18.26
C TYR A 396 -16.66 7.38 18.28
N GLY A 397 -15.49 6.86 18.67
CA GLY A 397 -15.26 5.43 18.79
C GLY A 397 -15.15 5.13 20.27
N PHE A 398 -13.93 5.14 20.77
CA PHE A 398 -13.71 4.88 22.18
C PHE A 398 -14.43 5.85 23.12
N THR A 399 -14.53 7.13 22.72
CA THR A 399 -15.18 8.18 23.53
C THR A 399 -16.61 7.79 23.94
N MET A 400 -17.28 6.97 23.14
CA MET A 400 -18.64 6.53 23.46
C MET A 400 -18.73 5.10 23.99
N SER A 401 -17.58 4.47 24.18
CA SER A 401 -17.56 3.07 24.68
C SER A 401 -18.15 2.93 26.09
N SER A 402 -18.86 1.82 26.35
CA SER A 402 -19.48 1.59 27.65
C SER A 402 -19.11 0.18 28.09
N ASN A 403 -19.65 -0.23 29.24
CA ASN A 403 -19.43 -1.57 29.76
C ASN A 403 -20.67 -2.46 29.59
N TYR A 404 -21.54 -2.08 28.67
CA TYR A 404 -22.78 -2.88 28.46
C TYR A 404 -22.45 -4.37 28.27
N ASN A 405 -23.25 -5.22 28.93
CA ASN A 405 -23.02 -6.66 29.07
C ASN A 405 -21.81 -7.01 29.97
N THR A 406 -21.43 -6.08 30.86
CA THR A 406 -20.29 -6.22 31.77
C THR A 406 -19.06 -6.65 30.97
N ARG A 407 -18.76 -5.87 29.93
CA ARG A 407 -17.61 -6.11 29.08
C ARG A 407 -16.60 -5.02 29.39
N PRO A 408 -15.37 -5.41 29.75
CA PRO A 408 -14.35 -4.41 30.03
C PRO A 408 -14.00 -3.62 28.79
N ARG A 409 -13.71 -2.34 28.94
CA ARG A 409 -13.31 -1.52 27.81
C ARG A 409 -11.91 -1.87 27.34
N VAL A 410 -11.71 -1.72 26.03
CA VAL A 410 -10.50 -2.19 25.40
C VAL A 410 -9.31 -1.27 25.60
N ALA A 411 -8.15 -1.77 25.17
CA ALA A 411 -6.91 -1.02 25.20
C ALA A 411 -6.89 -0.04 24.03
N GLU A 412 -6.14 1.05 24.21
CA GLU A 412 -5.89 2.04 23.18
C GLU A 412 -4.39 2.14 23.04
N VAL A 413 -3.88 1.96 21.83
CA VAL A 413 -2.43 2.09 21.56
C VAL A 413 -2.18 3.13 20.47
N MET A 414 -1.03 3.80 20.58
N MET A 414 -1.04 3.79 20.55
CA MET A 414 -0.62 4.82 19.64
CA MET A 414 -0.70 4.75 19.52
C MET A 414 0.69 4.37 18.98
C MET A 414 0.68 4.43 18.97
N VAL A 415 0.76 4.43 17.66
CA VAL A 415 2.01 4.12 16.93
C VAL A 415 2.63 5.47 16.52
N ASP A 416 3.97 5.49 16.50
CA ASP A 416 4.73 6.66 16.14
C ASP A 416 5.96 6.10 15.44
N GLY A 417 5.89 6.00 14.11
CA GLY A 417 6.95 5.38 13.33
C GLY A 417 6.96 3.90 13.64
N ASN A 418 8.06 3.42 14.18
CA ASN A 418 8.17 2.03 14.57
C ASN A 418 8.02 1.82 16.08
N LYS A 419 7.58 2.87 16.78
CA LYS A 419 7.38 2.81 18.23
C LYS A 419 5.90 2.63 18.52
N THR A 420 5.61 1.91 19.61
CA THR A 420 4.26 1.66 20.05
C THR A 420 4.12 2.19 21.47
N TYR A 421 3.05 2.93 21.74
CA TYR A 421 2.83 3.45 23.07
C TYR A 421 1.45 3.00 23.57
N LEU A 422 1.41 2.42 24.76
CA LEU A 422 0.11 2.05 25.34
C LEU A 422 -0.45 3.36 25.90
N VAL A 423 -1.61 3.80 25.42
CA VAL A 423 -2.18 5.04 25.89
C VAL A 423 -3.45 4.86 26.72
N ARG A 424 -3.94 3.64 26.77
CA ARG A 424 -5.01 3.30 27.69
C ARG A 424 -4.95 1.81 27.89
N GLN A 425 -4.77 1.40 29.14
CA GLN A 425 -4.77 -0.03 29.44
C GLN A 425 -6.21 -0.56 29.33
N ARG A 426 -6.32 -1.83 28.95
CA ARG A 426 -7.59 -2.54 28.93
C ARG A 426 -8.07 -2.60 30.40
N GLU A 427 -9.38 -2.48 30.61
CA GLU A 427 -9.92 -2.51 31.95
C GLU A 427 -9.89 -3.93 32.53
N GLU A 428 -9.57 -4.05 33.81
CA GLU A 428 -9.59 -5.35 34.49
C GLU A 428 -11.06 -5.64 34.79
N LEU A 429 -11.48 -6.87 34.51
CA LEU A 429 -12.89 -7.25 34.65
C LEU A 429 -13.54 -6.94 36.00
N SER A 430 -12.91 -7.33 37.11
CA SER A 430 -13.51 -7.10 38.43
C SER A 430 -13.64 -5.64 38.82
N SER A 431 -12.88 -4.73 38.18
CA SER A 431 -13.05 -3.32 38.48
C SER A 431 -14.43 -2.81 38.08
N LEU A 432 -15.11 -3.52 37.17
CA LEU A 432 -16.41 -3.07 36.68
C LEU A 432 -17.49 -2.91 37.75
N TRP A 433 -17.41 -3.73 38.79
CA TRP A 433 -18.36 -3.67 39.90
C TRP A 433 -17.70 -3.31 41.24
N ALA A 434 -16.48 -2.76 41.19
CA ALA A 434 -15.76 -2.38 42.42
C ALA A 434 -16.50 -1.35 43.29
N LEU A 435 -17.30 -0.49 42.69
CA LEU A 435 -18.02 0.55 43.40
C LEU A 435 -19.39 0.11 43.90
N GLU A 436 -19.72 -1.16 43.74
CA GLU A 436 -21.05 -1.64 44.03
C GLU A 436 -21.14 -2.42 45.33
N SER A 437 -22.35 -2.57 45.82
CA SER A 437 -22.54 -3.33 47.04
C SER A 437 -23.88 -4.08 47.02
N VAL A 438 -23.94 -5.16 47.78
CA VAL A 438 -25.15 -5.98 47.90
C VAL A 438 -25.99 -5.45 49.07
N LEU A 439 -27.14 -6.07 49.30
CA LEU A 439 -28.03 -5.66 50.37
C LEU A 439 -27.43 -6.01 51.74
N PRO A 440 -27.90 -5.34 52.79
CA PRO A 440 -27.42 -5.68 54.13
C PRO A 440 -27.89 -7.07 54.52
N GLU A 441 -27.10 -7.73 55.37
CA GLU A 441 -27.43 -9.07 55.85
C GLU A 441 -27.81 -8.98 57.32
N MET B 25 -48.66 -1.08 40.41
CA MET B 25 -47.64 -1.40 39.37
C MET B 25 -46.22 -1.22 39.90
N ASP B 26 -46.01 -0.19 40.71
CA ASP B 26 -44.72 0.03 41.37
C ASP B 26 -44.87 0.94 42.60
N TYR B 27 -43.79 1.05 43.36
CA TYR B 27 -43.77 1.80 44.61
C TYR B 27 -43.24 3.26 44.54
N PHE B 28 -43.30 3.85 43.36
CA PHE B 28 -42.93 5.28 43.17
C PHE B 28 -44.26 5.99 43.05
N ASN B 29 -44.69 6.60 44.14
CA ASN B 29 -46.00 7.26 44.20
C ASN B 29 -45.95 8.52 45.05
N TYR B 30 -46.88 9.42 44.76
CA TYR B 30 -46.96 10.66 45.52
C TYR B 30 -47.63 10.36 46.85
N GLN B 31 -47.18 11.03 47.89
CA GLN B 31 -47.75 10.83 49.24
C GLN B 31 -48.45 12.09 49.71
N GLU B 32 -48.97 12.06 50.94
CA GLU B 32 -49.77 13.15 51.49
C GLU B 32 -49.13 14.53 51.46
N ASP B 33 -47.80 14.60 51.53
CA ASP B 33 -47.11 15.88 51.53
C ASP B 33 -46.93 16.54 50.16
N GLY B 34 -47.48 15.90 49.13
CA GLY B 34 -47.46 16.44 47.76
C GLY B 34 -46.21 16.16 46.93
N GLN B 35 -45.32 15.32 47.42
CA GLN B 35 -44.10 14.97 46.67
C GLN B 35 -44.00 13.48 46.36
N LEU B 36 -43.06 13.13 45.47
CA LEU B 36 -42.89 11.77 45.03
C LEU B 36 -41.96 10.98 45.94
N TRP B 37 -42.42 9.78 46.35
CA TRP B 37 -41.64 8.94 47.23
C TRP B 37 -41.32 7.59 46.59
N ALA B 38 -40.17 7.01 46.94
CA ALA B 38 -39.82 5.65 46.51
C ALA B 38 -40.07 4.81 47.78
N GLU B 39 -41.05 3.93 47.73
CA GLU B 39 -41.46 3.19 48.93
C GLU B 39 -41.71 4.22 50.04
N GLN B 40 -40.98 4.16 51.16
CA GLN B 40 -41.16 5.12 52.24
C GLN B 40 -40.01 6.10 52.37
N VAL B 41 -39.39 6.46 51.23
CA VAL B 41 -38.28 7.42 51.22
C VAL B 41 -38.58 8.50 50.18
N PRO B 42 -38.59 9.77 50.59
CA PRO B 42 -38.82 10.84 49.61
C PRO B 42 -37.67 10.87 48.60
N LEU B 43 -37.99 10.99 47.32
CA LEU B 43 -36.95 11.04 46.27
C LEU B 43 -36.10 12.29 46.40
N ALA B 44 -36.73 13.38 46.82
CA ALA B 44 -36.02 14.65 47.00
C ALA B 44 -34.92 14.52 48.03
N ASP B 45 -35.16 13.72 49.08
CA ASP B 45 -34.13 13.46 50.11
C ASP B 45 -32.90 12.75 49.50
N LEU B 46 -33.15 11.76 48.66
CA LEU B 46 -32.09 11.02 47.98
C LEU B 46 -31.30 11.97 47.06
N ALA B 47 -32.00 12.78 46.26
CA ALA B 47 -31.32 13.80 45.39
C ALA B 47 -30.39 14.70 46.21
N ASN B 48 -30.88 15.15 47.37
CA ASN B 48 -30.08 15.99 48.27
C ASN B 48 -28.89 15.24 48.83
N GLN B 49 -29.10 14.01 49.25
CA GLN B 49 -28.01 13.26 49.84
C GLN B 49 -26.96 12.74 48.86
N TYR B 50 -27.39 12.27 47.70
CA TYR B 50 -26.47 11.62 46.77
C TYR B 50 -26.18 12.38 45.50
N GLY B 51 -26.79 13.55 45.35
CA GLY B 51 -26.62 14.39 44.16
C GLY B 51 -27.43 13.89 42.96
N THR B 52 -27.46 14.67 41.89
CA THR B 52 -28.16 14.30 40.64
C THR B 52 -27.20 14.37 39.46
N PRO B 53 -27.47 13.60 38.40
CA PRO B 53 -28.58 12.64 38.26
C PRO B 53 -28.36 11.44 39.16
N LEU B 54 -29.42 10.66 39.38
CA LEU B 54 -29.35 9.56 40.30
C LEU B 54 -30.33 8.48 39.90
N TYR B 55 -29.89 7.23 39.87
CA TYR B 55 -30.81 6.11 39.66
C TYR B 55 -31.29 5.60 41.02
N VAL B 56 -32.60 5.38 41.14
CA VAL B 56 -33.17 4.88 42.38
C VAL B 56 -34.00 3.66 42.07
N TYR B 57 -33.67 2.55 42.74
CA TYR B 57 -34.36 1.28 42.57
C TYR B 57 -35.18 0.94 43.83
N SER B 58 -36.30 0.26 43.61
CA SER B 58 -37.23 -0.16 44.65
C SER B 58 -37.13 -1.68 44.82
N ARG B 59 -36.67 -2.09 46.00
CA ARG B 59 -36.50 -3.51 46.32
C ARG B 59 -37.86 -4.21 46.22
N ALA B 60 -38.91 -3.58 46.75
CA ALA B 60 -40.25 -4.18 46.76
C ALA B 60 -40.82 -4.37 45.38
N THR B 61 -40.51 -3.45 44.46
CA THR B 61 -40.97 -3.58 43.09
C THR B 61 -40.30 -4.77 42.43
N LEU B 62 -38.98 -4.93 42.62
CA LEU B 62 -38.28 -6.06 42.02
C LEU B 62 -38.85 -7.38 42.53
N GLU B 63 -39.03 -7.46 43.84
CA GLU B 63 -39.56 -8.69 44.47
C GLU B 63 -40.99 -8.98 44.01
N ARG B 64 -41.86 -7.95 43.99
N ARG B 64 -41.84 -7.94 43.99
CA ARG B 64 -43.26 -8.17 43.57
CA ARG B 64 -43.24 -8.10 43.55
C ARG B 64 -43.34 -8.68 42.13
C ARG B 64 -43.31 -8.69 42.15
N HIS B 65 -42.57 -8.08 41.22
CA HIS B 65 -42.55 -8.56 39.84
C HIS B 65 -41.98 -9.96 39.70
N TRP B 66 -40.89 -10.27 40.41
CA TRP B 66 -40.29 -11.59 40.30
C TRP B 66 -41.29 -12.67 40.76
N HIS B 67 -41.97 -12.43 41.88
CA HIS B 67 -42.95 -13.39 42.41
C HIS B 67 -44.17 -13.55 41.51
N ALA B 68 -44.54 -12.48 40.82
CA ALA B 68 -45.67 -12.54 39.90
C ALA B 68 -45.33 -13.54 38.82
N PHE B 69 -44.11 -13.43 38.29
CA PHE B 69 -43.64 -14.38 37.29
C PHE B 69 -43.46 -15.78 37.85
N ASP B 70 -42.87 -15.88 39.03
CA ASP B 70 -42.61 -17.18 39.61
C ASP B 70 -43.89 -17.94 39.93
N LYS B 71 -44.90 -17.23 40.42
CA LYS B 71 -46.16 -17.85 40.84
C LYS B 71 -47.18 -18.07 39.73
N SER B 72 -47.07 -17.33 38.63
CA SER B 72 -48.02 -17.45 37.52
C SER B 72 -47.96 -18.83 36.84
N VAL B 73 -46.81 -19.48 36.91
CA VAL B 73 -46.56 -20.79 36.27
C VAL B 73 -47.26 -21.98 36.96
N GLY B 74 -47.67 -21.79 38.20
CA GLY B 74 -48.34 -22.86 38.94
C GLY B 74 -47.34 -23.86 39.46
N ASP B 75 -47.76 -25.11 39.58
CA ASP B 75 -46.89 -26.19 40.05
C ASP B 75 -46.00 -26.72 38.95
N TYR B 76 -46.18 -26.22 37.73
CA TYR B 76 -45.41 -26.71 36.61
C TYR B 76 -43.92 -26.42 36.84
N PRO B 77 -43.05 -27.44 36.67
CA PRO B 77 -41.62 -27.25 36.92
C PRO B 77 -41.08 -26.14 36.05
N HIS B 78 -40.38 -25.21 36.68
CA HIS B 78 -39.87 -24.06 35.93
C HIS B 78 -38.74 -23.38 36.67
N LEU B 79 -38.13 -22.42 35.98
CA LEU B 79 -37.07 -21.64 36.54
C LEU B 79 -37.11 -20.26 35.91
N ILE B 80 -37.16 -19.22 36.73
CA ILE B 80 -37.09 -17.87 36.21
C ILE B 80 -35.61 -17.48 36.16
N CYS B 81 -35.11 -17.22 34.96
CA CYS B 81 -33.73 -16.83 34.70
C CYS B 81 -33.71 -15.35 34.29
N TYR B 82 -33.55 -14.50 35.29
CA TYR B 82 -33.57 -13.06 35.11
C TYR B 82 -32.47 -12.66 34.12
N ALA B 83 -32.83 -11.82 33.14
CA ALA B 83 -31.91 -11.35 32.12
C ALA B 83 -31.04 -10.26 32.74
N VAL B 84 -29.85 -10.68 33.16
CA VAL B 84 -28.89 -9.84 33.86
C VAL B 84 -28.57 -8.49 33.17
N LYS B 85 -28.47 -8.53 31.85
CA LYS B 85 -28.15 -7.31 31.05
C LYS B 85 -29.12 -6.17 31.25
N ALA B 86 -30.37 -6.48 31.59
CA ALA B 86 -31.36 -5.45 31.85
C ALA B 86 -30.93 -4.47 32.95
N ASN B 87 -30.38 -5.00 34.05
CA ASN B 87 -29.90 -4.26 35.20
C ASN B 87 -29.04 -5.25 35.98
N SER B 88 -27.73 -5.04 35.98
N SER B 88 -27.73 -5.02 35.95
CA SER B 88 -26.84 -6.00 36.61
CA SER B 88 -26.76 -5.95 36.54
C SER B 88 -26.18 -5.51 37.89
C SER B 88 -26.16 -5.49 37.87
N ASN B 89 -26.69 -4.42 38.45
CA ASN B 89 -26.16 -3.87 39.69
C ASN B 89 -26.15 -4.97 40.76
N LEU B 90 -25.07 -5.07 41.53
CA LEU B 90 -24.99 -6.18 42.51
C LEU B 90 -26.15 -6.22 43.52
N GLY B 91 -26.67 -5.06 43.89
CA GLY B 91 -27.81 -4.93 44.83
C GLY B 91 -29.08 -5.48 44.23
N VAL B 92 -29.28 -5.17 42.95
CA VAL B 92 -30.42 -5.67 42.20
C VAL B 92 -30.33 -7.20 42.07
N LEU B 93 -29.18 -7.71 41.63
CA LEU B 93 -28.97 -9.15 41.51
C LEU B 93 -29.11 -9.89 42.83
N ASN B 94 -28.56 -9.31 43.90
CA ASN B 94 -28.60 -9.89 45.25
C ASN B 94 -30.04 -10.02 45.71
N THR B 95 -30.85 -9.00 45.39
CA THR B 95 -32.30 -9.01 45.72
C THR B 95 -32.96 -10.25 45.14
N LEU B 96 -32.71 -10.50 43.86
CA LEU B 96 -33.29 -11.67 43.18
C LEU B 96 -32.65 -12.98 43.62
N ALA B 97 -31.32 -12.98 43.85
CA ALA B 97 -30.63 -14.18 44.30
C ALA B 97 -31.20 -14.70 45.62
N ARG B 98 -31.61 -13.79 46.49
CA ARG B 98 -32.17 -14.17 47.79
C ARG B 98 -33.54 -14.82 47.65
N LEU B 99 -34.20 -14.55 46.54
CA LEU B 99 -35.49 -15.22 46.26
C LEU B 99 -35.28 -16.59 45.61
N GLY B 100 -34.03 -16.94 45.24
CA GLY B 100 -33.72 -18.21 44.60
C GLY B 100 -33.83 -18.15 43.08
N SER B 101 -33.80 -16.94 42.55
CA SER B 101 -33.92 -16.74 41.13
C SER B 101 -32.78 -17.38 40.39
N GLY B 102 -33.04 -17.68 39.12
CA GLY B 102 -32.01 -18.12 38.18
C GLY B 102 -31.57 -16.85 37.43
N PHE B 103 -30.62 -17.00 36.53
CA PHE B 103 -30.08 -15.85 35.77
C PHE B 103 -29.68 -16.25 34.35
N ASP B 104 -29.95 -15.37 33.41
CA ASP B 104 -29.51 -15.56 32.05
C ASP B 104 -28.41 -14.53 31.85
N ILE B 105 -27.21 -15.03 31.56
CA ILE B 105 -26.05 -14.16 31.37
C ILE B 105 -25.59 -14.22 29.94
N VAL B 106 -24.89 -13.17 29.49
CA VAL B 106 -24.36 -13.14 28.12
C VAL B 106 -22.84 -12.94 28.06
N SER B 107 -22.17 -12.98 29.20
CA SER B 107 -20.74 -12.81 29.27
C SER B 107 -20.19 -13.35 30.55
N VAL B 108 -18.87 -13.52 30.60
CA VAL B 108 -18.22 -13.97 31.81
C VAL B 108 -18.33 -12.88 32.88
N GLY B 109 -18.33 -11.61 32.47
CA GLY B 109 -18.53 -10.53 33.43
C GLY B 109 -19.87 -10.68 34.16
N GLU B 110 -20.91 -10.96 33.42
CA GLU B 110 -22.22 -11.13 34.04
C GLU B 110 -22.23 -12.36 34.97
N LEU B 111 -21.57 -13.42 34.56
CA LEU B 111 -21.48 -14.61 35.44
C LEU B 111 -20.77 -14.21 36.73
N GLU B 112 -19.69 -13.43 36.64
CA GLU B 112 -18.97 -13.04 37.86
C GLU B 112 -19.82 -12.15 38.77
N ARG B 113 -20.63 -11.28 38.16
CA ARG B 113 -21.56 -10.41 38.91
C ARG B 113 -22.57 -11.26 39.66
N VAL B 114 -23.13 -12.23 38.97
CA VAL B 114 -24.10 -13.17 39.62
C VAL B 114 -23.47 -13.84 40.85
N LEU B 115 -22.23 -14.31 40.71
N LEU B 115 -22.24 -14.33 40.70
CA LEU B 115 -21.55 -14.97 41.82
CA LEU B 115 -21.52 -14.96 41.83
C LEU B 115 -21.25 -14.02 42.97
C LEU B 115 -21.29 -14.00 42.98
N ALA B 116 -20.81 -12.80 42.64
CA ALA B 116 -20.55 -11.76 43.64
C ALA B 116 -21.81 -11.36 44.38
N ALA B 117 -22.96 -11.49 43.72
CA ALA B 117 -24.24 -11.11 44.30
C ALA B 117 -24.91 -12.26 45.06
N GLY B 118 -24.22 -13.38 45.19
CA GLY B 118 -24.75 -14.56 45.92
C GLY B 118 -25.64 -15.47 45.12
N GLY B 119 -25.59 -15.37 43.80
CA GLY B 119 -26.39 -16.19 42.90
C GLY B 119 -25.88 -17.61 42.78
N ASP B 120 -26.78 -18.51 42.42
CA ASP B 120 -26.49 -19.95 42.31
C ASP B 120 -26.12 -20.33 40.87
N PRO B 121 -24.88 -20.76 40.66
CA PRO B 121 -24.50 -21.10 39.29
C PRO B 121 -25.30 -22.22 38.67
N SER B 122 -25.85 -23.11 39.49
CA SER B 122 -26.62 -24.24 38.98
C SER B 122 -27.93 -23.74 38.38
N LYS B 123 -28.26 -22.46 38.61
CA LYS B 123 -29.44 -21.83 38.06
C LYS B 123 -29.08 -20.78 36.98
N VAL B 124 -27.86 -20.84 36.45
CA VAL B 124 -27.43 -19.90 35.40
C VAL B 124 -27.44 -20.54 34.01
N VAL B 125 -27.98 -19.83 33.02
CA VAL B 125 -27.91 -20.24 31.62
C VAL B 125 -27.13 -19.17 30.87
N PHE B 126 -26.30 -19.59 29.93
CA PHE B 126 -25.37 -18.68 29.23
C PHE B 126 -25.75 -18.56 27.76
N SER B 127 -26.18 -17.34 27.38
CA SER B 127 -26.60 -16.99 26.03
C SER B 127 -25.57 -16.11 25.32
N GLY B 128 -25.74 -15.88 24.03
CA GLY B 128 -24.84 -15.01 23.27
C GLY B 128 -24.22 -15.70 22.09
N VAL B 129 -24.05 -14.96 21.00
CA VAL B 129 -23.57 -15.53 19.75
C VAL B 129 -22.05 -15.61 19.65
N GLY B 130 -21.35 -14.85 20.49
CA GLY B 130 -19.89 -14.81 20.39
C GLY B 130 -19.08 -15.26 21.59
N LYS B 131 -19.55 -16.30 22.28
CA LYS B 131 -18.88 -16.82 23.45
C LYS B 131 -17.42 -17.24 23.15
N THR B 132 -16.49 -16.79 24.00
CA THR B 132 -15.07 -17.14 23.80
C THR B 132 -14.72 -18.45 24.51
N GLU B 133 -13.59 -19.05 24.13
CA GLU B 133 -13.15 -20.24 24.81
C GLU B 133 -12.93 -19.94 26.29
N ALA B 134 -12.38 -18.77 26.61
CA ALA B 134 -12.13 -18.40 28.01
C ALA B 134 -13.42 -18.35 28.82
N GLU B 135 -14.45 -17.77 28.25
CA GLU B 135 -15.75 -17.66 28.90
C GLU B 135 -16.37 -19.04 29.13
N MET B 136 -16.34 -19.86 28.09
CA MET B 136 -16.88 -21.22 28.21
C MET B 136 -16.19 -22.00 29.32
N LYS B 137 -14.86 -21.87 29.42
CA LYS B 137 -14.11 -22.61 30.43
C LYS B 137 -14.53 -22.23 31.84
N ARG B 138 -14.66 -20.93 32.11
CA ARG B 138 -15.04 -20.47 33.44
C ARG B 138 -16.46 -20.96 33.76
N ALA B 139 -17.35 -20.92 32.79
CA ALA B 139 -18.72 -21.37 33.00
C ALA B 139 -18.75 -22.89 33.28
N LEU B 140 -17.96 -23.66 32.55
CA LEU B 140 -17.90 -25.13 32.76
C LEU B 140 -17.35 -25.44 34.14
N GLN B 141 -16.33 -24.71 34.55
CA GLN B 141 -15.74 -24.91 35.88
C GLN B 141 -16.72 -24.59 37.00
N LEU B 142 -17.60 -23.63 36.76
CA LEU B 142 -18.65 -23.27 37.72
C LEU B 142 -19.89 -24.16 37.62
N LYS B 143 -19.92 -25.07 36.65
CA LYS B 143 -21.02 -26.01 36.49
C LYS B 143 -22.38 -25.33 36.35
N ILE B 144 -22.48 -24.42 35.37
CA ILE B 144 -23.74 -23.71 35.14
C ILE B 144 -24.78 -24.67 34.57
N LYS B 145 -26.03 -24.23 34.53
CA LYS B 145 -27.14 -25.08 34.08
C LYS B 145 -27.07 -25.48 32.61
N CYS B 146 -26.93 -24.48 31.73
CA CYS B 146 -26.91 -24.76 30.32
C CYS B 146 -26.29 -23.65 29.46
N PHE B 147 -25.65 -24.06 28.38
CA PHE B 147 -25.16 -23.15 27.35
C PHE B 147 -26.22 -23.12 26.28
N ASN B 148 -26.72 -21.91 25.99
CA ASN B 148 -27.69 -21.72 24.92
C ASN B 148 -26.91 -21.37 23.69
N VAL B 149 -26.68 -22.38 22.86
CA VAL B 149 -25.83 -22.27 21.66
C VAL B 149 -26.59 -21.72 20.47
N GLU B 150 -25.96 -20.79 19.75
CA GLU B 150 -26.61 -20.10 18.65
C GLU B 150 -26.16 -20.47 17.26
N SER B 151 -25.06 -21.23 17.15
CA SER B 151 -24.53 -21.60 15.84
C SER B 151 -23.74 -22.90 15.89
N GLU B 152 -23.50 -23.49 14.71
CA GLU B 152 -22.72 -24.71 14.62
C GLU B 152 -21.25 -24.48 14.98
N PRO B 153 -20.65 -23.36 14.54
CA PRO B 153 -19.26 -23.13 14.92
C PRO B 153 -19.10 -22.99 16.44
N GLU B 154 -20.11 -22.40 17.10
CA GLU B 154 -20.09 -22.25 18.55
C GLU B 154 -20.20 -23.64 19.18
N LEU B 155 -21.10 -24.46 18.65
CA LEU B 155 -21.25 -25.83 19.13
C LEU B 155 -19.90 -26.58 19.05
N GLN B 156 -19.17 -26.39 17.94
CA GLN B 156 -17.88 -27.00 17.76
C GLN B 156 -16.87 -26.52 18.82
N ARG B 157 -16.85 -25.22 19.06
CA ARG B 157 -15.93 -24.64 20.04
C ARG B 157 -16.22 -25.17 21.46
N LEU B 158 -17.51 -25.24 21.83
CA LEU B 158 -17.89 -25.71 23.16
C LEU B 158 -17.47 -27.19 23.31
N ASN B 159 -17.64 -27.96 22.23
CA ASN B 159 -17.20 -29.37 22.27
C ASN B 159 -15.66 -29.45 22.48
N LYS B 160 -14.92 -28.63 21.75
CA LYS B 160 -13.44 -28.59 21.85
C LYS B 160 -12.99 -28.30 23.27
N VAL B 161 -13.52 -27.21 23.83
CA VAL B 161 -13.21 -26.78 25.20
C VAL B 161 -13.61 -27.80 26.27
N ALA B 162 -14.80 -28.37 26.17
CA ALA B 162 -15.23 -29.35 27.17
C ALA B 162 -14.33 -30.59 27.12
N GLY B 163 -13.86 -30.94 25.93
CA GLY B 163 -12.97 -32.09 25.76
C GLY B 163 -11.64 -31.80 26.43
N GLU B 164 -11.15 -30.57 26.23
CA GLU B 164 -9.88 -30.15 26.82
C GLU B 164 -9.99 -30.18 28.34
N LEU B 165 -11.15 -29.82 28.88
CA LEU B 165 -11.35 -29.84 30.33
C LEU B 165 -11.76 -31.22 30.82
N GLY B 166 -12.06 -32.11 29.89
CA GLY B 166 -12.47 -33.46 30.23
C GLY B 166 -13.84 -33.50 30.89
N VAL B 167 -14.74 -32.62 30.45
CA VAL B 167 -16.10 -32.63 30.99
C VAL B 167 -17.11 -32.67 29.88
N LYS B 168 -18.38 -32.73 30.26
CA LYS B 168 -19.46 -32.71 29.31
C LYS B 168 -20.27 -31.42 29.49
N ALA B 169 -20.37 -30.65 28.41
CA ALA B 169 -21.09 -29.38 28.40
C ALA B 169 -22.59 -29.55 28.11
N PRO B 170 -23.45 -29.08 29.03
CA PRO B 170 -24.90 -29.14 28.82
C PRO B 170 -25.34 -28.09 27.82
N ILE B 171 -26.03 -28.50 26.76
CA ILE B 171 -26.46 -27.54 25.78
C ILE B 171 -27.95 -27.53 25.46
N SER B 172 -28.33 -26.40 24.89
CA SER B 172 -29.64 -26.13 24.32
C SER B 172 -29.33 -25.39 23.02
N LEU B 173 -30.15 -25.61 22.00
CA LEU B 173 -30.00 -24.90 20.74
C LEU B 173 -31.07 -23.83 20.63
N ARG B 174 -30.65 -22.64 20.19
CA ARG B 174 -31.56 -21.53 19.95
C ARG B 174 -32.15 -21.72 18.56
N ILE B 175 -33.46 -22.00 18.51
CA ILE B 175 -34.18 -22.26 17.28
C ILE B 175 -35.09 -21.07 16.93
N ASN B 176 -35.29 -20.81 15.64
CA ASN B 176 -36.15 -19.71 15.17
C ASN B 176 -37.51 -20.22 14.71
N PRO B 177 -38.60 -19.55 15.13
CA PRO B 177 -39.94 -19.94 14.70
C PRO B 177 -40.10 -19.91 13.18
N ASP B 178 -40.82 -20.90 12.64
CA ASP B 178 -41.05 -21.02 11.19
C ASP B 178 -41.90 -19.85 10.69
N VAL B 179 -41.29 -18.99 9.87
CA VAL B 179 -41.97 -17.80 9.35
C VAL B 179 -41.66 -17.56 7.87
N PHE B 196 -29.84 -14.90 17.16
CA PHE B 196 -30.71 -15.13 16.02
C PHE B 196 -30.89 -16.60 15.59
N GLY B 197 -30.37 -17.53 16.39
CA GLY B 197 -30.55 -18.98 16.21
C GLY B 197 -30.41 -19.74 14.89
N ILE B 198 -30.96 -20.95 14.91
CA ILE B 198 -30.94 -21.91 13.81
C ILE B 198 -32.36 -22.16 13.32
N THR B 199 -32.54 -22.28 12.01
CA THR B 199 -33.88 -22.48 11.45
C THR B 199 -34.47 -23.83 11.84
N PHE B 200 -35.80 -23.92 11.89
CA PHE B 200 -36.47 -25.20 12.19
C PHE B 200 -36.04 -26.33 11.27
N ASP B 201 -35.92 -26.06 9.96
CA ASP B 201 -35.57 -27.15 9.02
C ASP B 201 -34.14 -27.71 9.15
N ARG B 202 -33.27 -27.02 9.89
CA ARG B 202 -31.93 -27.57 10.15
C ARG B 202 -31.78 -27.95 11.63
N ALA B 203 -32.80 -27.69 12.45
CA ALA B 203 -32.73 -28.02 13.88
C ALA B 203 -32.40 -29.49 14.19
N ALA B 204 -33.15 -30.42 13.60
CA ALA B 204 -32.94 -31.85 13.82
C ALA B 204 -31.50 -32.24 13.50
N GLN B 205 -30.99 -31.73 12.39
CA GLN B 205 -29.62 -32.02 11.98
C GLN B 205 -28.59 -31.48 12.98
N VAL B 206 -28.78 -30.24 13.43
CA VAL B 206 -27.83 -29.67 14.40
C VAL B 206 -27.93 -30.39 15.75
N TYR B 207 -29.13 -30.81 16.15
CA TYR B 207 -29.29 -31.61 17.38
C TYR B 207 -28.59 -32.96 17.25
N ARG B 208 -28.64 -33.55 16.06
CA ARG B 208 -27.99 -34.84 15.83
C ARG B 208 -26.48 -34.66 15.90
N LEU B 209 -26.01 -33.49 15.46
CA LEU B 209 -24.57 -33.16 15.53
C LEU B 209 -24.14 -33.03 16.99
N ALA B 210 -24.92 -32.29 17.78
CA ALA B 210 -24.64 -32.16 19.23
C ALA B 210 -24.61 -33.55 19.88
N HIS B 211 -25.57 -34.38 19.49
CA HIS B 211 -25.65 -35.73 20.04
C HIS B 211 -24.41 -36.58 19.69
N SER B 212 -23.85 -36.39 18.49
CA SER B 212 -22.66 -37.11 18.03
C SER B 212 -21.34 -36.52 18.54
N LEU B 213 -21.35 -35.26 18.98
CA LEU B 213 -20.13 -34.66 19.51
C LEU B 213 -19.89 -35.25 20.90
N PRO B 214 -18.69 -35.77 21.14
CA PRO B 214 -18.39 -36.48 22.38
C PRO B 214 -18.45 -35.73 23.71
N ASN B 215 -18.23 -34.41 23.68
CA ASN B 215 -18.15 -33.66 24.92
C ASN B 215 -19.36 -32.79 25.27
N LEU B 216 -20.49 -33.03 24.60
CA LEU B 216 -21.73 -32.29 24.82
C LEU B 216 -22.88 -33.21 25.26
N ASP B 217 -23.76 -32.68 26.11
CA ASP B 217 -25.00 -33.36 26.51
C ASP B 217 -26.16 -32.47 26.11
N VAL B 218 -27.10 -33.03 25.35
CA VAL B 218 -28.26 -32.28 24.89
C VAL B 218 -29.24 -32.25 26.04
N HIS B 219 -29.59 -31.04 26.48
CA HIS B 219 -30.51 -30.83 27.60
C HIS B 219 -31.75 -30.04 27.25
N GLY B 220 -31.62 -29.01 26.41
CA GLY B 220 -32.75 -28.20 26.11
C GLY B 220 -32.93 -27.67 24.72
N ILE B 221 -34.01 -26.90 24.60
CA ILE B 221 -34.32 -26.23 23.40
C ILE B 221 -34.73 -24.83 23.84
N ASP B 222 -34.22 -23.83 23.13
CA ASP B 222 -34.45 -22.43 23.44
C ASP B 222 -35.17 -21.82 22.24
N CYS B 223 -36.42 -21.39 22.46
CA CYS B 223 -37.20 -20.76 21.39
C CYS B 223 -37.88 -19.51 21.93
N HIS B 224 -37.39 -18.34 21.53
CA HIS B 224 -37.94 -17.06 22.01
C HIS B 224 -39.31 -16.73 21.43
N ILE B 225 -40.31 -17.47 21.87
CA ILE B 225 -41.68 -17.26 21.44
C ILE B 225 -42.32 -16.17 22.32
N GLY B 226 -41.78 -14.96 22.23
CA GLY B 226 -42.26 -13.82 23.00
C GLY B 226 -41.49 -12.55 22.68
N LEU B 232 -50.10 -13.96 17.91
CA LEU B 232 -50.45 -14.99 18.89
C LEU B 232 -50.69 -16.32 18.18
N ALA B 233 -51.28 -16.26 16.98
CA ALA B 233 -51.50 -17.46 16.16
C ALA B 233 -50.18 -18.15 15.79
N PRO B 234 -49.16 -17.38 15.35
CA PRO B 234 -47.86 -17.98 15.03
C PRO B 234 -47.16 -18.56 16.27
N PHE B 235 -47.25 -17.85 17.39
CA PHE B 235 -46.69 -18.30 18.66
C PHE B 235 -47.15 -19.74 18.95
N ILE B 236 -48.46 -19.93 18.89
CA ILE B 236 -49.07 -21.23 19.14
C ILE B 236 -48.65 -22.25 18.09
N ASP B 237 -48.63 -21.82 16.83
CA ASP B 237 -48.26 -22.69 15.72
C ASP B 237 -46.80 -23.16 15.86
N ALA B 238 -45.91 -22.23 16.27
CA ALA B 238 -44.49 -22.55 16.47
C ALA B 238 -44.30 -23.44 17.71
N THR B 239 -45.15 -23.27 18.72
CA THR B 239 -45.08 -24.08 19.93
C THR B 239 -45.36 -25.55 19.59
N ASP B 240 -46.37 -25.80 18.76
CA ASP B 240 -46.71 -27.17 18.35
C ASP B 240 -45.57 -27.82 17.57
N ARG B 241 -45.01 -27.11 16.59
CA ARG B 241 -43.90 -27.61 15.79
C ARG B 241 -42.70 -27.92 16.69
N LEU B 242 -42.56 -27.12 17.75
CA LEU B 242 -41.47 -27.25 18.70
C LEU B 242 -41.64 -28.54 19.53
N LEU B 243 -42.86 -28.76 20.03
CA LEU B 243 -43.18 -29.96 20.82
C LEU B 243 -43.09 -31.23 19.97
N ALA B 244 -43.49 -31.12 18.70
CA ALA B 244 -43.39 -32.22 17.76
C ALA B 244 -41.92 -32.58 17.56
N LEU B 245 -41.07 -31.54 17.52
CA LEU B 245 -39.62 -31.73 17.36
C LEU B 245 -39.04 -32.42 18.58
N ILE B 246 -39.51 -32.05 19.77
CA ILE B 246 -39.05 -32.69 21.00
C ILE B 246 -39.39 -34.19 20.99
N ASP B 247 -40.56 -34.51 20.45
CA ASP B 247 -41.04 -35.90 20.38
C ASP B 247 -40.23 -36.73 19.40
N SER B 248 -40.05 -36.23 18.19
CA SER B 248 -39.28 -36.93 17.16
C SER B 248 -37.83 -37.15 17.61
N LEU B 249 -37.24 -36.14 18.25
CA LEU B 249 -35.86 -36.27 18.76
C LEU B 249 -35.83 -37.33 19.84
N LYS B 250 -36.86 -37.36 20.68
CA LYS B 250 -36.98 -38.34 21.74
C LYS B 250 -36.95 -39.77 21.19
N ALA B 251 -37.61 -39.97 20.06
CA ALA B 251 -37.65 -41.29 19.41
C ALA B 251 -36.24 -41.70 18.97
N GLU B 252 -35.41 -40.70 18.63
CA GLU B 252 -34.03 -40.95 18.19
C GLU B 252 -33.01 -41.04 19.34
N GLY B 253 -33.47 -40.96 20.59
CA GLY B 253 -32.54 -41.05 21.73
C GLY B 253 -31.87 -39.72 22.09
N ILE B 254 -32.51 -38.63 21.70
CA ILE B 254 -32.02 -37.28 22.02
C ILE B 254 -33.11 -36.72 22.92
N HIS B 255 -32.83 -36.64 24.21
CA HIS B 255 -33.86 -36.27 25.21
C HIS B 255 -33.76 -34.85 25.77
N ILE B 256 -34.65 -34.00 25.28
CA ILE B 256 -34.73 -32.61 25.73
C ILE B 256 -35.51 -32.56 27.05
N ARG B 257 -34.85 -32.04 28.09
CA ARG B 257 -35.40 -31.94 29.45
C ARG B 257 -36.01 -30.57 29.76
N HIS B 258 -35.62 -29.53 29.02
CA HIS B 258 -36.19 -28.21 29.27
C HIS B 258 -36.38 -27.37 28.02
N LEU B 259 -37.33 -26.45 28.11
CA LEU B 259 -37.70 -25.54 27.06
C LEU B 259 -37.56 -24.12 27.63
N ASP B 260 -36.76 -23.29 26.95
CA ASP B 260 -36.53 -21.90 27.36
C ASP B 260 -37.30 -21.03 26.36
N VAL B 261 -38.29 -20.31 26.88
CA VAL B 261 -39.16 -19.49 26.02
C VAL B 261 -38.77 -18.02 25.91
N GLY B 262 -37.64 -17.65 26.53
CA GLY B 262 -37.15 -16.28 26.44
C GLY B 262 -37.94 -15.28 27.26
N GLY B 263 -37.81 -14.00 26.89
CA GLY B 263 -38.50 -12.92 27.61
C GLY B 263 -39.68 -12.38 26.83
N GLY B 264 -39.97 -11.09 27.01
CA GLY B 264 -41.08 -10.45 26.30
C GLY B 264 -42.47 -10.84 26.76
N LEU B 265 -42.55 -11.61 27.85
CA LEU B 265 -43.83 -12.03 28.46
C LEU B 265 -43.99 -11.21 29.75
N GLY B 266 -45.16 -11.19 30.37
CA GLY B 266 -46.37 -11.90 29.96
C GLY B 266 -47.15 -12.37 31.18
N VAL B 267 -47.24 -11.50 32.18
CA VAL B 267 -47.96 -11.80 33.41
C VAL B 267 -49.22 -10.93 33.44
N VAL B 268 -50.37 -11.56 33.69
CA VAL B 268 -51.64 -10.84 33.77
C VAL B 268 -52.07 -10.76 35.24
N TYR B 269 -52.25 -9.52 35.74
CA TYR B 269 -52.70 -9.31 37.11
C TYR B 269 -53.90 -8.37 37.17
N PRO B 274 -53.52 -13.07 43.11
CA PRO B 274 -53.38 -14.33 42.42
C PRO B 274 -53.10 -14.11 40.92
N PRO B 275 -51.86 -13.71 40.58
CA PRO B 275 -51.47 -13.42 39.19
C PRO B 275 -51.56 -14.64 38.27
N GLN B 276 -51.98 -14.39 37.03
CA GLN B 276 -52.14 -15.45 36.03
C GLN B 276 -51.20 -15.22 34.85
N PRO B 277 -50.91 -16.28 34.08
CA PRO B 277 -50.04 -16.10 32.93
C PRO B 277 -50.78 -15.38 31.79
N SER B 278 -50.03 -14.96 30.78
CA SER B 278 -50.63 -14.32 29.62
C SER B 278 -51.32 -15.38 28.79
N GLU B 279 -52.11 -14.96 27.80
CA GLU B 279 -52.77 -15.89 26.90
C GLU B 279 -51.69 -16.75 26.19
N TYR B 280 -50.54 -16.13 25.94
CA TYR B 280 -49.40 -16.81 25.33
C TYR B 280 -48.94 -17.94 26.24
N ALA B 281 -48.59 -17.59 27.47
CA ALA B 281 -48.14 -18.56 28.46
C ALA B 281 -49.22 -19.60 28.76
N LYS B 282 -50.46 -19.14 28.87
CA LYS B 282 -51.61 -20.02 29.10
C LYS B 282 -51.70 -21.06 27.97
N ALA B 283 -51.51 -20.62 26.74
CA ALA B 283 -51.55 -21.50 25.57
C ALA B 283 -50.45 -22.57 25.64
N LEU B 284 -49.29 -22.18 26.18
CA LEU B 284 -48.17 -23.10 26.32
C LEU B 284 -48.39 -24.11 27.44
N LEU B 285 -48.72 -23.62 28.64
CA LEU B 285 -48.95 -24.49 29.81
C LEU B 285 -49.97 -25.59 29.55
N ASP B 286 -51.03 -25.25 28.82
CA ASP B 286 -52.10 -26.20 28.51
C ASP B 286 -51.61 -27.33 27.59
N ARG B 287 -50.62 -27.03 26.75
CA ARG B 287 -50.05 -28.01 25.83
C ARG B 287 -48.91 -28.81 26.47
N LEU B 288 -48.57 -28.50 27.72
CA LEU B 288 -47.46 -29.18 28.40
C LEU B 288 -47.89 -30.11 29.53
N GLU B 289 -49.17 -30.47 29.59
CA GLU B 289 -49.63 -31.40 30.63
C GLU B 289 -49.09 -32.77 30.25
N ARG B 290 -49.42 -33.18 29.03
CA ARG B 290 -48.95 -34.44 28.44
C ARG B 290 -47.43 -34.41 28.25
N HIS B 291 -46.92 -33.26 27.80
CA HIS B 291 -45.48 -33.08 27.59
C HIS B 291 -44.75 -32.78 28.88
N ARG B 292 -44.33 -33.84 29.58
CA ARG B 292 -43.54 -33.66 30.80
C ARG B 292 -42.37 -34.66 30.88
N ASP B 293 -41.43 -34.44 31.81
CA ASP B 293 -41.48 -33.29 32.73
C ASP B 293 -40.66 -32.10 32.23
N LEU B 294 -40.94 -31.65 30.99
CA LEU B 294 -40.26 -30.48 30.41
C LEU B 294 -40.29 -29.30 31.36
N GLU B 295 -39.14 -29.01 31.95
CA GLU B 295 -39.00 -27.87 32.82
C GLU B 295 -39.10 -26.65 31.90
N LEU B 296 -39.85 -25.64 32.33
CA LEU B 296 -40.00 -24.40 31.56
C LEU B 296 -39.07 -23.33 32.10
N ILE B 297 -38.29 -22.72 31.20
CA ILE B 297 -37.38 -21.62 31.59
C ILE B 297 -37.87 -20.30 30.95
N PHE B 298 -38.03 -19.27 31.78
CA PHE B 298 -38.45 -17.93 31.32
C PHE B 298 -37.32 -16.98 31.58
N GLU B 299 -37.14 -15.99 30.69
CA GLU B 299 -36.01 -15.03 30.85
C GLU B 299 -36.49 -13.58 30.92
N PRO B 300 -37.30 -13.26 31.94
CA PRO B 300 -37.75 -11.87 32.04
C PRO B 300 -36.61 -10.93 32.42
N GLY B 301 -36.61 -9.73 31.85
CA GLY B 301 -35.62 -8.72 32.20
C GLY B 301 -36.38 -7.44 32.50
N ARG B 302 -36.78 -6.80 31.42
CA ARG B 302 -37.51 -5.56 31.43
C ARG B 302 -38.76 -5.69 32.32
N ALA B 303 -39.44 -6.82 32.19
CA ALA B 303 -40.66 -7.11 32.94
C ALA B 303 -40.44 -7.09 34.45
N ILE B 304 -39.24 -7.43 34.90
CA ILE B 304 -38.94 -7.41 36.33
C ILE B 304 -38.40 -6.06 36.78
N ALA B 305 -37.48 -5.53 35.99
CA ALA B 305 -36.70 -4.37 36.39
C ALA B 305 -37.11 -3.01 35.93
N ALA B 306 -37.79 -2.91 34.78
CA ALA B 306 -38.08 -1.60 34.17
C ALA B 306 -38.75 -0.62 35.12
N ASN B 307 -39.91 -1.00 35.66
CA ASN B 307 -40.63 -0.12 36.55
C ASN B 307 -40.11 -0.04 37.99
N ALA B 308 -39.10 -0.86 38.29
CA ALA B 308 -38.47 -0.84 39.59
C ALA B 308 -37.40 0.27 39.72
N GLY B 309 -37.23 1.08 38.69
CA GLY B 309 -36.24 2.14 38.74
C GLY B 309 -36.71 3.43 38.15
N VAL B 310 -36.19 4.52 38.71
CA VAL B 310 -36.38 5.85 38.16
C VAL B 310 -35.02 6.56 38.08
N LEU B 311 -34.93 7.52 37.16
CA LEU B 311 -33.75 8.40 37.05
C LEU B 311 -34.21 9.78 37.50
N VAL B 312 -33.59 10.31 38.57
CA VAL B 312 -33.90 11.62 39.10
C VAL B 312 -32.93 12.60 38.45
N THR B 313 -33.48 13.69 37.94
CA THR B 313 -32.67 14.71 37.24
C THR B 313 -33.16 16.10 37.61
N LYS B 314 -32.25 17.06 37.54
CA LYS B 314 -32.54 18.44 37.90
C LYS B 314 -32.60 19.35 36.67
N VAL B 315 -33.56 20.27 36.69
CA VAL B 315 -33.72 21.25 35.63
C VAL B 315 -32.69 22.33 35.95
N GLU B 316 -31.78 22.55 35.01
CA GLU B 316 -30.76 23.55 35.17
C GLU B 316 -31.29 24.91 34.70
N PHE B 317 -31.76 24.95 33.44
CA PHE B 317 -32.23 26.19 32.82
C PHE B 317 -33.48 25.96 31.98
N LEU B 318 -34.32 27.00 31.88
CA LEU B 318 -35.48 26.97 31.01
C LEU B 318 -35.23 27.97 29.90
N LYS B 319 -35.43 27.55 28.65
CA LYS B 319 -35.19 28.41 27.49
C LYS B 319 -36.41 28.45 26.58
N HIS B 320 -36.69 29.61 25.99
CA HIS B 320 -37.88 29.78 25.18
C HIS B 320 -37.58 30.33 23.80
N THR B 321 -38.12 29.67 22.78
CA THR B 321 -37.98 30.10 21.40
C THR B 321 -39.35 30.54 20.91
N GLU B 322 -39.42 30.99 19.66
CA GLU B 322 -40.67 31.48 19.09
C GLU B 322 -41.84 30.51 19.24
N HIS B 323 -41.61 29.23 18.94
CA HIS B 323 -42.66 28.23 18.99
C HIS B 323 -42.35 27.08 19.96
N LYS B 324 -41.16 27.07 20.57
CA LYS B 324 -40.80 25.96 21.46
C LYS B 324 -40.27 26.41 22.82
N ASN B 325 -40.23 25.46 23.74
CA ASN B 325 -39.70 25.64 25.08
C ASN B 325 -38.77 24.47 25.38
N PHE B 326 -37.63 24.76 25.98
CA PHE B 326 -36.64 23.74 26.34
C PHE B 326 -36.30 23.79 27.84
N ALA B 327 -36.25 22.61 28.46
CA ALA B 327 -35.82 22.49 29.83
C ALA B 327 -34.51 21.76 29.73
N ILE B 328 -33.42 22.42 30.07
CA ILE B 328 -32.11 21.80 30.07
C ILE B 328 -31.93 21.08 31.37
N ILE B 329 -31.78 19.77 31.29
CA ILE B 329 -31.60 18.94 32.49
C ILE B 329 -30.16 18.47 32.65
N ASP B 330 -29.83 17.96 33.85
CA ASP B 330 -28.46 17.52 34.14
C ASP B 330 -28.16 16.06 33.73
N ALA B 331 -29.17 15.31 33.30
CA ALA B 331 -28.94 13.94 32.83
C ALA B 331 -28.73 13.96 31.30
N ALA B 332 -27.67 13.28 30.85
CA ALA B 332 -27.30 13.26 29.43
C ALA B 332 -27.43 11.90 28.82
N MET B 333 -27.20 11.84 27.50
CA MET B 333 -27.22 10.58 26.79
C MET B 333 -26.28 9.53 27.40
N ASN B 334 -25.18 9.93 28.03
CA ASN B 334 -24.28 8.96 28.65
C ASN B 334 -24.87 8.32 29.90
N ASP B 335 -25.90 8.94 30.48
CA ASP B 335 -26.57 8.45 31.70
C ASP B 335 -27.77 7.52 31.38
N LEU B 336 -28.50 7.87 30.32
CA LEU B 336 -29.68 7.14 29.90
C LEU B 336 -29.73 7.36 28.39
N ILE B 337 -29.53 6.28 27.65
CA ILE B 337 -29.37 6.36 26.21
C ILE B 337 -30.58 5.91 25.39
N ARG B 338 -31.52 5.20 26.04
CA ARG B 338 -32.70 4.66 25.38
C ARG B 338 -33.47 5.64 24.46
N PRO B 339 -33.84 6.83 24.98
CA PRO B 339 -34.55 7.77 24.10
C PRO B 339 -33.74 8.20 22.88
N ALA B 340 -32.42 8.38 23.06
CA ALA B 340 -31.53 8.79 21.97
C ALA B 340 -31.24 7.65 21.00
N LEU B 341 -30.77 6.51 21.53
CA LEU B 341 -30.44 5.33 20.73
C LEU B 341 -31.69 4.78 20.05
N TYR B 342 -32.64 4.32 20.86
CA TYR B 342 -33.90 3.77 20.35
C TYR B 342 -34.90 4.93 20.28
N GLN B 343 -36.19 4.63 20.22
CA GLN B 343 -37.22 5.66 20.18
C GLN B 343 -38.14 5.44 21.37
N ALA B 344 -37.53 5.15 22.52
CA ALA B 344 -38.26 4.85 23.74
C ALA B 344 -38.96 6.06 24.33
N TRP B 345 -40.21 5.85 24.73
CA TRP B 345 -41.01 6.89 25.37
C TRP B 345 -41.10 6.51 26.84
N GLN B 346 -40.53 7.35 27.70
CA GLN B 346 -40.54 7.14 29.16
C GLN B 346 -41.23 8.32 29.82
N ASP B 347 -42.15 8.03 30.73
CA ASP B 347 -42.90 9.07 31.42
C ASP B 347 -41.95 9.91 32.27
N ILE B 348 -42.12 11.23 32.22
CA ILE B 348 -41.30 12.16 32.99
C ILE B 348 -42.24 12.98 33.89
N ILE B 349 -42.03 12.88 35.19
CA ILE B 349 -42.89 13.55 36.16
C ILE B 349 -42.13 14.34 37.23
N PRO B 350 -42.77 15.39 37.76
CA PRO B 350 -42.16 16.21 38.79
C PRO B 350 -42.11 15.54 40.14
N LEU B 351 -41.01 15.70 40.87
CA LEU B 351 -40.98 15.23 42.24
C LEU B 351 -42.02 15.99 43.08
N ARG B 352 -42.26 17.27 42.75
CA ARG B 352 -43.27 18.08 43.46
C ARG B 352 -44.04 18.91 42.45
N PRO B 353 -45.20 18.39 42.01
CA PRO B 353 -45.97 19.07 41.00
C PRO B 353 -46.41 20.47 41.41
N ARG B 354 -46.29 21.41 40.48
CA ARG B 354 -46.67 22.79 40.71
C ARG B 354 -48.01 23.05 40.09
N GLN B 355 -48.75 24.02 40.65
CA GLN B 355 -50.05 24.42 40.13
C GLN B 355 -49.82 25.48 39.08
N GLY B 356 -50.75 25.60 38.13
CA GLY B 356 -50.66 26.62 37.08
C GLY B 356 -50.78 26.06 35.68
N GLU B 357 -50.69 26.94 34.69
CA GLU B 357 -50.78 26.55 33.30
C GLU B 357 -49.49 25.89 32.87
N ALA B 358 -49.61 24.73 32.22
CA ALA B 358 -48.44 24.00 31.76
C ALA B 358 -47.97 24.54 30.40
N GLN B 359 -46.67 24.41 30.15
CA GLN B 359 -46.10 24.76 28.86
C GLN B 359 -45.53 23.45 28.31
N THR B 360 -45.36 23.39 26.99
CA THR B 360 -44.85 22.20 26.34
C THR B 360 -43.34 22.33 26.21
N TYR B 361 -42.62 21.33 26.70
CA TYR B 361 -41.15 21.34 26.68
C TYR B 361 -40.54 20.13 26.06
N ASP B 362 -39.38 20.32 25.45
CA ASP B 362 -38.51 19.25 25.06
C ASP B 362 -37.52 19.25 26.20
N LEU B 363 -37.24 18.07 26.77
CA LEU B 363 -36.28 17.94 27.87
C LEU B 363 -34.96 17.54 27.23
N VAL B 364 -33.96 18.40 27.36
CA VAL B 364 -32.67 18.22 26.68
C VAL B 364 -31.51 18.18 27.64
N GLY B 365 -30.51 17.38 27.30
CA GLY B 365 -29.37 17.19 28.16
C GLY B 365 -28.42 18.37 28.14
N PRO B 366 -27.34 18.26 28.92
CA PRO B 366 -26.44 19.37 29.20
C PRO B 366 -25.20 19.54 28.36
N VAL B 367 -24.98 18.63 27.44
CA VAL B 367 -23.76 18.72 26.64
C VAL B 367 -23.97 19.42 25.27
N CYS B 368 -23.52 18.80 24.17
CA CYS B 368 -23.64 19.40 22.84
C CYS B 368 -23.98 18.38 21.74
N GLU B 369 -25.06 17.62 21.92
CA GLU B 369 -25.47 16.66 20.88
C GLU B 369 -26.94 16.89 20.56
N THR B 370 -27.31 16.67 19.30
CA THR B 370 -28.70 16.80 18.87
C THR B 370 -29.55 15.68 19.49
N SER B 371 -28.95 14.50 19.67
CA SER B 371 -29.65 13.36 20.28
C SER B 371 -29.56 13.35 21.83
N ASP B 372 -29.09 14.45 22.41
CA ASP B 372 -28.96 14.58 23.86
C ASP B 372 -30.29 15.10 24.43
N PHE B 373 -31.26 14.21 24.56
CA PHE B 373 -32.58 14.55 25.10
C PHE B 373 -33.23 13.35 25.78
N LEU B 374 -34.14 13.61 26.72
CA LEU B 374 -34.86 12.52 27.40
C LEU B 374 -36.32 12.41 26.99
N GLY B 375 -36.90 13.51 26.52
CA GLY B 375 -38.30 13.50 26.10
C GLY B 375 -38.67 14.74 25.33
N LYS B 376 -39.67 14.60 24.48
CA LYS B 376 -40.13 15.71 23.67
C LYS B 376 -41.61 15.92 23.89
N ASP B 377 -42.01 17.18 23.73
CA ASP B 377 -43.40 17.58 23.81
C ASP B 377 -44.10 17.14 25.09
N ARG B 378 -43.50 17.50 26.22
CA ARG B 378 -44.04 17.17 27.54
C ARG B 378 -44.60 18.44 28.18
N ASP B 379 -45.89 18.39 28.52
CA ASP B 379 -46.56 19.52 29.18
C ASP B 379 -46.27 19.49 30.66
N LEU B 380 -45.54 20.50 31.15
CA LEU B 380 -45.11 20.57 32.52
C LEU B 380 -45.15 22.00 33.06
N VAL B 381 -45.20 22.11 34.38
CA VAL B 381 -45.15 23.39 35.06
C VAL B 381 -43.82 23.43 35.78
N LEU B 382 -42.85 24.10 35.15
CA LEU B 382 -41.47 24.13 35.64
C LEU B 382 -40.87 25.45 36.08
N GLN B 383 -39.98 25.35 37.05
CA GLN B 383 -39.14 26.45 37.46
C GLN B 383 -37.74 25.85 37.45
N GLU B 384 -36.74 26.70 37.27
CA GLU B 384 -35.36 26.21 37.31
C GLU B 384 -35.04 25.67 38.67
N GLY B 385 -34.33 24.53 38.69
CA GLY B 385 -33.92 23.90 39.93
C GLY B 385 -34.87 22.77 40.28
N ASP B 386 -36.00 22.70 39.58
CA ASP B 386 -36.99 21.64 39.83
C ASP B 386 -36.41 20.24 39.53
N LEU B 387 -36.80 19.25 40.32
CA LEU B 387 -36.37 17.88 40.14
C LEU B 387 -37.45 17.06 39.45
N LEU B 388 -37.02 16.17 38.55
CA LEU B 388 -37.94 15.33 37.76
C LEU B 388 -37.54 13.89 37.89
N ALA B 389 -38.51 12.98 37.71
CA ALA B 389 -38.22 11.57 37.71
C ALA B 389 -38.62 10.98 36.35
N VAL B 390 -37.74 10.18 35.78
CA VAL B 390 -38.01 9.50 34.52
C VAL B 390 -38.42 8.06 34.89
N ARG B 391 -39.67 7.71 34.67
CA ARG B 391 -40.15 6.36 35.02
C ARG B 391 -39.61 5.32 34.06
N SER B 392 -39.71 4.06 34.46
CA SER B 392 -39.29 2.94 33.65
C SER B 392 -37.82 3.01 33.29
N SER B 393 -37.01 3.40 34.27
CA SER B 393 -35.57 3.53 34.06
C SER B 393 -34.79 2.45 34.78
N GLY B 394 -35.48 1.39 35.23
CA GLY B 394 -34.81 0.30 35.92
C GLY B 394 -34.17 -0.75 35.01
N ALA B 395 -34.53 -0.72 33.72
CA ALA B 395 -33.99 -1.64 32.75
C ALA B 395 -33.40 -0.83 31.60
N TYR B 396 -32.28 -1.32 31.10
CA TYR B 396 -31.60 -0.68 29.98
C TYR B 396 -31.36 0.81 30.22
N GLY B 397 -31.06 1.10 31.49
CA GLY B 397 -30.75 2.46 31.95
C GLY B 397 -29.27 2.51 32.28
N PHE B 398 -28.94 2.27 33.55
CA PHE B 398 -27.53 2.31 33.95
C PHE B 398 -26.66 1.30 33.20
N THR B 399 -27.22 0.15 32.84
CA THR B 399 -26.46 -0.89 32.14
C THR B 399 -25.80 -0.36 30.86
N MET B 400 -26.43 0.60 30.21
CA MET B 400 -25.90 1.17 28.97
C MET B 400 -25.18 2.50 29.15
N SER B 401 -24.96 2.91 30.40
CA SER B 401 -24.35 4.20 30.68
C SER B 401 -22.87 4.20 30.33
N SER B 402 -22.40 5.32 29.82
CA SER B 402 -20.99 5.46 29.45
C SER B 402 -20.37 6.69 30.11
N ASN B 403 -19.12 6.98 29.76
CA ASN B 403 -18.44 8.17 30.24
C ASN B 403 -18.30 9.23 29.14
N TYR B 404 -19.14 9.17 28.13
CA TYR B 404 -19.06 10.13 27.02
C TYR B 404 -19.06 11.59 27.54
N ASN B 405 -18.16 12.40 26.97
CA ASN B 405 -17.90 13.78 27.41
C ASN B 405 -17.14 13.82 28.77
N THR B 406 -16.48 12.70 29.10
CA THR B 406 -15.74 12.52 30.35
C THR B 406 -16.64 12.95 31.54
N ARG B 407 -17.81 12.31 31.60
CA ARG B 407 -18.80 12.54 32.65
C ARG B 407 -18.79 11.26 33.51
N PRO B 408 -18.60 11.40 34.82
CA PRO B 408 -18.56 10.24 35.70
C PRO B 408 -19.94 9.60 35.77
N ARG B 409 -20.00 8.29 35.85
CA ARG B 409 -21.29 7.64 35.94
C ARG B 409 -21.92 7.94 37.29
N VAL B 410 -23.24 7.94 37.33
CA VAL B 410 -23.97 8.38 38.48
C VAL B 410 -24.05 7.31 39.57
N ALA B 411 -24.61 7.69 40.72
CA ALA B 411 -24.79 6.77 41.83
C ALA B 411 -26.08 5.99 41.56
N GLU B 412 -26.16 4.76 42.10
CA GLU B 412 -27.38 3.94 42.07
C GLU B 412 -27.69 3.70 43.57
N VAL B 413 -28.95 3.86 43.93
N VAL B 413 -28.95 3.91 43.97
CA VAL B 413 -29.41 3.71 45.30
CA VAL B 413 -29.36 3.70 45.36
C VAL B 413 -30.57 2.73 45.29
C VAL B 413 -30.62 2.87 45.39
N MET B 414 -30.70 1.97 46.36
CA MET B 414 -31.85 1.06 46.50
C MET B 414 -32.64 1.50 47.73
N VAL B 415 -33.98 1.53 47.62
CA VAL B 415 -34.83 1.81 48.78
C VAL B 415 -35.47 0.47 49.20
N ASP B 416 -35.80 0.35 50.48
CA ASP B 416 -36.35 -0.88 51.05
C ASP B 416 -37.13 -0.36 52.24
N GLY B 417 -38.42 -0.13 52.02
CA GLY B 417 -39.28 0.47 53.04
C GLY B 417 -38.81 1.89 53.27
N ASN B 418 -38.41 2.20 54.50
CA ASN B 418 -37.91 3.52 54.81
C ASN B 418 -36.38 3.56 54.91
N LYS B 419 -35.69 2.52 54.45
CA LYS B 419 -34.21 2.51 54.47
C LYS B 419 -33.66 2.74 53.06
N THR B 420 -32.46 3.32 52.99
CA THR B 420 -31.81 3.61 51.71
C THR B 420 -30.44 2.98 51.73
N TYR B 421 -30.06 2.29 50.64
CA TYR B 421 -28.74 1.69 50.56
C TYR B 421 -28.06 2.17 49.28
N LEU B 422 -26.84 2.70 49.37
CA LEU B 422 -26.08 3.00 48.16
C LEU B 422 -25.63 1.63 47.62
N VAL B 423 -25.92 1.37 46.34
CA VAL B 423 -25.54 0.16 45.69
C VAL B 423 -24.54 0.37 44.56
N ARG B 424 -24.33 1.62 44.17
CA ARG B 424 -23.19 1.95 43.34
C ARG B 424 -22.80 3.40 43.60
N GLN B 425 -21.54 3.60 43.97
N GLN B 425 -21.53 3.59 43.99
CA GLN B 425 -21.07 4.93 44.24
CA GLN B 425 -20.99 4.92 44.25
C GLN B 425 -20.86 5.68 42.92
C GLN B 425 -20.81 5.68 42.94
N ARG B 426 -21.09 6.98 42.98
CA ARG B 426 -20.86 7.85 41.84
C ARG B 426 -19.35 7.77 41.55
N GLU B 427 -18.99 7.70 40.28
CA GLU B 427 -17.57 7.62 39.96
C GLU B 427 -16.83 8.89 40.30
N GLU B 428 -15.59 8.75 40.76
N GLU B 428 -15.59 8.74 40.74
CA GLU B 428 -14.73 9.89 41.03
CA GLU B 428 -14.70 9.87 41.01
C GLU B 428 -14.17 10.34 39.68
C GLU B 428 -14.18 10.34 39.66
N LEU B 429 -14.19 11.65 39.44
CA LEU B 429 -13.81 12.19 38.14
C LEU B 429 -12.47 11.72 37.61
N SER B 430 -11.40 11.88 38.39
N SER B 430 -11.41 11.87 38.40
CA SER B 430 -10.05 11.52 37.93
CA SER B 430 -10.06 11.51 38.00
C SER B 430 -9.86 10.04 37.60
C SER B 430 -9.85 10.04 37.63
N SER B 431 -10.75 9.17 38.09
CA SER B 431 -10.65 7.76 37.76
C SER B 431 -10.92 7.49 36.27
N LEU B 432 -11.58 8.44 35.59
CA LEU B 432 -11.93 8.28 34.18
C LEU B 432 -10.73 8.10 33.26
N TRP B 433 -9.61 8.74 33.61
CA TRP B 433 -8.40 8.63 32.80
C TRP B 433 -7.24 8.00 33.58
N ALA B 434 -7.53 7.30 34.68
CA ALA B 434 -6.46 6.69 35.50
C ALA B 434 -5.64 5.61 34.75
N LEU B 435 -6.22 5.01 33.72
CA LEU B 435 -5.56 3.96 32.95
C LEU B 435 -4.85 4.51 31.72
N GLU B 436 -4.84 5.82 31.57
CA GLU B 436 -4.29 6.44 30.36
C GLU B 436 -2.91 7.01 30.58
N SER B 437 -2.24 7.30 29.47
CA SER B 437 -0.88 7.81 29.47
C SER B 437 -0.65 8.78 28.31
N VAL B 438 0.17 9.80 28.56
CA VAL B 438 0.56 10.74 27.50
C VAL B 438 1.72 10.09 26.74
N LEU B 439 2.21 10.76 25.70
CA LEU B 439 3.31 10.20 24.95
C LEU B 439 4.61 10.54 25.64
N PRO B 440 5.57 9.64 25.58
CA PRO B 440 6.86 9.94 26.17
C PRO B 440 7.68 10.86 25.27
N GLU B 441 7.46 10.77 23.95
CA GLU B 441 8.24 11.49 22.94
C GLU B 441 9.72 11.57 23.35
N LEU C 18 -11.65 7.87 0.25
CA LEU C 18 -11.14 6.63 -0.38
C LEU C 18 -9.70 6.41 0.08
N TYR C 19 -9.39 5.17 0.46
CA TYR C 19 -8.09 4.82 0.98
C TYR C 19 -7.22 4.08 -0.04
N PHE C 20 -7.43 4.37 -1.32
CA PHE C 20 -6.63 3.78 -2.37
C PHE C 20 -5.17 4.07 -2.00
N GLN C 21 -4.30 3.08 -2.13
CA GLN C 21 -2.92 3.25 -1.69
C GLN C 21 -1.92 3.71 -2.76
N SER C 22 -0.97 4.52 -2.31
CA SER C 22 0.04 5.07 -3.21
C SER C 22 1.38 5.11 -2.51
N ASN C 23 2.40 5.50 -3.25
CA ASN C 23 3.71 5.73 -2.63
C ASN C 23 4.27 6.97 -3.32
N ALA C 24 5.34 7.52 -2.78
CA ALA C 24 5.92 8.77 -3.29
C ALA C 24 6.54 8.63 -4.65
N MET C 25 6.98 7.41 -4.97
CA MET C 25 7.67 7.15 -6.24
C MET C 25 6.75 6.74 -7.40
N ASP C 26 5.81 5.81 -7.15
CA ASP C 26 4.97 5.31 -8.24
C ASP C 26 3.55 4.85 -7.82
N TYR C 27 2.79 4.39 -8.81
CA TYR C 27 1.41 3.91 -8.59
C TYR C 27 1.33 2.37 -8.60
N PHE C 28 2.42 1.71 -8.22
CA PHE C 28 2.46 0.24 -8.08
C PHE C 28 2.39 -0.02 -6.59
N ASN C 29 1.20 -0.38 -6.11
CA ASN C 29 1.01 -0.58 -4.67
C ASN C 29 0.08 -1.74 -4.33
N TYR C 30 0.27 -2.28 -3.13
CA TYR C 30 -0.55 -3.39 -2.64
C TYR C 30 -1.88 -2.85 -2.17
N GLN C 31 -2.94 -3.61 -2.42
CA GLN C 31 -4.29 -3.19 -2.04
C GLN C 31 -4.92 -4.22 -1.12
N GLU C 32 -6.18 -4.03 -0.78
CA GLU C 32 -6.86 -4.90 0.21
C GLU C 32 -7.15 -6.35 -0.16
N ASP C 33 -6.87 -6.76 -1.41
CA ASP C 33 -7.05 -8.17 -1.79
C ASP C 33 -5.73 -8.94 -1.62
N GLY C 34 -4.67 -8.25 -1.19
CA GLY C 34 -3.38 -8.89 -0.89
C GLY C 34 -2.37 -8.93 -2.02
N GLN C 35 -2.69 -8.26 -3.13
CA GLN C 35 -1.80 -8.26 -4.30
C GLN C 35 -1.40 -6.87 -4.79
N LEU C 36 -0.41 -6.85 -5.69
CA LEU C 36 0.14 -5.62 -6.27
C LEU C 36 -0.65 -5.16 -7.49
N TRP C 37 -1.05 -3.88 -7.47
CA TRP C 37 -1.83 -3.30 -8.53
C TRP C 37 -1.04 -2.16 -9.19
N ALA C 38 -1.22 -2.01 -10.51
CA ALA C 38 -0.65 -0.91 -11.29
C ALA C 38 -1.85 -0.01 -11.48
N GLU C 39 -1.90 1.09 -10.71
CA GLU C 39 -3.05 1.98 -10.71
C GLU C 39 -4.27 1.10 -10.37
N GLN C 40 -5.29 1.08 -11.19
CA GLN C 40 -6.49 0.25 -10.88
C GLN C 40 -6.57 -1.08 -11.67
N VAL C 41 -5.39 -1.64 -11.97
CA VAL C 41 -5.27 -2.95 -12.68
C VAL C 41 -4.32 -3.86 -11.93
N PRO C 42 -4.79 -5.06 -11.52
CA PRO C 42 -3.88 -5.97 -10.84
C PRO C 42 -2.76 -6.42 -11.78
N LEU C 43 -1.52 -6.37 -11.33
CA LEU C 43 -0.40 -6.79 -12.17
C LEU C 43 -0.55 -8.25 -12.60
N ALA C 44 -1.04 -9.09 -11.70
CA ALA C 44 -1.26 -10.52 -12.01
C ALA C 44 -2.18 -10.72 -13.23
N ASP C 45 -3.21 -9.87 -13.40
CA ASP C 45 -4.09 -9.94 -14.57
C ASP C 45 -3.34 -9.70 -15.87
N LEU C 46 -2.41 -8.75 -15.83
CA LEU C 46 -1.62 -8.42 -17.01
C LEU C 46 -0.69 -9.57 -17.38
N ALA C 47 -0.06 -10.19 -16.38
CA ALA C 47 0.82 -11.35 -16.60
C ALA C 47 0.03 -12.51 -17.24
N ASN C 48 -1.17 -12.75 -16.71
N ASN C 48 -1.17 -12.76 -16.71
CA ASN C 48 -2.07 -13.80 -17.21
CA ASN C 48 -2.02 -13.83 -17.23
C ASN C 48 -2.49 -13.56 -18.64
C ASN C 48 -2.49 -13.56 -18.65
N GLN C 49 -2.66 -12.28 -19.00
CA GLN C 49 -3.12 -11.90 -20.32
C GLN C 49 -1.99 -11.79 -21.35
N TYR C 50 -0.86 -11.25 -20.94
CA TYR C 50 0.22 -11.02 -21.91
C TYR C 50 1.47 -11.85 -21.72
N GLY C 51 1.52 -12.69 -20.68
CA GLY C 51 2.69 -13.53 -20.41
C GLY C 51 3.84 -12.77 -19.77
N THR C 52 4.85 -13.52 -19.32
CA THR C 52 6.04 -12.96 -18.68
C THR C 52 7.28 -13.38 -19.46
N PRO C 53 8.35 -12.59 -19.36
CA PRO C 53 8.45 -11.31 -18.67
C PRO C 53 7.63 -10.27 -19.39
N LEU C 54 7.26 -9.21 -18.67
CA LEU C 54 6.41 -8.16 -19.17
C LEU C 54 6.77 -6.79 -18.60
N TYR C 55 6.97 -5.79 -19.45
CA TYR C 55 7.13 -4.42 -18.93
C TYR C 55 5.76 -3.78 -18.78
N VAL C 56 5.48 -3.23 -17.58
CA VAL C 56 4.24 -2.54 -17.32
C VAL C 56 4.54 -1.10 -16.91
N TYR C 57 4.03 -0.15 -17.67
CA TYR C 57 4.18 1.25 -17.38
C TYR C 57 2.90 1.85 -16.82
N SER C 58 3.09 2.80 -15.93
CA SER C 58 2.00 3.56 -15.33
C SER C 58 1.93 4.98 -15.90
N ARG C 59 0.81 5.28 -16.58
CA ARG C 59 0.60 6.60 -17.14
C ARG C 59 0.61 7.69 -16.05
N ALA C 60 -0.05 7.44 -14.90
CA ALA C 60 -0.12 8.44 -13.83
C ALA C 60 1.27 8.70 -13.24
N THR C 61 2.09 7.67 -13.17
CA THR C 61 3.46 7.81 -12.66
C THR C 61 4.28 8.70 -13.58
N LEU C 62 4.20 8.50 -14.90
CA LEU C 62 4.93 9.34 -15.84
C LEU C 62 4.50 10.82 -15.75
N GLU C 63 3.19 11.04 -15.68
CA GLU C 63 2.65 12.38 -15.60
C GLU C 63 3.00 13.02 -14.29
N ARG C 64 2.96 12.27 -13.18
CA ARG C 64 3.35 12.84 -11.88
C ARG C 64 4.76 13.36 -11.87
N HIS C 65 5.69 12.57 -12.40
CA HIS C 65 7.09 12.96 -12.39
C HIS C 65 7.40 14.06 -13.37
N TRP C 66 6.73 14.05 -14.54
CA TRP C 66 6.97 15.09 -15.51
C TRP C 66 6.47 16.43 -14.93
N HIS C 67 5.26 16.43 -14.37
CA HIS C 67 4.71 17.64 -13.77
C HIS C 67 5.53 18.18 -12.61
N ALA C 68 5.99 17.28 -11.73
CA ALA C 68 6.81 17.69 -10.60
C ALA C 68 8.05 18.40 -11.09
N PHE C 69 8.66 17.85 -12.15
CA PHE C 69 9.88 18.41 -12.68
C PHE C 69 9.59 19.78 -13.28
N ASP C 70 8.56 19.84 -14.13
CA ASP C 70 8.15 21.04 -14.81
C ASP C 70 7.79 22.15 -13.83
N LYS C 71 7.02 21.82 -12.80
CA LYS C 71 6.59 22.84 -11.83
C LYS C 71 7.72 23.33 -10.96
N SER C 72 8.71 22.46 -10.70
CA SER C 72 9.85 22.81 -9.86
C SER C 72 10.69 23.93 -10.45
N VAL C 73 10.63 24.14 -11.77
CA VAL C 73 11.41 25.21 -12.41
C VAL C 73 10.76 26.57 -12.18
N GLY C 74 9.47 26.58 -11.87
CA GLY C 74 8.75 27.82 -11.59
C GLY C 74 8.34 28.58 -12.84
N ASP C 75 8.17 29.90 -12.70
N ASP C 75 8.17 29.89 -12.68
CA ASP C 75 7.73 30.76 -13.80
CA ASP C 75 7.75 30.77 -13.78
C ASP C 75 8.85 31.10 -14.79
C ASP C 75 8.84 31.06 -14.81
N TYR C 76 10.07 30.65 -14.53
CA TYR C 76 11.18 30.93 -15.42
C TYR C 76 10.98 30.20 -16.77
N PRO C 77 11.20 30.92 -17.89
CA PRO C 77 11.05 30.36 -19.24
C PRO C 77 11.89 29.11 -19.40
N HIS C 78 11.25 28.03 -19.80
CA HIS C 78 11.95 26.76 -19.89
C HIS C 78 11.26 25.77 -20.77
N LEU C 79 11.99 24.69 -21.03
CA LEU C 79 11.50 23.57 -21.83
C LEU C 79 12.08 22.28 -21.23
N ILE C 80 11.23 21.28 -21.04
CA ILE C 80 11.68 19.99 -20.55
C ILE C 80 11.91 19.15 -21.80
N CYS C 81 13.16 18.83 -22.12
CA CYS C 81 13.44 18.01 -23.29
C CYS C 81 13.73 16.59 -22.82
N TYR C 82 12.66 15.83 -22.65
CA TYR C 82 12.75 14.45 -22.21
C TYR C 82 13.76 13.65 -23.02
N ALA C 83 14.67 12.98 -22.32
CA ALA C 83 15.69 12.14 -22.99
C ALA C 83 15.05 10.85 -23.48
N VAL C 84 14.75 10.81 -24.78
CA VAL C 84 14.02 9.71 -25.42
C VAL C 84 14.69 8.37 -25.22
N LYS C 85 16.03 8.37 -25.21
CA LYS C 85 16.76 7.12 -25.02
C LYS C 85 16.41 6.35 -23.73
N ALA C 86 15.95 7.04 -22.69
CA ALA C 86 15.62 6.38 -21.42
C ALA C 86 14.47 5.37 -21.60
N ASN C 87 13.51 5.73 -22.45
CA ASN C 87 12.33 4.91 -22.76
C ASN C 87 11.67 5.61 -23.95
N SER C 88 11.79 5.01 -25.13
N SER C 88 11.77 4.97 -25.11
CA SER C 88 11.30 5.62 -26.35
CA SER C 88 11.31 5.59 -26.35
C SER C 88 10.03 5.00 -26.90
C SER C 88 10.00 5.06 -26.86
N ASN C 89 9.37 4.18 -26.08
CA ASN C 89 8.11 3.56 -26.51
C ASN C 89 7.13 4.63 -26.96
N LEU C 90 6.45 4.39 -28.10
CA LEU C 90 5.51 5.35 -28.64
C LEU C 90 4.45 5.80 -27.62
N GLY C 91 3.95 4.85 -26.81
CA GLY C 91 2.96 5.20 -25.77
C GLY C 91 3.52 6.11 -24.68
N VAL C 92 4.77 5.85 -24.26
CA VAL C 92 5.42 6.68 -23.28
C VAL C 92 5.65 8.08 -23.88
N LEU C 93 6.16 8.14 -25.10
CA LEU C 93 6.41 9.45 -25.74
C LEU C 93 5.11 10.24 -25.95
N ASN C 94 4.05 9.53 -26.36
CA ASN C 94 2.75 10.15 -26.59
C ASN C 94 2.18 10.72 -25.29
N THR C 95 2.34 9.99 -24.18
CA THR C 95 1.91 10.48 -22.86
C THR C 95 2.55 11.87 -22.58
N LEU C 96 3.86 11.97 -22.83
CA LEU C 96 4.57 13.20 -22.59
C LEU C 96 4.27 14.28 -23.64
N ALA C 97 4.11 13.88 -24.89
CA ALA C 97 3.79 14.86 -25.95
C ALA C 97 2.46 15.55 -25.59
N ARG C 98 1.52 14.76 -25.06
CA ARG C 98 0.22 15.33 -24.64
C ARG C 98 0.35 16.40 -23.54
N LEU C 99 1.44 16.38 -22.78
CA LEU C 99 1.68 17.34 -21.71
C LEU C 99 2.41 18.59 -22.21
N GLY C 100 2.81 18.58 -23.47
CA GLY C 100 3.56 19.67 -24.06
C GLY C 100 5.06 19.51 -23.85
N SER C 101 5.49 18.29 -23.53
CA SER C 101 6.91 18.05 -23.29
C SER C 101 7.74 18.28 -24.54
N GLY C 102 8.99 18.69 -24.34
CA GLY C 102 9.95 18.71 -25.45
C GLY C 102 10.69 17.39 -25.40
N PHE C 103 11.67 17.21 -26.29
CA PHE C 103 12.40 15.94 -26.37
C PHE C 103 13.83 16.15 -26.79
N ASP C 104 14.72 15.39 -26.17
CA ASP C 104 16.15 15.34 -26.58
C ASP C 104 16.34 14.01 -27.29
N ILE C 105 16.70 14.08 -28.56
CA ILE C 105 16.91 12.91 -29.38
C ILE C 105 18.41 12.82 -29.73
N VAL C 106 18.89 11.60 -29.96
CA VAL C 106 20.30 11.39 -30.36
C VAL C 106 20.44 10.66 -31.70
N SER C 107 19.33 10.48 -32.42
CA SER C 107 19.33 9.84 -33.71
C SER C 107 18.09 10.23 -34.51
N VAL C 108 18.14 10.00 -35.83
CA VAL C 108 16.98 10.23 -36.68
C VAL C 108 15.85 9.25 -36.27
N GLY C 109 16.22 8.05 -35.84
CA GLY C 109 15.20 7.09 -35.37
C GLY C 109 14.39 7.67 -34.21
N GLU C 110 15.06 8.26 -33.24
CA GLU C 110 14.38 8.89 -32.12
C GLU C 110 13.51 10.07 -32.60
N LEU C 111 13.98 10.82 -33.59
CA LEU C 111 13.20 11.91 -34.18
C LEU C 111 11.89 11.38 -34.78
N GLU C 112 11.98 10.31 -35.56
CA GLU C 112 10.80 9.75 -36.21
C GLU C 112 9.84 9.18 -35.15
N ARG C 113 10.37 8.65 -34.04
CA ARG C 113 9.49 8.14 -32.94
C ARG C 113 8.70 9.31 -32.33
N VAL C 114 9.41 10.41 -32.06
CA VAL C 114 8.77 11.61 -31.51
C VAL C 114 7.65 12.10 -32.43
N LEU C 115 7.92 12.15 -33.74
N LEU C 115 7.92 12.18 -33.74
CA LEU C 115 6.94 12.61 -34.73
CA LEU C 115 6.90 12.61 -34.69
C LEU C 115 5.74 11.68 -34.78
C LEU C 115 5.72 11.68 -34.65
N ALA C 116 6.01 10.37 -34.67
CA ALA C 116 4.98 9.35 -34.67
C ALA C 116 4.13 9.43 -33.42
N ALA C 117 4.74 9.82 -32.30
CA ALA C 117 4.04 9.96 -31.00
C ALA C 117 3.23 11.25 -30.84
N GLY C 118 3.26 12.11 -31.83
CA GLY C 118 2.53 13.38 -31.77
C GLY C 118 3.29 14.55 -31.16
N GLY C 119 4.62 14.39 -31.04
CA GLY C 119 5.44 15.43 -30.47
C GLY C 119 5.68 16.53 -31.48
N ASP C 120 6.01 17.71 -30.96
CA ASP C 120 6.26 18.91 -31.76
C ASP C 120 7.76 19.09 -32.06
N PRO C 121 8.15 19.07 -33.34
CA PRO C 121 9.57 19.24 -33.72
C PRO C 121 10.18 20.53 -33.19
N SER C 122 9.35 21.56 -32.97
CA SER C 122 9.83 22.83 -32.47
C SER C 122 10.26 22.73 -31.02
N LYS C 123 9.98 21.59 -30.36
CA LYS C 123 10.42 21.34 -28.99
C LYS C 123 11.46 20.19 -28.92
N VAL C 124 12.06 19.85 -30.06
CA VAL C 124 13.07 18.79 -30.16
C VAL C 124 14.48 19.35 -30.36
N VAL C 125 15.40 18.90 -29.52
CA VAL C 125 16.81 19.26 -29.66
C VAL C 125 17.52 17.95 -30.01
N PHE C 126 18.57 18.05 -30.81
CA PHE C 126 19.25 16.90 -31.35
C PHE C 126 20.69 16.89 -30.83
N SER C 127 20.98 15.90 -29.99
CA SER C 127 22.32 15.68 -29.42
C SER C 127 23.01 14.49 -30.11
N GLY C 128 24.31 14.32 -29.82
CA GLY C 128 25.07 13.19 -30.39
C GLY C 128 26.35 13.64 -31.05
N VAL C 129 27.42 12.87 -30.85
CA VAL C 129 28.75 13.23 -31.36
C VAL C 129 29.01 12.81 -32.79
N GLY C 130 28.19 11.88 -33.32
CA GLY C 130 28.38 11.37 -34.68
C GLY C 130 27.20 11.50 -35.63
N LYS C 131 26.52 12.64 -35.60
CA LYS C 131 25.37 12.88 -36.47
C LYS C 131 25.80 12.81 -37.93
N THR C 132 25.07 12.02 -38.72
CA THR C 132 25.36 11.84 -40.15
C THR C 132 24.69 12.95 -40.96
N GLU C 133 25.15 13.14 -42.20
CA GLU C 133 24.57 14.16 -43.07
C GLU C 133 23.09 13.85 -43.29
N ALA C 134 22.77 12.59 -43.49
CA ALA C 134 21.38 12.17 -43.74
C ALA C 134 20.47 12.53 -42.56
N GLU C 135 20.93 12.29 -41.34
CA GLU C 135 20.15 12.64 -40.14
C GLU C 135 19.99 14.16 -40.04
N MET C 136 21.06 14.90 -40.27
CA MET C 136 20.98 16.37 -40.23
C MET C 136 19.94 16.92 -41.20
N LYS C 137 19.94 16.40 -42.41
CA LYS C 137 19.01 16.83 -43.46
C LYS C 137 17.55 16.63 -43.03
N ARG C 138 17.24 15.44 -42.52
CA ARG C 138 15.89 15.15 -42.09
C ARG C 138 15.47 16.06 -40.94
N ALA C 139 16.38 16.30 -39.98
CA ALA C 139 16.07 17.17 -38.85
C ALA C 139 15.85 18.62 -39.30
N LEU C 140 16.59 19.06 -40.29
CA LEU C 140 16.42 20.41 -40.83
C LEU C 140 15.08 20.54 -41.53
N GLN C 141 14.73 19.52 -42.30
CA GLN C 141 13.48 19.49 -43.02
C GLN C 141 12.29 19.54 -42.08
N LEU C 142 12.43 18.92 -40.89
CA LEU C 142 11.36 18.94 -39.86
C LEU C 142 11.42 20.18 -38.97
N LYS C 143 12.43 21.03 -39.20
CA LYS C 143 12.59 22.27 -38.46
C LYS C 143 12.64 22.10 -36.91
N ILE C 144 13.55 21.24 -36.47
CA ILE C 144 13.73 21.02 -35.05
C ILE C 144 14.22 22.29 -34.36
N LYS C 145 14.08 22.35 -33.04
CA LYS C 145 14.48 23.52 -32.25
C LYS C 145 15.98 23.86 -32.35
N CYS C 146 16.81 22.85 -32.14
CA CYS C 146 18.25 23.12 -32.11
C CYS C 146 19.10 21.87 -32.29
N PHE C 147 20.28 22.08 -32.85
CA PHE C 147 21.29 21.04 -33.00
C PHE C 147 22.33 21.32 -31.92
N ASN C 148 22.55 20.35 -31.04
CA ASN C 148 23.55 20.48 -29.98
C ASN C 148 24.85 19.89 -30.54
N VAL C 149 25.70 20.78 -31.03
CA VAL C 149 26.94 20.42 -31.74
C VAL C 149 28.09 20.17 -30.78
N GLU C 150 28.77 19.06 -30.99
CA GLU C 150 29.82 18.65 -30.08
C GLU C 150 31.24 18.75 -30.57
N SER C 151 31.44 19.20 -31.80
CA SER C 151 32.80 19.33 -32.31
C SER C 151 32.82 20.26 -33.50
N GLU C 152 34.01 20.80 -33.81
CA GLU C 152 34.15 21.68 -34.99
C GLU C 152 33.91 20.95 -36.30
N PRO C 153 34.37 19.68 -36.42
CA PRO C 153 34.05 19.05 -37.69
C PRO C 153 32.53 18.87 -37.89
N GLU C 154 31.79 18.63 -36.81
CA GLU C 154 30.35 18.46 -36.92
C GLU C 154 29.74 19.81 -37.34
N LEU C 155 30.23 20.88 -36.73
CA LEU C 155 29.80 22.24 -37.04
C LEU C 155 29.93 22.47 -38.54
N GLN C 156 31.09 22.12 -39.10
CA GLN C 156 31.31 22.27 -40.54
C GLN C 156 30.35 21.40 -41.35
N ARG C 157 30.14 20.15 -40.93
CA ARG C 157 29.22 19.26 -41.64
C ARG C 157 27.81 19.85 -41.65
N LEU C 158 27.33 20.31 -40.50
CA LEU C 158 25.98 20.90 -40.39
C LEU C 158 25.85 22.16 -41.27
N ASN C 159 26.89 22.98 -41.30
CA ASN C 159 26.90 24.18 -42.16
C ASN C 159 26.77 23.76 -43.64
N LYS C 160 27.53 22.74 -44.04
CA LYS C 160 27.50 22.22 -45.40
C LYS C 160 26.10 21.72 -45.76
N VAL C 161 25.51 20.92 -44.87
CA VAL C 161 24.20 20.36 -45.13
C VAL C 161 23.12 21.46 -45.18
N ALA C 162 23.22 22.44 -44.29
CA ALA C 162 22.27 23.55 -44.28
C ALA C 162 22.40 24.34 -45.61
N GLY C 163 23.64 24.55 -46.06
CA GLY C 163 23.89 25.23 -47.34
C GLY C 163 23.22 24.51 -48.52
N GLU C 164 23.38 23.19 -48.60
CA GLU C 164 22.77 22.40 -49.68
C GLU C 164 21.25 22.52 -49.73
N LEU C 165 20.61 22.61 -48.56
CA LEU C 165 19.14 22.74 -48.48
C LEU C 165 18.65 24.18 -48.59
N GLY C 166 19.55 25.14 -48.50
CA GLY C 166 19.17 26.55 -48.56
C GLY C 166 18.48 27.03 -47.28
N VAL C 167 18.96 26.59 -46.12
CA VAL C 167 18.39 27.02 -44.83
C VAL C 167 19.49 27.37 -43.84
N LYS C 168 19.08 27.87 -42.68
CA LYS C 168 19.97 28.20 -41.57
C LYS C 168 19.71 27.22 -40.42
N ALA C 169 20.75 26.52 -39.98
CA ALA C 169 20.63 25.58 -38.87
C ALA C 169 20.76 26.28 -37.53
N PRO C 170 19.74 26.11 -36.65
CA PRO C 170 19.86 26.66 -35.29
C PRO C 170 20.79 25.74 -34.50
N ILE C 171 21.80 26.32 -33.85
CA ILE C 171 22.77 25.50 -33.12
CA ILE C 171 22.75 25.49 -33.12
C ILE C 171 23.09 25.98 -31.70
N SER C 172 23.53 25.02 -30.91
CA SER C 172 24.02 25.25 -29.58
C SER C 172 25.33 24.45 -29.58
N LEU C 173 26.33 24.95 -28.86
CA LEU C 173 27.61 24.24 -28.73
C LEU C 173 27.64 23.58 -27.38
N ARG C 174 28.03 22.29 -27.36
CA ARG C 174 28.21 21.55 -26.14
C ARG C 174 29.57 21.96 -25.58
N ILE C 175 29.56 22.66 -24.46
CA ILE C 175 30.78 23.13 -23.84
C ILE C 175 31.00 22.40 -22.52
N ASN C 176 32.23 21.93 -22.29
CA ASN C 176 32.53 21.29 -21.03
C ASN C 176 32.46 22.28 -19.89
N PRO C 177 31.97 21.84 -18.72
CA PRO C 177 31.99 22.71 -17.60
C PRO C 177 33.44 23.00 -17.23
N ASP C 178 33.65 24.05 -16.46
CA ASP C 178 34.97 24.44 -16.01
C ASP C 178 34.90 24.69 -14.52
N VAL C 179 35.98 24.40 -13.80
CA VAL C 179 36.06 24.63 -12.36
C VAL C 179 37.45 25.22 -12.06
N ASP C 180 37.61 25.74 -10.85
CA ASP C 180 38.91 26.30 -10.44
C ASP C 180 39.83 25.11 -10.23
N ALA C 181 40.83 24.96 -11.09
CA ALA C 181 41.78 23.83 -11.02
C ALA C 181 42.54 23.79 -9.70
N LYS C 182 42.67 24.95 -9.04
CA LYS C 182 43.40 25.02 -7.78
C LYS C 182 42.58 24.43 -6.66
N THR C 183 41.27 24.62 -6.73
CA THR C 183 40.35 24.16 -5.71
C THR C 183 39.82 22.74 -6.00
N HIS C 184 39.65 22.43 -7.28
CA HIS C 184 39.11 21.12 -7.70
C HIS C 184 40.00 20.50 -8.79
N PRO C 185 41.25 20.16 -8.43
CA PRO C 185 42.21 19.65 -9.41
C PRO C 185 41.83 18.37 -10.14
N TYR C 186 41.34 17.35 -9.43
CA TYR C 186 40.98 16.07 -10.05
C TYR C 186 39.76 16.23 -10.99
N ILE C 187 38.77 16.97 -10.53
CA ILE C 187 37.59 17.23 -11.36
C ILE C 187 38.01 17.99 -12.62
N SER C 188 38.85 19.01 -12.44
CA SER C 188 39.32 19.83 -13.57
C SER C 188 40.02 18.97 -14.62
N THR C 189 40.94 18.10 -14.19
CA THR C 189 41.64 17.23 -15.13
C THR C 189 40.66 16.34 -15.89
N GLY C 190 39.69 15.75 -15.17
CA GLY C 190 38.68 14.86 -15.78
C GLY C 190 37.83 15.56 -16.84
N LEU C 191 37.50 16.82 -16.57
CA LEU C 191 36.70 17.61 -17.50
C LEU C 191 37.44 17.97 -18.79
N ARG C 192 38.73 18.28 -18.66
N ARG C 192 38.71 18.32 -18.67
CA ARG C 192 39.55 18.72 -19.79
CA ARG C 192 39.51 18.74 -19.83
C ARG C 192 39.85 17.65 -20.83
C ARG C 192 39.85 17.65 -20.84
N ASP C 193 40.01 16.41 -20.38
CA ASP C 193 40.34 15.29 -21.28
C ASP C 193 39.12 14.40 -21.46
N ASN C 194 38.00 15.04 -21.79
CA ASN C 194 36.71 14.40 -21.97
C ASN C 194 36.43 14.17 -23.46
N LYS C 195 35.72 13.10 -23.77
CA LYS C 195 35.34 12.75 -25.14
C LYS C 195 34.22 13.67 -25.66
N PHE C 196 33.43 14.21 -24.75
CA PHE C 196 32.30 15.06 -25.11
C PHE C 196 32.61 16.54 -25.20
N GLY C 197 31.99 17.19 -26.18
CA GLY C 197 32.06 18.62 -26.37
C GLY C 197 33.38 19.34 -26.58
N ILE C 198 33.27 20.66 -26.53
CA ILE C 198 34.38 21.57 -26.70
C ILE C 198 34.92 21.97 -25.35
N THR C 199 36.23 22.03 -25.23
CA THR C 199 36.83 22.42 -23.98
C THR C 199 36.40 23.86 -23.67
N PHE C 200 36.26 24.15 -22.39
CA PHE C 200 35.80 25.46 -21.95
C PHE C 200 36.63 26.62 -22.48
N ASP C 201 37.95 26.48 -22.46
CA ASP C 201 38.83 27.57 -22.91
C ASP C 201 38.83 27.84 -24.44
N ARG C 202 38.22 26.95 -25.21
CA ARG C 202 38.08 27.17 -26.65
C ARG C 202 36.64 27.54 -27.04
N ALA C 203 35.77 27.69 -26.05
CA ALA C 203 34.35 27.98 -26.30
C ALA C 203 34.16 29.24 -27.12
N ALA C 204 34.79 30.33 -26.70
CA ALA C 204 34.66 31.62 -27.37
C ALA C 204 35.11 31.52 -28.84
N GLN C 205 36.26 30.90 -29.07
CA GLN C 205 36.80 30.74 -30.41
C GLN C 205 35.83 29.95 -31.30
N VAL C 206 35.31 28.84 -30.79
CA VAL C 206 34.39 28.04 -31.59
C VAL C 206 33.06 28.78 -31.83
N TYR C 207 32.58 29.52 -30.83
CA TYR C 207 31.38 30.36 -31.01
C TYR C 207 31.58 31.40 -32.10
N ARG C 208 32.75 32.02 -32.15
CA ARG C 208 33.05 33.02 -33.19
C ARG C 208 33.00 32.35 -34.56
N LEU C 209 33.58 31.15 -34.65
CA LEU C 209 33.58 30.39 -35.89
C LEU C 209 32.14 30.11 -36.29
N ALA C 210 31.33 29.66 -35.33
CA ALA C 210 29.92 29.36 -35.58
C ALA C 210 29.19 30.60 -36.11
N HIS C 211 29.37 31.71 -35.40
CA HIS C 211 28.73 32.97 -35.77
C HIS C 211 29.16 33.48 -37.14
N SER C 212 30.36 33.09 -37.58
CA SER C 212 30.86 33.52 -38.90
C SER C 212 30.35 32.64 -40.05
N LEU C 213 30.05 31.36 -39.77
CA LEU C 213 29.54 30.45 -40.81
C LEU C 213 28.16 30.93 -41.29
N PRO C 214 27.95 30.98 -42.61
CA PRO C 214 26.73 31.57 -43.16
C PRO C 214 25.44 30.77 -43.08
N ASN C 215 25.54 29.44 -42.99
CA ASN C 215 24.33 28.59 -42.94
C ASN C 215 23.93 28.16 -41.51
N LEU C 216 24.47 28.85 -40.50
CA LEU C 216 24.13 28.56 -39.11
C LEU C 216 23.62 29.80 -38.37
N ASP C 217 22.81 29.56 -37.34
CA ASP C 217 22.28 30.59 -36.44
C ASP C 217 22.57 30.16 -35.00
N VAL C 218 23.36 30.95 -34.30
CA VAL C 218 23.73 30.66 -32.91
C VAL C 218 22.57 31.00 -31.97
N HIS C 219 21.98 29.97 -31.36
CA HIS C 219 20.83 30.11 -30.44
C HIS C 219 21.16 29.77 -29.00
N GLY C 220 21.99 28.75 -28.76
CA GLY C 220 22.25 28.36 -27.39
C GLY C 220 23.60 27.85 -27.01
N ILE C 221 23.66 27.43 -25.75
CA ILE C 221 24.83 26.83 -25.13
C ILE C 221 24.33 25.61 -24.35
N ASP C 222 25.05 24.50 -24.49
CA ASP C 222 24.71 23.21 -23.85
C ASP C 222 25.87 22.88 -22.91
N CYS C 223 25.61 22.90 -21.60
CA CYS C 223 26.67 22.63 -20.64
C CYS C 223 26.09 21.75 -19.55
N HIS C 224 26.44 20.48 -19.58
CA HIS C 224 25.84 19.47 -18.69
C HIS C 224 26.35 19.44 -17.25
N ILE C 225 26.19 20.58 -16.58
CA ILE C 225 26.58 20.73 -15.19
C ILE C 225 25.88 19.73 -14.23
N GLY C 226 24.64 19.35 -14.52
CA GLY C 226 23.89 18.42 -13.68
C GLY C 226 24.41 16.98 -13.65
N SER C 227 25.00 16.53 -14.75
CA SER C 227 25.51 15.17 -14.81
C SER C 227 27.03 15.08 -14.73
N GLN C 228 27.73 16.17 -15.04
CA GLN C 228 29.19 16.13 -15.01
C GLN C 228 29.81 16.55 -13.68
N LEU C 229 29.04 17.25 -12.84
CA LEU C 229 29.52 17.65 -11.52
C LEU C 229 28.67 16.94 -10.46
N THR C 230 29.33 16.29 -9.50
CA THR C 230 28.62 15.53 -8.49
C THR C 230 28.81 16.01 -7.05
N ALA C 231 29.23 17.27 -6.89
CA ALA C 231 29.36 17.89 -5.58
C ALA C 231 28.89 19.34 -5.78
N LEU C 232 28.32 19.93 -4.73
CA LEU C 232 27.74 21.26 -4.83
C LEU C 232 28.75 22.38 -5.08
N ALA C 233 29.87 22.37 -4.35
CA ALA C 233 30.88 23.42 -4.53
C ALA C 233 31.36 23.50 -5.99
N PRO C 234 31.80 22.37 -6.56
CA PRO C 234 32.20 22.44 -7.97
C PRO C 234 31.03 22.75 -8.91
N PHE C 235 29.81 22.32 -8.54
CA PHE C 235 28.62 22.63 -9.34
C PHE C 235 28.45 24.15 -9.41
N ILE C 236 28.50 24.79 -8.25
CA ILE C 236 28.38 26.26 -8.15
C ILE C 236 29.49 26.99 -8.91
N ASP C 237 30.73 26.52 -8.74
CA ASP C 237 31.86 27.10 -9.45
C ASP C 237 31.63 27.05 -10.96
N ALA C 238 31.22 25.87 -11.47
CA ALA C 238 31.00 25.68 -12.91
C ALA C 238 29.85 26.53 -13.42
N THR C 239 28.79 26.62 -12.63
CA THR C 239 27.62 27.44 -13.00
C THR C 239 28.02 28.91 -13.16
N ASP C 240 28.79 29.44 -12.21
CA ASP C 240 29.22 30.84 -12.29
C ASP C 240 30.15 31.07 -13.50
N ARG C 241 31.05 30.12 -13.76
CA ARG C 241 31.97 30.23 -14.91
C ARG C 241 31.19 30.21 -16.22
N LEU C 242 30.18 29.34 -16.29
CA LEU C 242 29.31 29.25 -17.46
C LEU C 242 28.57 30.54 -17.72
N LEU C 243 27.95 31.09 -16.67
CA LEU C 243 27.20 32.34 -16.81
C LEU C 243 28.09 33.50 -17.21
N ALA C 244 29.32 33.54 -16.68
CA ALA C 244 30.27 34.58 -17.06
C ALA C 244 30.57 34.43 -18.56
N LEU C 245 30.71 33.19 -19.03
CA LEU C 245 30.94 32.97 -20.46
C LEU C 245 29.75 33.49 -21.28
N ILE C 246 28.53 33.20 -20.83
CA ILE C 246 27.34 33.69 -21.52
C ILE C 246 27.37 35.24 -21.61
N ASP C 247 27.75 35.90 -20.51
CA ASP C 247 27.84 37.37 -20.48
C ASP C 247 28.93 37.87 -21.42
N SER C 248 30.05 37.13 -21.48
CA SER C 248 31.19 37.50 -22.30
C SER C 248 30.85 37.41 -23.78
N LEU C 249 30.09 36.38 -24.15
CA LEU C 249 29.63 36.19 -25.52
C LEU C 249 28.66 37.30 -25.91
N LYS C 250 27.74 37.65 -25.01
CA LYS C 250 26.77 38.72 -25.27
C LYS C 250 27.50 40.04 -25.54
N ALA C 251 28.41 40.42 -24.66
CA ALA C 251 29.20 41.66 -24.80
C ALA C 251 29.90 41.72 -26.17
N GLU C 252 30.22 40.55 -26.71
CA GLU C 252 30.90 40.41 -27.99
C GLU C 252 29.93 40.28 -29.19
N GLY C 253 28.63 40.38 -28.96
CA GLY C 253 27.63 40.30 -30.06
C GLY C 253 27.08 38.91 -30.41
N ILE C 254 27.42 37.90 -29.61
CA ILE C 254 26.94 36.54 -29.81
C ILE C 254 25.94 36.34 -28.69
N HIS C 255 24.66 36.39 -29.05
CA HIS C 255 23.59 36.35 -28.08
C HIS C 255 23.01 34.96 -27.96
N ILE C 256 23.17 34.41 -26.78
CA ILE C 256 22.67 33.10 -26.50
C ILE C 256 21.24 33.29 -25.97
N ARG C 257 20.28 32.60 -26.58
CA ARG C 257 18.87 32.70 -26.19
C ARG C 257 18.51 31.64 -25.14
N HIS C 258 19.16 30.48 -25.21
CA HIS C 258 18.87 29.41 -24.25
C HIS C 258 20.10 28.63 -23.79
N LEU C 259 19.94 28.02 -22.62
CA LEU C 259 20.93 27.24 -21.96
C LEU C 259 20.33 25.87 -21.66
N ASP C 260 21.00 24.83 -22.15
CA ASP C 260 20.62 23.42 -21.90
C ASP C 260 21.58 22.90 -20.84
N VAL C 261 21.05 22.50 -19.69
CA VAL C 261 21.91 22.00 -18.58
C VAL C 261 21.96 20.47 -18.45
N GLY C 262 21.42 19.78 -19.45
CA GLY C 262 21.45 18.32 -19.48
C GLY C 262 20.54 17.66 -18.46
N GLY C 263 20.83 16.41 -18.15
CA GLY C 263 20.02 15.68 -17.18
C GLY C 263 20.68 15.66 -15.82
N GLY C 264 20.18 14.79 -14.95
CA GLY C 264 20.80 14.62 -13.64
C GLY C 264 20.41 15.55 -12.52
N LEU C 265 19.40 16.39 -12.75
CA LEU C 265 18.90 17.29 -11.71
C LEU C 265 17.61 16.67 -11.18
N GLY C 266 17.64 16.16 -9.96
CA GLY C 266 16.47 15.54 -9.36
C GLY C 266 15.55 16.56 -8.73
N VAL C 267 14.33 16.12 -8.44
CA VAL C 267 13.33 16.94 -7.78
C VAL C 267 13.02 16.20 -6.46
N VAL C 268 14.02 16.20 -5.57
CA VAL C 268 13.97 15.49 -4.28
C VAL C 268 12.63 15.61 -3.53
N GLN C 276 11.48 20.93 -3.07
CA GLN C 276 11.36 19.90 -4.10
C GLN C 276 12.54 19.96 -5.09
N PRO C 277 12.86 21.16 -5.61
CA PRO C 277 14.06 21.18 -6.45
C PRO C 277 15.25 20.77 -5.60
N SER C 278 16.17 20.00 -6.17
CA SER C 278 17.37 19.58 -5.43
C SER C 278 18.25 20.80 -5.15
N GLU C 279 19.22 20.65 -4.26
CA GLU C 279 20.17 21.72 -3.97
C GLU C 279 20.80 22.26 -5.25
N TYR C 280 21.14 21.32 -6.12
CA TYR C 280 21.75 21.63 -7.40
C TYR C 280 20.82 22.51 -8.22
N ALA C 281 19.60 22.03 -8.43
CA ALA C 281 18.59 22.76 -9.19
C ALA C 281 18.32 24.14 -8.61
N LYS C 282 18.20 24.22 -7.29
CA LYS C 282 17.93 25.50 -6.62
C LYS C 282 19.13 26.43 -6.80
N ALA C 283 20.34 25.89 -6.59
CA ALA C 283 21.56 26.67 -6.77
C ALA C 283 21.62 27.24 -8.17
N LEU C 284 21.18 26.45 -9.15
CA LEU C 284 21.13 26.90 -10.53
C LEU C 284 20.10 28.03 -10.73
N LEU C 285 18.84 27.72 -10.39
CA LEU C 285 17.73 28.67 -10.58
C LEU C 285 17.98 30.06 -10.00
N ASP C 286 18.55 30.10 -8.81
CA ASP C 286 18.86 31.38 -8.17
C ASP C 286 19.77 32.26 -9.06
N ARG C 287 20.78 31.65 -9.68
CA ARG C 287 21.75 32.39 -10.50
C ARG C 287 21.19 32.83 -11.85
N LEU C 288 20.10 32.20 -12.27
CA LEU C 288 19.50 32.53 -13.55
C LEU C 288 18.49 33.69 -13.49
N GLU C 289 18.01 34.05 -12.30
CA GLU C 289 16.94 35.06 -12.18
C GLU C 289 17.27 36.40 -12.85
N ARG C 290 18.51 36.87 -12.69
CA ARG C 290 18.98 38.08 -13.35
C ARG C 290 19.16 37.76 -14.84
N HIS C 291 19.60 36.53 -15.12
CA HIS C 291 19.86 36.07 -16.48
C HIS C 291 18.64 35.75 -17.31
N ARG C 292 18.21 36.74 -18.08
CA ARG C 292 17.15 36.57 -19.08
C ARG C 292 17.58 37.49 -20.23
N ASP C 293 16.96 37.42 -21.41
CA ASP C 293 15.86 36.53 -21.76
C ASP C 293 16.45 35.20 -22.21
N LEU C 294 16.64 34.32 -21.24
CA LEU C 294 17.30 33.04 -21.43
C LEU C 294 16.38 31.89 -21.07
N GLU C 295 16.00 31.11 -22.06
CA GLU C 295 15.16 29.94 -21.84
C GLU C 295 16.05 28.82 -21.25
N LEU C 296 15.54 28.11 -20.24
CA LEU C 296 16.29 27.01 -19.64
C LEU C 296 15.77 25.70 -20.20
N ILE C 297 16.69 24.87 -20.67
CA ILE C 297 16.37 23.54 -21.20
C ILE C 297 16.95 22.48 -20.27
N PHE C 298 16.10 21.52 -19.86
CA PHE C 298 16.51 20.41 -19.01
C PHE C 298 16.33 19.12 -19.80
N GLU C 299 17.17 18.13 -19.53
CA GLU C 299 17.13 16.87 -20.27
C GLU C 299 16.94 15.66 -19.35
N PRO C 300 15.89 15.68 -18.51
CA PRO C 300 15.67 14.53 -17.66
C PRO C 300 15.24 13.28 -18.46
N GLY C 301 15.65 12.11 -17.98
CA GLY C 301 15.28 10.84 -18.58
C GLY C 301 14.82 9.95 -17.44
N ARG C 302 15.78 9.44 -16.68
CA ARG C 302 15.48 8.59 -15.53
C ARG C 302 14.54 9.25 -14.54
N ALA C 303 14.69 10.57 -14.35
CA ALA C 303 13.88 11.30 -13.39
C ALA C 303 12.42 11.35 -13.81
N ILE C 304 12.15 11.17 -15.09
CA ILE C 304 10.77 11.15 -15.56
C ILE C 304 10.23 9.73 -15.60
N ALA C 305 11.04 8.82 -16.14
CA ALA C 305 10.60 7.47 -16.49
C ALA C 305 10.93 6.29 -15.58
N ALA C 306 12.00 6.38 -14.79
CA ALA C 306 12.48 5.22 -14.04
C ALA C 306 11.41 4.50 -13.23
N ASN C 307 10.72 5.25 -12.37
CA ASN C 307 9.71 4.64 -11.50
C ASN C 307 8.37 4.38 -12.15
N ALA C 308 8.19 4.86 -13.38
CA ALA C 308 6.94 4.61 -14.11
C ALA C 308 6.81 3.18 -14.62
N GLY C 309 7.86 2.38 -14.47
CA GLY C 309 7.79 0.99 -14.92
C GLY C 309 8.26 -0.07 -13.97
N VAL C 310 7.66 -1.24 -14.11
CA VAL C 310 8.08 -2.46 -13.43
C VAL C 310 8.25 -3.57 -14.49
N LEU C 311 9.14 -4.53 -14.24
CA LEU C 311 9.29 -5.69 -15.07
C LEU C 311 8.75 -6.85 -14.25
N VAL C 312 7.70 -7.48 -14.75
CA VAL C 312 7.08 -8.64 -14.12
C VAL C 312 7.76 -9.89 -14.65
N THR C 313 8.15 -10.78 -13.74
CA THR C 313 8.82 -11.98 -14.08
C THR C 313 8.33 -13.14 -13.21
N LYS C 314 8.47 -14.33 -13.75
CA LYS C 314 8.03 -15.57 -13.07
C LYS C 314 9.20 -16.42 -12.60
N VAL C 315 9.05 -16.97 -11.40
CA VAL C 315 10.04 -17.87 -10.82
C VAL C 315 9.87 -19.26 -11.46
N GLU C 316 10.91 -19.73 -12.15
CA GLU C 316 10.89 -21.03 -12.79
C GLU C 316 11.21 -22.13 -11.79
N PHE C 317 12.36 -21.98 -11.14
CA PHE C 317 12.90 -22.93 -10.20
C PHE C 317 13.48 -22.29 -8.96
N LEU C 318 13.46 -23.03 -7.85
CA LEU C 318 14.13 -22.59 -6.62
C LEU C 318 15.24 -23.59 -6.41
N LYS C 319 16.47 -23.20 -6.76
CA LYS C 319 17.64 -24.06 -6.65
C LYS C 319 18.35 -23.79 -5.34
N HIS C 320 18.41 -24.81 -4.48
CA HIS C 320 19.04 -24.68 -3.16
C HIS C 320 20.37 -25.44 -3.09
N THR C 321 21.45 -24.75 -2.70
CA THR C 321 22.77 -25.36 -2.53
C THR C 321 23.21 -25.12 -1.07
N GLU C 322 24.40 -25.60 -0.73
CA GLU C 322 24.97 -25.45 0.63
C GLU C 322 26.18 -24.48 0.67
N HIS C 323 25.97 -23.20 0.96
CA HIS C 323 24.65 -22.61 1.25
C HIS C 323 24.40 -21.27 0.57
N LYS C 324 23.72 -21.36 -0.57
CA LYS C 324 23.31 -20.21 -1.34
C LYS C 324 22.11 -20.68 -2.16
N ASN C 325 21.07 -19.85 -2.20
CA ASN C 325 19.85 -20.18 -2.90
C ASN C 325 19.69 -19.30 -4.12
N PHE C 326 19.21 -19.91 -5.20
CA PHE C 326 18.98 -19.21 -6.44
C PHE C 326 17.51 -19.34 -6.84
N ALA C 327 16.87 -18.21 -7.07
CA ALA C 327 15.52 -18.18 -7.57
C ALA C 327 15.73 -17.89 -9.03
N ILE C 328 15.55 -18.91 -9.87
CA ILE C 328 15.74 -18.83 -11.32
C ILE C 328 14.45 -18.24 -11.92
N ILE C 329 14.59 -17.05 -12.49
CA ILE C 329 13.44 -16.32 -13.07
C ILE C 329 13.50 -16.32 -14.60
N ASP C 330 12.39 -15.92 -15.25
CA ASP C 330 12.32 -15.95 -16.70
C ASP C 330 12.81 -14.72 -17.42
N ALA C 331 13.18 -13.70 -16.67
CA ALA C 331 13.72 -12.46 -17.24
C ALA C 331 15.23 -12.59 -17.28
N ALA C 332 15.82 -12.29 -18.44
CA ALA C 332 17.27 -12.42 -18.65
C ALA C 332 17.90 -11.09 -18.99
N MET C 333 19.22 -11.16 -19.15
CA MET C 333 20.06 -10.01 -19.47
C MET C 333 19.63 -9.31 -20.76
N ASN C 334 19.02 -10.06 -21.67
CA ASN C 334 18.54 -9.46 -22.92
C ASN C 334 17.29 -8.61 -22.72
N ASP C 335 16.58 -8.86 -21.62
CA ASP C 335 15.33 -8.13 -21.28
C ASP C 335 15.58 -6.89 -20.42
N LEU C 336 16.55 -7.01 -19.50
CA LEU C 336 16.91 -5.94 -18.57
C LEU C 336 18.37 -6.14 -18.20
N ILE C 337 19.23 -5.20 -18.60
CA ILE C 337 20.67 -5.33 -18.35
C ILE C 337 21.08 -4.45 -17.16
N ARG C 338 20.51 -4.75 -15.98
CA ARG C 338 20.76 -4.01 -14.73
C ARG C 338 22.23 -4.01 -14.31
N TRP C 345 20.95 -1.26 -7.64
CA TRP C 345 20.00 -2.00 -6.82
C TRP C 345 18.55 -1.61 -7.18
N GLN C 346 17.79 -2.61 -7.63
CA GLN C 346 16.38 -2.45 -7.95
C GLN C 346 15.58 -3.34 -7.02
N ASP C 347 14.55 -2.78 -6.41
CA ASP C 347 13.69 -3.51 -5.48
C ASP C 347 12.90 -4.58 -6.24
N ILE C 348 12.90 -5.81 -5.71
CA ILE C 348 12.19 -6.94 -6.31
C ILE C 348 11.16 -7.42 -5.28
N ILE C 349 9.88 -7.27 -5.61
CA ILE C 349 8.81 -7.60 -4.68
C ILE C 349 7.79 -8.59 -5.29
N PRO C 350 7.12 -9.35 -4.42
CA PRO C 350 6.15 -10.31 -4.92
C PRO C 350 4.83 -9.67 -5.32
N LEU C 351 4.19 -10.18 -6.36
CA LEU C 351 2.88 -9.70 -6.74
C LEU C 351 1.86 -10.10 -5.67
N ARG C 352 2.11 -11.23 -5.02
CA ARG C 352 1.24 -11.70 -3.95
C ARG C 352 2.09 -12.25 -2.83
N PRO C 353 2.43 -11.39 -1.86
CA PRO C 353 3.27 -11.74 -0.76
C PRO C 353 2.74 -12.95 -0.03
N ARG C 354 3.62 -13.90 0.29
CA ARG C 354 3.23 -15.11 1.01
C ARG C 354 3.57 -15.01 2.48
N GLN C 355 2.75 -15.68 3.30
CA GLN C 355 3.00 -15.74 4.73
CA GLN C 355 2.99 -15.72 4.74
C GLN C 355 3.95 -16.90 4.95
N GLY C 356 5.01 -16.70 5.73
CA GLY C 356 5.99 -17.75 5.98
C GLY C 356 7.35 -17.22 6.38
N GLU C 357 8.36 -18.10 6.33
CA GLU C 357 9.72 -17.74 6.71
C GLU C 357 10.62 -17.50 5.50
N ALA C 358 11.05 -16.24 5.34
CA ALA C 358 11.87 -15.82 4.21
C ALA C 358 13.25 -16.48 4.16
N GLN C 359 13.74 -16.71 2.95
CA GLN C 359 15.06 -17.26 2.71
C GLN C 359 15.79 -16.28 1.78
N THR C 360 17.12 -16.20 1.89
CA THR C 360 17.90 -15.30 1.05
C THR C 360 18.19 -15.92 -0.31
N TYR C 361 17.87 -15.18 -1.37
CA TYR C 361 18.08 -15.66 -2.73
C TYR C 361 18.80 -14.68 -3.60
N ASP C 362 19.58 -15.21 -4.53
CA ASP C 362 20.11 -14.41 -5.65
C ASP C 362 19.03 -14.67 -6.72
N LEU C 363 18.57 -13.61 -7.39
CA LEU C 363 17.56 -13.72 -8.44
C LEU C 363 18.31 -13.75 -9.75
N VAL C 364 18.32 -14.93 -10.37
CA VAL C 364 19.12 -15.14 -11.57
C VAL C 364 18.30 -15.53 -12.79
N GLY C 365 18.77 -15.11 -13.95
CA GLY C 365 18.12 -15.35 -15.23
C GLY C 365 18.26 -16.75 -15.77
N PRO C 366 17.59 -17.03 -16.89
CA PRO C 366 17.53 -18.39 -17.41
C PRO C 366 18.64 -18.82 -18.38
N VAL C 367 19.51 -17.91 -18.76
CA VAL C 367 20.50 -18.23 -19.77
C VAL C 367 21.83 -18.87 -19.23
N CYS C 368 22.97 -18.48 -19.81
CA CYS C 368 24.26 -19.08 -19.43
C CYS C 368 25.43 -18.10 -19.28
N GLU C 369 25.16 -16.92 -18.75
CA GLU C 369 26.20 -15.93 -18.52
C GLU C 369 26.25 -15.64 -17.03
N THR C 370 27.45 -15.44 -16.50
CA THR C 370 27.62 -15.13 -15.08
C THR C 370 26.99 -13.78 -14.71
N SER C 371 26.91 -12.87 -15.67
CA SER C 371 26.31 -11.55 -15.47
C SER C 371 24.77 -11.58 -15.60
N ASP C 372 24.20 -12.74 -15.90
CA ASP C 372 22.76 -12.89 -16.09
C ASP C 372 21.97 -12.97 -14.75
N PHE C 373 21.81 -11.84 -14.09
CA PHE C 373 21.08 -11.77 -12.82
C PHE C 373 20.48 -10.37 -12.61
N LEU C 374 19.39 -10.31 -11.84
CA LEU C 374 18.73 -9.03 -11.55
C LEU C 374 18.93 -8.55 -10.11
N GLY C 375 19.32 -9.45 -9.20
CA GLY C 375 19.48 -9.07 -7.82
C GLY C 375 20.16 -10.13 -6.99
N LYS C 376 20.89 -9.67 -5.96
CA LYS C 376 21.64 -10.54 -5.07
C LYS C 376 21.17 -10.41 -3.62
N ASP C 377 21.24 -11.51 -2.88
CA ASP C 377 20.92 -11.53 -1.46
C ASP C 377 19.58 -10.91 -1.08
N ARG C 378 18.49 -11.42 -1.67
CA ARG C 378 17.15 -10.90 -1.39
C ARG C 378 16.34 -11.90 -0.56
N ASP C 379 15.71 -11.39 0.50
CA ASP C 379 14.90 -12.20 1.42
C ASP C 379 13.44 -12.21 0.98
N LEU C 380 12.94 -13.38 0.62
CA LEU C 380 11.58 -13.53 0.10
C LEU C 380 11.00 -14.88 0.50
N VAL C 381 9.68 -14.98 0.51
CA VAL C 381 9.01 -16.25 0.77
C VAL C 381 8.45 -16.69 -0.59
N LEU C 382 9.15 -17.61 -1.24
CA LEU C 382 8.82 -18.02 -2.60
C LEU C 382 8.42 -19.47 -2.82
N GLN C 383 7.56 -19.65 -3.83
CA GLN C 383 7.20 -20.95 -4.38
C GLN C 383 7.36 -20.83 -5.89
N GLU C 384 7.78 -21.92 -6.51
CA GLU C 384 7.96 -21.96 -7.95
C GLU C 384 6.65 -21.56 -8.61
N GLY C 385 6.77 -20.68 -9.61
CA GLY C 385 5.62 -20.16 -10.34
C GLY C 385 5.17 -18.77 -9.89
N ASP C 386 5.61 -18.33 -8.72
CA ASP C 386 5.23 -17.02 -8.20
C ASP C 386 5.72 -15.91 -9.15
N LEU C 387 4.98 -14.82 -9.17
CA LEU C 387 5.34 -13.64 -9.97
C LEU C 387 5.95 -12.57 -9.07
N LEU C 388 6.98 -11.90 -9.60
CA LEU C 388 7.66 -10.84 -8.91
C LEU C 388 7.67 -9.61 -9.83
N ALA C 389 7.73 -8.44 -9.20
CA ALA C 389 7.90 -7.18 -9.91
C ALA C 389 9.24 -6.53 -9.55
N VAL C 390 9.97 -6.09 -10.57
CA VAL C 390 11.24 -5.37 -10.40
C VAL C 390 10.93 -3.87 -10.54
N ARG C 391 10.98 -3.14 -9.45
CA ARG C 391 10.68 -1.72 -9.50
C ARG C 391 11.74 -0.92 -10.24
N SER C 392 11.40 0.33 -10.53
N SER C 392 11.44 0.34 -10.55
CA SER C 392 12.28 1.26 -11.23
CA SER C 392 12.40 1.22 -11.20
C SER C 392 12.87 0.66 -12.49
C SER C 392 12.91 0.63 -12.51
N SER C 393 12.01 0.12 -13.34
CA SER C 393 12.41 -0.51 -14.60
C SER C 393 11.89 0.25 -15.80
N GLY C 394 11.50 1.51 -15.58
CA GLY C 394 10.94 2.34 -16.64
C GLY C 394 11.97 3.09 -17.47
N ALA C 395 13.22 3.15 -16.98
CA ALA C 395 14.32 3.82 -17.69
C ALA C 395 15.48 2.87 -17.85
N TYR C 396 16.09 2.89 -19.05
CA TYR C 396 17.20 2.05 -19.41
C TYR C 396 16.87 0.57 -19.16
N GLY C 397 15.62 0.23 -19.45
CA GLY C 397 15.16 -1.14 -19.34
C GLY C 397 14.93 -1.67 -20.74
N PHE C 398 13.71 -1.54 -21.24
CA PHE C 398 13.42 -2.03 -22.56
C PHE C 398 14.26 -1.37 -23.67
N THR C 399 14.58 -0.10 -23.51
CA THR C 399 15.38 0.60 -24.51
C THR C 399 16.74 -0.12 -24.83
N MET C 400 17.27 -0.87 -23.88
CA MET C 400 18.53 -1.61 -24.09
C MET C 400 18.32 -3.11 -24.32
N SER C 401 17.08 -3.55 -24.39
CA SER C 401 16.78 -4.94 -24.60
C SER C 401 17.28 -5.44 -25.97
N SER C 402 17.73 -6.69 -26.01
CA SER C 402 18.23 -7.29 -27.26
C SER C 402 17.59 -8.65 -27.49
N ASN C 403 18.06 -9.36 -28.52
CA ASN C 403 17.61 -10.71 -28.79
C ASN C 403 18.69 -11.74 -28.43
N TYR C 404 19.64 -11.37 -27.58
CA TYR C 404 20.72 -12.29 -27.23
C TYR C 404 20.13 -13.63 -26.75
N ASN C 405 20.71 -14.72 -27.26
CA ASN C 405 20.23 -16.11 -27.06
C ASN C 405 18.92 -16.37 -27.87
N THR C 406 18.68 -15.54 -28.89
CA THR C 406 17.52 -15.65 -29.77
C THR C 406 16.24 -15.70 -28.92
N ARG C 407 16.16 -14.73 -28.03
CA ARG C 407 14.98 -14.53 -27.17
C ARG C 407 14.19 -13.36 -27.72
N PRO C 408 12.92 -13.58 -28.03
CA PRO C 408 12.12 -12.47 -28.50
C PRO C 408 11.90 -11.42 -27.43
N ARG C 409 11.91 -10.13 -27.82
CA ARG C 409 11.70 -9.07 -26.88
C ARG C 409 10.26 -9.10 -26.40
N VAL C 410 10.08 -8.69 -25.15
CA VAL C 410 8.79 -8.82 -24.49
C VAL C 410 7.78 -7.76 -24.86
N ALA C 411 6.57 -7.94 -24.36
CA ALA C 411 5.56 -6.95 -24.55
C ALA C 411 5.71 -5.81 -23.53
N GLU C 412 5.20 -4.66 -23.93
CA GLU C 412 5.10 -3.48 -23.09
C GLU C 412 3.63 -3.06 -23.02
N VAL C 413 3.16 -2.79 -21.81
N VAL C 413 3.10 -2.90 -21.82
CA VAL C 413 1.79 -2.41 -21.53
CA VAL C 413 1.71 -2.49 -21.64
C VAL C 413 1.73 -1.12 -20.72
C VAL C 413 1.67 -1.28 -20.73
N MET C 414 0.71 -0.31 -20.98
N MET C 414 0.73 -0.38 -21.00
CA MET C 414 0.52 0.95 -20.26
CA MET C 414 0.56 0.76 -20.14
C MET C 414 -0.84 0.94 -19.57
C MET C 414 -0.81 0.73 -19.51
N VAL C 415 -0.86 1.12 -18.25
CA VAL C 415 -2.13 1.21 -17.53
C VAL C 415 -2.44 2.70 -17.35
N ASP C 416 -3.73 3.02 -17.35
CA ASP C 416 -4.23 4.37 -17.19
C ASP C 416 -5.55 4.18 -16.41
N GLY C 417 -5.49 4.30 -15.10
CA GLY C 417 -6.66 4.08 -14.25
C GLY C 417 -6.99 2.61 -14.26
N ASN C 418 -8.15 2.26 -14.77
CA ASN C 418 -8.54 0.86 -14.86
C ASN C 418 -8.47 0.35 -16.30
N LYS C 419 -7.83 1.13 -17.17
CA LYS C 419 -7.67 0.76 -18.57
C LYS C 419 -6.25 0.25 -18.82
N THR C 420 -6.13 -0.66 -19.79
CA THR C 420 -4.86 -1.27 -20.17
C THR C 420 -4.69 -1.09 -21.68
N TYR C 421 -3.48 -0.69 -22.09
CA TYR C 421 -3.18 -0.51 -23.49
C TYR C 421 -1.91 -1.28 -23.83
N LEU C 422 -1.95 -2.08 -24.88
CA LEU C 422 -0.78 -2.81 -25.31
C LEU C 422 0.01 -1.78 -26.12
N VAL C 423 1.17 -1.37 -25.63
CA VAL C 423 1.95 -0.33 -26.31
C VAL C 423 3.14 -0.89 -27.10
N ARG C 424 3.46 -2.16 -26.86
CA ARG C 424 4.38 -2.91 -27.70
C ARG C 424 4.05 -4.39 -27.65
N GLN C 425 3.79 -4.98 -28.81
CA GLN C 425 3.53 -6.41 -28.93
C GLN C 425 4.80 -7.20 -28.67
N ARG C 426 4.64 -8.38 -28.05
CA ARG C 426 5.74 -9.31 -27.88
C ARG C 426 6.20 -9.73 -29.28
N GLU C 427 7.51 -9.85 -29.49
CA GLU C 427 7.99 -10.27 -30.80
C GLU C 427 7.68 -11.75 -31.05
N GLU C 428 7.35 -12.07 -32.30
CA GLU C 428 7.13 -13.46 -32.74
C GLU C 428 8.51 -14.08 -32.94
N LEU C 429 8.70 -15.30 -32.43
CA LEU C 429 10.02 -15.92 -32.45
C LEU C 429 10.69 -15.97 -33.82
N SER C 430 9.97 -16.45 -34.85
CA SER C 430 10.58 -16.63 -36.18
C SER C 430 10.94 -15.32 -36.86
N SER C 431 10.40 -14.20 -36.36
CA SER C 431 10.78 -12.90 -36.93
C SER C 431 12.25 -12.58 -36.64
N LEU C 432 12.83 -13.21 -35.61
CA LEU C 432 14.22 -12.91 -35.20
C LEU C 432 15.26 -13.19 -36.31
N TRP C 433 14.96 -14.17 -37.17
CA TRP C 433 15.85 -14.53 -38.30
C TRP C 433 15.21 -14.31 -39.67
N ALA C 434 14.13 -13.53 -39.70
CA ALA C 434 13.40 -13.26 -40.94
C ALA C 434 14.28 -12.57 -42.00
N LEU C 435 15.25 -11.79 -41.56
CA LEU C 435 16.12 -11.06 -42.48
C LEU C 435 17.40 -11.83 -42.90
N GLU C 436 17.54 -13.06 -42.42
CA GLU C 436 18.75 -13.83 -42.67
C GLU C 436 18.62 -14.86 -43.79
N SER C 437 19.76 -15.41 -44.18
CA SER C 437 19.78 -16.44 -45.21
C SER C 437 20.94 -17.42 -45.06
N VAL C 438 20.73 -18.62 -45.57
CA VAL C 438 21.74 -19.66 -45.54
C VAL C 438 22.58 -19.52 -46.79
N LEU C 439 23.62 -20.34 -46.88
CA LEU C 439 24.51 -20.34 -48.03
C LEU C 439 23.80 -20.92 -49.25
N PRO C 440 24.25 -20.55 -50.45
CA PRO C 440 23.60 -21.12 -51.62
C PRO C 440 23.80 -22.62 -51.68
N GLU C 441 22.79 -23.33 -52.14
CA GLU C 441 22.88 -24.78 -52.30
C GLU C 441 23.53 -25.07 -53.66
N MET D 25 45.27 -16.92 -36.78
CA MET D 25 45.17 -16.70 -38.25
C MET D 25 43.71 -16.52 -38.72
N ASP D 26 43.57 -16.12 -39.99
CA ASP D 26 42.29 -15.91 -40.65
C ASP D 26 42.56 -15.42 -42.07
N TYR D 27 41.50 -15.20 -42.84
CA TYR D 27 41.63 -14.79 -44.22
C TYR D 27 41.36 -13.29 -44.47
N PHE D 28 41.48 -12.47 -43.45
CA PHE D 28 41.38 -11.01 -43.59
C PHE D 28 42.84 -10.56 -43.69
N ASN D 29 43.27 -10.28 -44.91
CA ASN D 29 44.69 -9.98 -45.15
C ASN D 29 44.88 -8.79 -46.07
N TYR D 30 45.93 -8.02 -45.80
CA TYR D 30 46.23 -6.95 -46.69
C TYR D 30 46.85 -7.58 -47.92
N GLN D 31 46.74 -6.90 -49.05
N GLN D 31 46.80 -6.89 -49.08
CA GLN D 31 47.37 -7.38 -50.26
CA GLN D 31 47.42 -7.38 -50.34
C GLN D 31 48.30 -6.28 -50.73
C GLN D 31 48.28 -6.30 -50.99
N GLU D 32 48.92 -6.55 -51.88
N GLU D 32 49.09 -6.64 -52.01
CA GLU D 32 49.93 -5.68 -52.49
CA GLU D 32 50.01 -5.69 -52.60
C GLU D 32 49.38 -4.34 -52.91
C GLU D 32 49.40 -4.35 -53.04
N ASP D 33 48.08 -4.28 -53.21
CA ASP D 33 47.42 -3.04 -53.58
C ASP D 33 47.19 -2.12 -52.37
N GLY D 34 47.62 -2.54 -51.19
CA GLY D 34 47.55 -1.72 -49.98
C GLY D 34 46.22 -1.65 -49.25
N GLN D 35 45.30 -2.57 -49.55
CA GLN D 35 43.99 -2.55 -48.88
C GLN D 35 43.74 -3.92 -48.25
N LEU D 36 42.79 -3.96 -47.31
CA LEU D 36 42.44 -5.18 -46.60
C LEU D 36 41.37 -5.95 -47.37
N TRP D 37 41.62 -7.25 -47.57
CA TRP D 37 40.69 -8.13 -48.28
C TRP D 37 40.14 -9.18 -47.32
N ALA D 38 38.91 -9.60 -47.58
CA ALA D 38 38.25 -10.71 -46.86
C ALA D 38 38.25 -11.80 -47.92
N GLU D 39 39.11 -12.81 -47.76
CA GLU D 39 39.29 -13.82 -48.82
C GLU D 39 39.58 -13.08 -50.12
N GLN D 40 38.84 -13.30 -51.20
CA GLN D 40 39.12 -12.56 -52.45
C GLN D 40 38.11 -11.44 -52.74
N VAL D 41 37.63 -10.80 -51.67
CA VAL D 41 36.71 -9.68 -51.80
C VAL D 41 37.26 -8.50 -51.01
N PRO D 42 37.50 -7.34 -51.68
CA PRO D 42 38.02 -6.20 -50.91
C PRO D 42 36.98 -5.71 -49.91
N LEU D 43 37.39 -5.48 -48.68
CA LEU D 43 36.46 -5.01 -47.64
C LEU D 43 35.85 -3.65 -47.99
N ALA D 44 36.67 -2.77 -48.55
CA ALA D 44 36.19 -1.42 -48.93
C ALA D 44 35.00 -1.53 -49.88
N ASP D 45 35.05 -2.49 -50.81
CA ASP D 45 33.95 -2.74 -51.76
C ASP D 45 32.65 -3.12 -51.03
N LEU D 46 32.77 -3.99 -50.03
CA LEU D 46 31.60 -4.40 -49.23
C LEU D 46 31.01 -3.20 -48.46
N ALA D 47 31.87 -2.37 -47.88
CA ALA D 47 31.42 -1.15 -47.20
C ALA D 47 30.59 -0.27 -48.15
N ASN D 48 31.07 -0.10 -49.38
N ASN D 48 31.10 -0.11 -49.38
CA ASN D 48 30.38 0.70 -50.38
CA ASN D 48 30.42 0.67 -50.41
C ASN D 48 29.10 0.06 -50.89
C ASN D 48 29.10 0.05 -50.82
N GLN D 49 29.09 -1.25 -51.03
CA GLN D 49 27.89 -1.95 -51.46
C GLN D 49 26.81 -2.05 -50.37
N TYR D 50 27.19 -2.36 -49.14
CA TYR D 50 26.18 -2.56 -48.07
C TYR D 50 26.15 -1.53 -46.97
N GLY D 51 27.02 -0.52 -47.05
CA GLY D 51 27.10 0.52 -46.05
C GLY D 51 27.84 0.10 -44.78
N THR D 52 27.99 1.05 -43.86
CA THR D 52 28.67 0.82 -42.58
C THR D 52 27.82 1.34 -41.43
N PRO D 53 28.00 0.78 -40.23
CA PRO D 53 28.88 -0.33 -39.92
C PRO D 53 28.40 -1.63 -40.59
N LEU D 54 29.31 -2.58 -40.71
CA LEU D 54 29.02 -3.84 -41.37
C LEU D 54 29.77 -5.00 -40.77
N TYR D 55 29.09 -6.09 -40.45
CA TYR D 55 29.81 -7.29 -40.04
C TYR D 55 30.12 -8.13 -41.28
N VAL D 56 31.36 -8.59 -41.38
CA VAL D 56 31.78 -9.43 -42.51
C VAL D 56 32.43 -10.69 -41.94
N TYR D 57 31.90 -11.84 -42.35
CA TYR D 57 32.38 -13.12 -41.94
C TYR D 57 33.09 -13.84 -43.10
N SER D 58 34.11 -14.60 -42.76
CA SER D 58 34.85 -15.38 -43.73
C SER D 58 34.49 -16.85 -43.61
N ARG D 59 33.93 -17.42 -44.67
CA ARG D 59 33.54 -18.84 -44.65
C ARG D 59 34.75 -19.73 -44.43
N ALA D 60 35.85 -19.44 -45.14
CA ALA D 60 37.08 -20.24 -45.02
C ALA D 60 37.63 -20.22 -43.60
N THR D 61 37.54 -19.08 -42.91
CA THR D 61 38.03 -18.97 -41.54
C THR D 61 37.20 -19.83 -40.59
N LEU D 62 35.88 -19.77 -40.73
CA LEU D 62 34.99 -20.64 -39.91
C LEU D 62 35.34 -22.10 -40.13
N GLU D 63 35.40 -22.50 -41.39
CA GLU D 63 35.68 -23.90 -41.75
C GLU D 63 37.05 -24.34 -41.25
N ARG D 64 38.08 -23.53 -41.46
CA ARG D 64 39.41 -23.88 -40.97
C ARG D 64 39.45 -24.10 -39.46
N HIS D 65 38.84 -23.19 -38.72
CA HIS D 65 38.80 -23.28 -37.28
C HIS D 65 38.02 -24.50 -36.81
N TRP D 66 36.89 -24.79 -37.43
CA TRP D 66 36.11 -25.98 -37.05
C TRP D 66 36.93 -27.26 -37.33
N HIS D 67 37.51 -27.36 -38.53
CA HIS D 67 38.33 -28.53 -38.87
C HIS D 67 39.52 -28.73 -37.93
N ALA D 68 40.19 -27.64 -37.57
CA ALA D 68 41.32 -27.71 -36.65
C ALA D 68 40.88 -28.28 -35.32
N PHE D 69 39.70 -27.89 -34.88
CA PHE D 69 39.17 -28.37 -33.62
C PHE D 69 38.76 -29.83 -33.75
N ASP D 70 38.04 -30.16 -34.81
CA ASP D 70 37.54 -31.51 -35.04
C ASP D 70 38.66 -32.55 -35.17
N LYS D 71 39.76 -32.18 -35.83
CA LYS D 71 40.88 -33.11 -36.03
C LYS D 71 41.84 -33.22 -34.85
N SER D 72 41.91 -32.18 -34.01
CA SER D 72 42.79 -32.18 -32.84
C SER D 72 42.45 -33.27 -31.84
N VAL D 73 41.20 -33.68 -31.80
CA VAL D 73 40.75 -34.72 -30.87
C VAL D 73 41.24 -36.08 -31.37
N GLY D 74 41.54 -36.13 -32.66
CA GLY D 74 42.07 -37.33 -33.27
C GLY D 74 41.02 -38.36 -33.58
N ASP D 75 41.42 -39.62 -33.44
CA ASP D 75 40.56 -40.74 -33.76
C ASP D 75 39.74 -41.17 -32.53
N TYR D 76 39.48 -40.21 -31.65
CA TYR D 76 38.72 -40.47 -30.45
C TYR D 76 37.25 -40.09 -30.73
N PRO D 77 36.29 -40.95 -30.37
CA PRO D 77 34.89 -40.57 -30.63
C PRO D 77 34.55 -39.24 -29.95
N HIS D 78 34.06 -38.28 -30.74
CA HIS D 78 33.73 -36.96 -30.22
C HIS D 78 32.69 -36.26 -31.08
N LEU D 79 32.17 -35.16 -30.54
CA LEU D 79 31.26 -34.28 -31.25
C LEU D 79 31.60 -32.84 -30.88
N ILE D 80 31.74 -31.99 -31.88
CA ILE D 80 31.92 -30.56 -31.62
C ILE D 80 30.52 -29.96 -31.63
N CYS D 81 30.08 -29.48 -30.46
CA CYS D 81 28.77 -28.80 -30.30
C CYS D 81 29.00 -27.31 -30.22
N TYR D 82 29.11 -26.68 -31.39
CA TYR D 82 29.31 -25.25 -31.53
C TYR D 82 28.31 -24.45 -30.68
N ALA D 83 28.84 -23.53 -29.90
CA ALA D 83 28.03 -22.68 -29.01
C ALA D 83 27.35 -21.61 -29.85
N VAL D 84 26.09 -21.88 -30.21
CA VAL D 84 25.30 -21.02 -31.09
C VAL D 84 25.26 -19.58 -30.64
N LYS D 85 25.21 -19.36 -29.32
CA LYS D 85 25.09 -18.02 -28.80
C LYS D 85 26.24 -17.09 -29.23
N ALA D 86 27.41 -17.67 -29.53
CA ALA D 86 28.57 -16.86 -29.96
C ALA D 86 28.28 -16.08 -31.24
N ASN D 87 27.57 -16.73 -32.14
CA ASN D 87 27.20 -16.18 -33.46
C ASN D 87 26.18 -17.17 -34.06
N SER D 88 24.92 -16.75 -34.07
N SER D 88 24.92 -16.71 -34.07
CA SER D 88 23.84 -17.65 -34.51
CA SER D 88 23.78 -17.55 -34.46
C SER D 88 23.22 -17.25 -35.85
C SER D 88 23.29 -17.34 -35.89
N ASN D 89 23.93 -16.43 -36.63
CA ASN D 89 23.50 -16.09 -37.99
C ASN D 89 23.25 -17.37 -38.79
N LEU D 90 22.13 -17.47 -39.52
CA LEU D 90 21.82 -18.72 -40.25
C LEU D 90 22.93 -19.16 -41.22
N GLY D 91 23.61 -18.21 -41.85
CA GLY D 91 24.70 -18.53 -42.76
C GLY D 91 25.91 -19.13 -42.06
N VAL D 92 26.20 -18.60 -40.87
CA VAL D 92 27.27 -19.10 -40.04
C VAL D 92 26.92 -20.52 -39.58
N LEU D 93 25.71 -20.68 -39.07
CA LEU D 93 25.27 -22.00 -38.63
C LEU D 93 25.24 -23.02 -39.78
N ASN D 94 24.74 -22.59 -40.95
CA ASN D 94 24.64 -23.44 -42.13
C ASN D 94 26.04 -23.86 -42.59
N THR D 95 27.00 -22.95 -42.50
CA THR D 95 28.39 -23.30 -42.84
C THR D 95 28.85 -24.51 -42.03
N LEU D 96 28.59 -24.49 -40.72
CA LEU D 96 29.02 -25.52 -39.81
C LEU D 96 28.20 -26.78 -39.93
N ALA D 97 26.89 -26.63 -40.16
CA ALA D 97 26.01 -27.79 -40.31
C ALA D 97 26.46 -28.64 -41.51
N ARG D 98 26.93 -27.97 -42.57
CA ARG D 98 27.41 -28.68 -43.78
C ARG D 98 28.67 -29.51 -43.49
N LEU D 99 29.42 -29.11 -42.48
CA LEU D 99 30.61 -29.85 -42.07
C LEU D 99 30.24 -31.03 -41.16
N GLY D 100 28.98 -31.12 -40.74
CA GLY D 100 28.52 -32.17 -39.80
C GLY D 100 28.64 -31.76 -38.33
N SER D 101 28.79 -30.47 -38.06
CA SER D 101 28.93 -30.00 -36.69
C SER D 101 27.70 -30.27 -35.84
N GLY D 102 27.93 -30.39 -34.55
CA GLY D 102 26.88 -30.40 -33.55
C GLY D 102 26.69 -28.96 -33.11
N PHE D 103 25.76 -28.75 -32.18
CA PHE D 103 25.44 -27.43 -31.67
C PHE D 103 25.02 -27.49 -30.23
N ASP D 104 25.42 -26.48 -29.46
CA ASP D 104 24.96 -26.32 -28.07
C ASP D 104 24.01 -25.15 -28.10
N ILE D 105 22.76 -25.37 -27.67
CA ILE D 105 21.77 -24.33 -27.67
C ILE D 105 21.32 -24.02 -26.24
N VAL D 106 20.79 -22.81 -26.01
CA VAL D 106 20.30 -22.44 -24.70
C VAL D 106 18.82 -21.98 -24.73
N SER D 107 18.19 -22.10 -25.88
CA SER D 107 16.80 -21.68 -26.02
C SER D 107 16.11 -22.32 -27.18
N VAL D 108 14.78 -22.27 -27.17
CA VAL D 108 14.02 -22.79 -28.27
C VAL D 108 14.35 -22.01 -29.55
N GLY D 109 14.57 -20.70 -29.42
CA GLY D 109 14.97 -19.87 -30.56
C GLY D 109 16.23 -20.41 -31.20
N GLU D 110 17.23 -20.73 -30.39
CA GLU D 110 18.46 -21.27 -30.91
C GLU D 110 18.25 -22.60 -31.57
N LEU D 111 17.38 -23.46 -30.99
CA LEU D 111 17.06 -24.72 -31.62
C LEU D 111 16.41 -24.50 -32.99
N GLU D 112 15.42 -23.61 -33.07
CA GLU D 112 14.76 -23.33 -34.36
C GLU D 112 15.76 -22.75 -35.41
N ARG D 113 16.70 -21.92 -34.97
CA ARG D 113 17.75 -21.41 -35.86
C ARG D 113 18.57 -22.56 -36.43
N VAL D 114 18.96 -23.51 -35.56
CA VAL D 114 19.74 -24.68 -35.99
C VAL D 114 19.00 -25.45 -37.08
N LEU D 115 17.71 -25.71 -36.86
CA LEU D 115 16.89 -26.40 -37.85
C LEU D 115 16.80 -25.63 -39.14
N ALA D 116 16.54 -24.33 -39.05
CA ALA D 116 16.44 -23.47 -40.23
C ALA D 116 17.73 -23.44 -41.03
N ALA D 117 18.86 -23.64 -40.34
CA ALA D 117 20.17 -23.64 -40.97
C ALA D 117 20.61 -25.02 -41.48
N GLY D 118 19.72 -26.01 -41.41
CA GLY D 118 20.02 -27.36 -41.88
C GLY D 118 20.80 -28.21 -40.91
N GLY D 119 20.79 -27.83 -39.63
CA GLY D 119 21.49 -28.56 -38.59
C GLY D 119 20.74 -29.80 -38.21
N ASP D 120 21.46 -30.80 -37.72
CA ASP D 120 20.89 -32.08 -37.29
C ASP D 120 20.53 -32.08 -35.80
N PRO D 121 19.25 -32.18 -35.48
CA PRO D 121 18.87 -32.18 -34.06
C PRO D 121 19.48 -33.28 -33.22
N SER D 122 19.86 -34.40 -33.86
CA SER D 122 20.49 -35.53 -33.18
C SER D 122 21.91 -35.17 -32.72
N LYS D 123 22.42 -34.01 -33.16
CA LYS D 123 23.73 -33.50 -32.77
C LYS D 123 23.61 -32.22 -31.95
N VAL D 124 22.41 -31.97 -31.40
CA VAL D 124 22.17 -30.81 -30.57
C VAL D 124 22.08 -31.16 -29.08
N VAL D 125 22.77 -30.39 -28.26
CA VAL D 125 22.65 -30.50 -26.78
C VAL D 125 22.03 -29.19 -26.30
N PHE D 126 21.16 -29.28 -25.28
CA PHE D 126 20.41 -28.15 -24.76
C PHE D 126 20.88 -27.79 -23.34
N SER D 127 21.51 -26.61 -23.22
CA SER D 127 21.99 -26.09 -21.94
C SER D 127 21.09 -24.95 -21.43
N GLY D 128 21.30 -24.53 -20.19
CA GLY D 128 20.55 -23.38 -19.64
C GLY D 128 19.87 -23.72 -18.33
N VAL D 129 19.85 -22.77 -17.43
CA VAL D 129 19.32 -23.03 -16.09
C VAL D 129 17.83 -22.83 -15.99
N GLY D 130 17.21 -22.18 -16.97
CA GLY D 130 15.77 -21.91 -16.88
C GLY D 130 14.87 -22.43 -17.99
N LYS D 131 15.16 -23.62 -18.48
CA LYS D 131 14.39 -24.25 -19.58
C LYS D 131 12.92 -24.34 -19.21
N THR D 132 12.05 -23.89 -20.11
CA THR D 132 10.58 -23.91 -19.87
C THR D 132 10.00 -25.24 -20.36
N GLU D 133 8.80 -25.57 -19.90
CA GLU D 133 8.17 -26.80 -20.38
C GLU D 133 7.98 -26.78 -21.90
N ALA D 134 7.65 -25.61 -22.45
CA ALA D 134 7.41 -25.47 -23.89
C ALA D 134 8.70 -25.76 -24.69
N GLU D 135 9.81 -25.27 -24.17
CA GLU D 135 11.11 -25.49 -24.82
C GLU D 135 11.50 -26.94 -24.75
N MET D 136 11.28 -27.56 -23.59
CA MET D 136 11.56 -28.99 -23.43
C MET D 136 10.74 -29.86 -24.39
N LYS D 137 9.47 -29.55 -24.56
CA LYS D 137 8.63 -30.32 -25.45
C LYS D 137 9.11 -30.26 -26.90
N ARG D 138 9.47 -29.08 -27.35
CA ARG D 138 9.97 -28.90 -28.70
C ARG D 138 11.26 -29.70 -28.92
N ALA D 139 12.18 -29.65 -27.95
CA ALA D 139 13.43 -30.39 -28.06
C ALA D 139 13.16 -31.90 -28.05
N LEU D 140 12.20 -32.35 -27.22
CA LEU D 140 11.83 -33.77 -27.17
C LEU D 140 11.20 -34.20 -28.49
N GLN D 141 10.35 -33.36 -29.07
CA GLN D 141 9.72 -33.63 -30.38
C GLN D 141 10.77 -33.85 -31.46
N LEU D 142 11.83 -33.03 -31.44
CA LEU D 142 12.94 -33.10 -32.39
C LEU D 142 14.00 -34.15 -32.07
N LYS D 143 13.86 -34.80 -30.92
CA LYS D 143 14.75 -35.87 -30.48
C LYS D 143 16.21 -35.44 -30.42
N ILE D 144 16.46 -34.37 -29.68
CA ILE D 144 17.82 -33.85 -29.50
C ILE D 144 18.74 -34.85 -28.78
N LYS D 145 20.04 -34.65 -28.93
CA LYS D 145 21.02 -35.56 -28.32
C LYS D 145 20.98 -35.64 -26.80
N CYS D 146 20.88 -34.50 -26.14
CA CYS D 146 20.92 -34.49 -24.68
C CYS D 146 20.50 -33.18 -24.06
N PHE D 147 19.86 -33.26 -22.89
CA PHE D 147 19.54 -32.07 -22.10
C PHE D 147 20.60 -31.98 -21.02
N ASN D 148 21.26 -30.83 -20.94
CA ASN D 148 22.29 -30.58 -19.92
C ASN D 148 21.59 -29.90 -18.77
N VAL D 149 21.25 -30.72 -17.79
CA VAL D 149 20.43 -30.29 -16.66
C VAL D 149 21.27 -29.66 -15.56
N GLU D 150 20.74 -28.57 -14.99
CA GLU D 150 21.49 -27.77 -14.00
C GLU D 150 20.96 -27.81 -12.58
N SER D 151 19.79 -28.40 -12.34
CA SER D 151 19.19 -28.39 -11.01
C SER D 151 18.19 -29.52 -10.86
N GLU D 152 17.85 -29.86 -9.61
N GLU D 152 17.85 -29.85 -9.61
CA GLU D 152 16.85 -30.92 -9.35
CA GLU D 152 16.88 -30.91 -9.34
C GLU D 152 15.44 -30.52 -9.80
C GLU D 152 15.45 -30.51 -9.78
N PRO D 153 15.05 -29.24 -9.57
CA PRO D 153 13.71 -28.85 -10.03
C PRO D 153 13.59 -28.97 -11.57
N GLU D 154 14.68 -28.71 -12.27
CA GLU D 154 14.69 -28.86 -13.75
C GLU D 154 14.53 -30.35 -14.10
N LEU D 155 15.21 -31.21 -13.35
CA LEU D 155 15.12 -32.65 -13.58
C LEU D 155 13.67 -33.13 -13.43
N GLN D 156 12.99 -32.63 -12.39
CA GLN D 156 11.57 -33.00 -12.17
C GLN D 156 10.70 -32.46 -13.29
N ARG D 157 10.94 -31.23 -13.73
CA ARG D 157 10.17 -30.68 -14.84
C ARG D 157 10.36 -31.50 -16.11
N LEU D 158 11.60 -31.83 -16.45
CA LEU D 158 11.89 -32.61 -17.67
C LEU D 158 11.26 -33.99 -17.59
N ASN D 159 11.36 -34.63 -16.43
CA ASN D 159 10.73 -35.96 -16.28
C ASN D 159 9.21 -35.88 -16.47
N LYS D 160 8.61 -34.80 -15.97
CA LYS D 160 7.17 -34.58 -16.07
C LYS D 160 6.76 -34.40 -17.51
N VAL D 161 7.49 -33.52 -18.23
CA VAL D 161 7.17 -33.29 -19.64
C VAL D 161 7.37 -34.52 -20.50
N ALA D 162 8.46 -35.25 -20.28
CA ALA D 162 8.77 -36.45 -21.06
C ALA D 162 7.66 -37.50 -20.82
N GLY D 163 7.18 -37.58 -19.60
CA GLY D 163 6.09 -38.51 -19.23
C GLY D 163 4.84 -38.14 -19.98
N GLU D 164 4.56 -36.84 -20.08
CA GLU D 164 3.37 -36.34 -20.82
C GLU D 164 3.44 -36.65 -22.32
N LEU D 165 4.65 -36.65 -22.88
CA LEU D 165 4.81 -36.99 -24.31
C LEU D 165 5.01 -38.49 -24.55
N GLY D 166 5.14 -39.26 -23.48
CA GLY D 166 5.36 -40.71 -23.62
C GLY D 166 6.73 -41.09 -24.14
N VAL D 167 7.75 -40.28 -23.83
CA VAL D 167 9.12 -40.55 -24.27
C VAL D 167 10.07 -40.52 -23.08
N LYS D 168 11.35 -40.78 -23.35
CA LYS D 168 12.41 -40.76 -22.35
C LYS D 168 13.41 -39.66 -22.70
N ALA D 169 13.61 -38.70 -21.82
CA ALA D 169 14.53 -37.59 -22.12
C ALA D 169 15.96 -37.98 -21.78
N PRO D 170 16.90 -37.80 -22.74
CA PRO D 170 18.30 -38.09 -22.47
C PRO D 170 18.92 -36.98 -21.65
N ILE D 171 19.56 -37.30 -20.53
CA ILE D 171 20.13 -36.22 -19.72
C ILE D 171 21.60 -36.35 -19.35
N SER D 172 22.16 -35.18 -19.08
CA SER D 172 23.51 -35.04 -18.54
C SER D 172 23.33 -34.07 -17.38
N LEU D 173 24.18 -34.17 -16.35
CA LEU D 173 24.12 -33.23 -15.25
C LEU D 173 25.35 -32.33 -15.32
N ARG D 174 25.13 -31.03 -15.14
CA ARG D 174 26.20 -30.04 -15.11
C ARG D 174 26.83 -30.14 -13.70
N ILE D 175 28.04 -30.65 -13.63
CA ILE D 175 28.75 -30.82 -12.37
C ILE D 175 29.89 -29.82 -12.28
N ASN D 176 30.01 -29.17 -11.14
CA ASN D 176 31.10 -28.24 -10.90
C ASN D 176 32.35 -29.00 -10.46
N PRO D 177 33.52 -28.59 -10.98
CA PRO D 177 34.81 -29.21 -10.65
C PRO D 177 35.00 -29.37 -9.13
N ASP D 178 35.68 -30.46 -8.73
CA ASP D 178 35.93 -30.72 -7.32
C ASP D 178 37.08 -29.82 -6.84
N VAL D 179 36.71 -28.71 -6.21
CA VAL D 179 37.67 -27.74 -5.71
C VAL D 179 37.31 -27.35 -4.27
N ASP D 180 38.32 -27.07 -3.44
CA ASP D 180 38.11 -26.65 -2.05
C ASP D 180 38.79 -25.29 -1.81
N ALA D 181 38.36 -24.59 -0.76
CA ALA D 181 38.89 -23.26 -0.42
C ALA D 181 40.38 -23.27 -0.02
N LYS D 182 40.80 -24.30 0.71
CA LYS D 182 42.19 -24.40 1.18
C LYS D 182 43.25 -24.17 0.11
N THR D 183 43.20 -24.94 -0.97
CA THR D 183 44.18 -24.85 -2.04
C THR D 183 43.86 -23.80 -3.09
N HIS D 184 42.61 -23.81 -3.58
CA HIS D 184 42.20 -22.88 -4.63
C HIS D 184 40.97 -22.06 -4.21
N PRO D 185 41.20 -20.94 -3.51
CA PRO D 185 40.14 -20.06 -3.00
C PRO D 185 39.44 -19.23 -4.07
N TYR D 186 40.21 -18.70 -5.03
CA TYR D 186 39.66 -17.86 -6.09
C TYR D 186 38.69 -18.66 -6.98
N ILE D 187 39.15 -19.80 -7.49
CA ILE D 187 38.33 -20.66 -8.33
C ILE D 187 37.09 -21.17 -7.58
N SER D 188 37.31 -21.62 -6.35
CA SER D 188 36.23 -22.13 -5.49
C SER D 188 35.13 -21.09 -5.23
N THR D 189 35.53 -19.83 -5.05
CA THR D 189 34.56 -18.74 -4.80
C THR D 189 33.66 -18.49 -6.03
N GLY D 190 34.22 -18.60 -7.23
CA GLY D 190 33.46 -18.44 -8.47
C GLY D 190 32.42 -19.53 -8.65
N LEU D 191 32.78 -20.76 -8.26
CA LEU D 191 31.87 -21.91 -8.31
C LEU D 191 30.70 -21.72 -7.34
N ARG D 192 31.02 -21.38 -6.09
CA ARG D 192 29.99 -21.16 -5.04
C ARG D 192 29.03 -20.01 -5.34
N ASP D 193 29.55 -18.90 -5.85
CA ASP D 193 28.75 -17.71 -6.14
C ASP D 193 27.83 -17.83 -7.35
N ASN D 194 28.15 -18.74 -8.27
CA ASN D 194 27.36 -18.88 -9.50
C ASN D 194 26.25 -19.95 -9.48
N LYS D 195 25.26 -19.72 -10.34
CA LYS D 195 24.05 -20.55 -10.45
C LYS D 195 24.24 -21.86 -11.18
N PHE D 196 25.42 -22.06 -11.76
CA PHE D 196 25.67 -23.21 -12.60
C PHE D 196 26.09 -24.48 -11.89
N GLY D 197 25.48 -25.59 -12.31
CA GLY D 197 25.82 -26.93 -11.86
C GLY D 197 25.61 -27.36 -10.43
N ILE D 198 25.95 -28.64 -10.20
CA ILE D 198 25.80 -29.27 -8.92
C ILE D 198 27.19 -29.47 -8.34
N THR D 199 27.33 -29.31 -7.03
CA THR D 199 28.63 -29.48 -6.42
C THR D 199 29.09 -30.92 -6.64
N PHE D 200 30.38 -31.09 -6.84
CA PHE D 200 30.92 -32.41 -7.09
C PHE D 200 30.51 -33.42 -6.01
N ASP D 201 30.52 -33.03 -4.74
CA ASP D 201 30.17 -33.96 -3.65
C ASP D 201 28.72 -34.43 -3.70
N ARG D 202 27.84 -33.65 -4.32
CA ARG D 202 26.43 -34.04 -4.41
C ARG D 202 26.08 -34.65 -5.76
N ALA D 203 27.04 -34.71 -6.68
CA ALA D 203 26.78 -35.23 -8.02
C ALA D 203 26.18 -36.64 -8.03
N ALA D 204 26.75 -37.54 -7.23
CA ALA D 204 26.28 -38.92 -7.20
C ALA D 204 24.83 -39.04 -6.76
N GLN D 205 24.45 -38.23 -5.79
CA GLN D 205 23.09 -38.21 -5.26
C GLN D 205 22.06 -37.74 -6.30
N VAL D 206 22.42 -36.73 -7.07
CA VAL D 206 21.50 -36.21 -8.09
C VAL D 206 21.40 -37.18 -9.28
N TYR D 207 22.51 -37.82 -9.65
CA TYR D 207 22.47 -38.85 -10.70
C TYR D 207 21.58 -40.03 -10.30
N ARG D 208 21.62 -40.36 -9.01
CA ARG D 208 20.83 -41.45 -8.46
C ARG D 208 19.33 -41.10 -8.55
N LEU D 209 18.99 -39.83 -8.32
CA LEU D 209 17.63 -39.33 -8.45
C LEU D 209 17.23 -39.40 -9.92
N ALA D 210 18.08 -38.86 -10.80
CA ALA D 210 17.80 -38.91 -12.25
C ALA D 210 17.57 -40.34 -12.69
N HIS D 211 18.46 -41.23 -12.29
CA HIS D 211 18.36 -42.63 -12.67
C HIS D 211 17.04 -43.30 -12.23
N SER D 212 16.48 -42.83 -11.12
CA SER D 212 15.22 -43.36 -10.57
C SER D 212 13.94 -42.78 -11.20
N LEU D 213 14.07 -41.67 -11.93
CA LEU D 213 12.91 -41.05 -12.56
C LEU D 213 12.59 -41.81 -13.85
N PRO D 214 11.33 -42.27 -13.99
CA PRO D 214 10.93 -43.14 -15.09
C PRO D 214 10.99 -42.60 -16.52
N ASN D 215 10.98 -41.28 -16.70
CA ASN D 215 10.94 -40.71 -18.05
C ASN D 215 12.27 -40.06 -18.45
N LEU D 216 13.33 -40.39 -17.74
CA LEU D 216 14.68 -39.88 -18.04
C LEU D 216 15.63 -41.02 -18.29
N ASP D 217 16.64 -40.76 -19.13
CA ASP D 217 17.71 -41.72 -19.39
C ASP D 217 19.04 -41.01 -19.14
N VAL D 218 19.86 -41.55 -18.24
CA VAL D 218 21.15 -40.93 -17.92
C VAL D 218 22.16 -41.26 -19.02
N HIS D 219 22.63 -40.23 -19.71
CA HIS D 219 23.58 -40.39 -20.81
C HIS D 219 24.94 -39.76 -20.54
N GLY D 220 24.99 -38.59 -19.92
CA GLY D 220 26.30 -37.96 -19.75
C GLY D 220 26.58 -37.17 -18.51
N ILE D 221 27.77 -36.57 -18.51
CA ILE D 221 28.20 -35.69 -17.45
C ILE D 221 28.75 -34.46 -18.16
N ASP D 222 28.39 -33.31 -17.64
CA ASP D 222 28.76 -32.02 -18.19
C ASP D 222 29.60 -31.29 -17.12
N CYS D 223 30.92 -31.19 -17.35
CA CYS D 223 31.81 -30.51 -16.40
C CYS D 223 32.74 -29.62 -17.20
N HIS D 224 32.58 -28.31 -17.06
CA HIS D 224 33.32 -27.33 -17.88
C HIS D 224 34.71 -27.00 -17.33
N ILE D 225 35.58 -27.99 -17.37
CA ILE D 225 36.95 -27.84 -16.87
C ILE D 225 37.81 -26.92 -17.74
N GLY D 226 37.44 -26.76 -19.01
CA GLY D 226 38.22 -25.94 -19.94
C GLY D 226 38.11 -24.42 -19.76
N SER D 227 36.91 -23.95 -19.43
CA SER D 227 36.66 -22.51 -19.27
C SER D 227 36.98 -21.99 -17.87
N GLN D 228 36.74 -22.83 -16.86
CA GLN D 228 36.92 -22.46 -15.46
C GLN D 228 38.37 -22.62 -14.95
N LEU D 229 38.90 -23.83 -15.04
CA LEU D 229 40.26 -24.13 -14.56
C LEU D 229 41.32 -23.73 -15.61
N THR D 230 41.89 -22.54 -15.42
CA THR D 230 42.86 -22.00 -16.38
C THR D 230 44.28 -22.61 -16.29
N ALA D 231 44.75 -22.91 -15.08
CA ALA D 231 46.08 -23.49 -14.91
C ALA D 231 46.08 -24.99 -15.27
N LEU D 232 47.15 -25.45 -15.91
CA LEU D 232 47.28 -26.85 -16.35
C LEU D 232 47.16 -27.85 -15.19
N ALA D 233 47.86 -27.57 -14.09
CA ALA D 233 47.84 -28.44 -12.92
C ALA D 233 46.41 -28.72 -12.44
N PRO D 234 45.65 -27.67 -12.06
CA PRO D 234 44.27 -27.93 -11.56
C PRO D 234 43.32 -28.54 -12.61
N PHE D 235 43.57 -28.26 -13.89
CA PHE D 235 42.78 -28.83 -14.99
C PHE D 235 42.94 -30.35 -15.02
N ILE D 236 44.18 -30.82 -14.85
CA ILE D 236 44.45 -32.27 -14.85
C ILE D 236 43.84 -32.95 -13.61
N ASP D 237 43.94 -32.28 -12.46
CA ASP D 237 43.42 -32.86 -11.22
C ASP D 237 41.91 -33.06 -11.32
N ALA D 238 41.20 -32.06 -11.85
CA ALA D 238 39.74 -32.14 -12.00
C ALA D 238 39.29 -33.22 -12.99
N THR D 239 40.09 -33.45 -14.02
CA THR D 239 39.79 -34.49 -14.99
C THR D 239 39.83 -35.86 -14.30
N ASP D 240 40.89 -36.12 -13.54
CA ASP D 240 41.05 -37.40 -12.83
C ASP D 240 39.91 -37.67 -11.85
N ARG D 241 39.46 -36.62 -11.16
CA ARG D 241 38.38 -36.75 -10.20
C ARG D 241 37.07 -37.03 -10.91
N LEU D 242 36.90 -36.40 -12.07
CA LEU D 242 35.68 -36.58 -12.87
C LEU D 242 35.60 -38.03 -13.35
N LEU D 243 36.72 -38.59 -13.77
CA LEU D 243 36.76 -39.99 -14.22
C LEU D 243 36.48 -40.94 -13.05
N ALA D 244 36.97 -40.58 -11.87
CA ALA D 244 36.73 -41.37 -10.67
C ALA D 244 35.22 -41.46 -10.44
N LEU D 245 34.54 -40.33 -10.64
CA LEU D 245 33.08 -40.26 -10.50
C LEU D 245 32.36 -41.16 -11.50
N ILE D 246 32.79 -41.11 -12.76
CA ILE D 246 32.21 -41.97 -13.81
C ILE D 246 32.36 -43.45 -13.41
N ASP D 247 33.56 -43.80 -12.92
CA ASP D 247 33.82 -45.17 -12.50
C ASP D 247 32.86 -45.55 -11.39
N SER D 248 32.72 -44.68 -10.39
CA SER D 248 31.84 -44.96 -9.26
C SER D 248 30.39 -45.06 -9.69
N LEU D 249 29.97 -44.19 -10.62
CA LEU D 249 28.62 -44.24 -11.16
C LEU D 249 28.33 -45.60 -11.85
N LYS D 250 29.29 -46.12 -12.61
CA LYS D 250 29.11 -47.40 -13.32
C LYS D 250 28.85 -48.54 -12.33
N ALA D 251 29.63 -48.56 -11.25
CA ALA D 251 29.49 -49.60 -10.22
C ALA D 251 28.05 -49.64 -9.66
N GLU D 252 27.38 -48.50 -9.72
CA GLU D 252 26.02 -48.35 -9.21
C GLU D 252 24.94 -48.60 -10.28
N GLY D 253 25.35 -48.94 -11.51
CA GLY D 253 24.39 -49.22 -12.60
C GLY D 253 24.04 -48.02 -13.47
N ILE D 254 24.82 -46.95 -13.35
CA ILE D 254 24.58 -45.73 -14.14
C ILE D 254 25.74 -45.62 -15.12
N HIS D 255 25.44 -45.79 -16.39
CA HIS D 255 26.47 -45.82 -17.41
C HIS D 255 26.57 -44.54 -18.23
N ILE D 256 27.49 -43.68 -17.82
CA ILE D 256 27.76 -42.43 -18.54
C ILE D 256 28.35 -42.81 -19.91
N ARG D 257 27.78 -42.27 -20.99
CA ARG D 257 28.23 -42.55 -22.37
C ARG D 257 29.06 -41.43 -22.94
N HIS D 258 28.87 -40.21 -22.44
CA HIS D 258 29.64 -39.08 -22.92
C HIS D 258 29.99 -38.07 -21.84
N LEU D 259 31.08 -37.35 -22.09
CA LEU D 259 31.57 -36.31 -21.23
C LEU D 259 31.64 -35.03 -22.05
N ASP D 260 30.96 -34.00 -21.58
CA ASP D 260 30.96 -32.68 -22.20
C ASP D 260 31.85 -31.80 -21.35
N VAL D 261 32.94 -31.31 -21.96
CA VAL D 261 33.94 -30.50 -21.27
C VAL D 261 33.79 -28.98 -21.48
N GLY D 262 32.71 -28.56 -22.11
CA GLY D 262 32.48 -27.13 -22.32
C GLY D 262 33.42 -26.49 -23.32
N GLY D 263 33.53 -25.17 -23.24
CA GLY D 263 34.38 -24.39 -24.16
C GLY D 263 35.68 -23.95 -23.51
N GLY D 264 36.39 -23.04 -24.18
CA GLY D 264 37.65 -22.53 -23.65
C GLY D 264 38.83 -23.49 -23.80
N LEU D 265 39.02 -24.00 -25.01
CA LEU D 265 40.12 -24.90 -25.35
C LEU D 265 40.60 -24.63 -26.77
N SER D 278 45.84 -27.55 -28.34
CA SER D 278 46.29 -26.83 -27.15
C SER D 278 47.02 -27.76 -26.19
N GLU D 279 47.47 -27.19 -25.06
CA GLU D 279 48.18 -27.96 -24.02
C GLU D 279 47.18 -28.68 -23.10
N TYR D 280 45.96 -28.16 -23.04
CA TYR D 280 44.90 -28.72 -22.21
C TYR D 280 44.22 -29.89 -22.92
N ALA D 281 43.99 -29.73 -24.22
CA ALA D 281 43.36 -30.77 -25.04
C ALA D 281 44.18 -32.06 -24.98
N LYS D 282 45.48 -31.96 -25.25
CA LYS D 282 46.38 -33.12 -25.19
C LYS D 282 46.42 -33.69 -23.77
N ALA D 283 46.43 -32.80 -22.78
CA ALA D 283 46.40 -33.23 -21.38
C ALA D 283 45.13 -34.04 -21.09
N LEU D 284 43.99 -33.54 -21.60
CA LEU D 284 42.71 -34.24 -21.42
C LEU D 284 42.71 -35.62 -22.11
N LEU D 285 43.15 -35.67 -23.36
CA LEU D 285 43.18 -36.92 -24.11
C LEU D 285 44.10 -37.94 -23.41
N ASP D 286 45.18 -37.44 -22.81
CA ASP D 286 46.13 -38.28 -22.08
C ASP D 286 45.47 -38.96 -20.87
N ARG D 287 44.59 -38.24 -20.19
CA ARG D 287 43.89 -38.76 -19.00
C ARG D 287 42.86 -39.87 -19.32
N LEU D 288 42.25 -39.80 -20.50
CA LEU D 288 41.20 -40.75 -20.91
C LEU D 288 41.73 -42.10 -21.41
N GLU D 289 42.92 -42.45 -20.94
CA GLU D 289 43.60 -43.67 -21.32
C GLU D 289 42.73 -44.93 -21.13
N ARG D 290 42.06 -45.04 -19.99
CA ARG D 290 41.23 -46.22 -19.67
C ARG D 290 39.74 -45.99 -19.94
N HIS D 291 39.40 -44.92 -20.65
CA HIS D 291 38.00 -44.65 -20.98
C HIS D 291 37.88 -44.28 -22.45
N ARG D 292 38.39 -45.14 -23.32
N ARG D 292 38.41 -45.14 -23.33
CA ARG D 292 38.34 -44.90 -24.76
CA ARG D 292 38.33 -44.88 -24.76
C ARG D 292 36.92 -45.07 -25.31
C ARG D 292 36.92 -45.06 -25.31
N ASP D 293 36.02 -45.61 -24.47
CA ASP D 293 34.61 -45.81 -24.84
C ASP D 293 33.70 -44.60 -24.58
N LEU D 294 34.24 -43.54 -23.99
CA LEU D 294 33.47 -42.31 -23.73
C LEU D 294 33.52 -41.39 -24.94
N GLU D 295 32.37 -40.84 -25.31
CA GLU D 295 32.33 -39.84 -26.38
C GLU D 295 32.67 -38.51 -25.71
N LEU D 296 33.55 -37.72 -26.32
CA LEU D 296 33.86 -36.40 -25.79
C LEU D 296 33.09 -35.34 -26.56
N ILE D 297 32.43 -34.46 -25.82
CA ILE D 297 31.71 -33.35 -26.43
C ILE D 297 32.41 -32.05 -26.04
N PHE D 298 32.68 -31.22 -27.04
CA PHE D 298 33.31 -29.91 -26.83
C PHE D 298 32.30 -28.88 -27.26
N GLU D 299 32.35 -27.72 -26.61
CA GLU D 299 31.41 -26.62 -26.86
C GLU D 299 32.11 -25.32 -27.22
N PRO D 300 32.95 -25.33 -28.25
CA PRO D 300 33.63 -24.09 -28.59
C PRO D 300 32.69 -23.06 -29.20
N GLY D 301 32.98 -21.78 -28.97
CA GLY D 301 32.20 -20.67 -29.51
C GLY D 301 33.18 -19.70 -30.14
N ARG D 302 33.84 -18.91 -29.30
CA ARG D 302 34.86 -17.96 -29.75
C ARG D 302 35.95 -18.63 -30.58
N ALA D 303 36.40 -19.82 -30.14
CA ALA D 303 37.48 -20.54 -30.83
C ALA D 303 37.13 -20.87 -32.29
N ILE D 304 35.84 -20.96 -32.59
CA ILE D 304 35.41 -21.21 -33.95
C ILE D 304 35.12 -19.92 -34.73
N ALA D 305 34.41 -18.99 -34.09
CA ALA D 305 33.86 -17.83 -34.79
C ALA D 305 34.55 -16.50 -34.61
N ALA D 306 35.26 -16.29 -33.50
CA ALA D 306 35.82 -14.96 -33.22
C ALA D 306 36.64 -14.36 -34.37
N ASN D 307 37.70 -15.05 -34.79
CA ASN D 307 38.56 -14.51 -35.85
C ASN D 307 37.95 -14.59 -37.24
N ALA D 308 36.81 -15.27 -37.38
CA ALA D 308 36.10 -15.34 -38.64
C ALA D 308 35.33 -14.06 -38.99
N GLY D 309 35.26 -13.13 -38.05
CA GLY D 309 34.55 -11.90 -38.28
C GLY D 309 35.29 -10.61 -38.02
N VAL D 310 34.94 -9.59 -38.79
CA VAL D 310 35.39 -8.23 -38.59
C VAL D 310 34.18 -7.31 -38.62
N LEU D 311 34.29 -6.16 -37.95
CA LEU D 311 33.26 -5.14 -38.00
C LEU D 311 33.92 -3.95 -38.70
N VAL D 312 33.37 -3.56 -39.84
CA VAL D 312 33.86 -2.42 -40.62
C VAL D 312 33.11 -1.19 -40.17
N THR D 313 33.87 -0.12 -39.89
CA THR D 313 33.28 1.13 -39.38
C THR D 313 34.00 2.31 -40.03
N LYS D 314 33.29 3.42 -40.13
CA LYS D 314 33.80 4.63 -40.78
C LYS D 314 34.12 5.71 -39.74
N VAL D 315 35.23 6.42 -39.97
CA VAL D 315 35.61 7.53 -39.12
C VAL D 315 34.77 8.72 -39.59
N GLU D 316 33.94 9.24 -38.69
CA GLU D 316 33.08 10.38 -39.02
C GLU D 316 33.87 11.68 -38.86
N PHE D 317 34.42 11.86 -37.66
CA PHE D 317 35.15 13.07 -37.30
C PHE D 317 36.40 12.74 -36.53
N LEU D 318 37.37 13.64 -36.62
CA LEU D 318 38.61 13.56 -35.86
C LEU D 318 38.67 14.78 -34.93
N LYS D 319 38.52 14.55 -33.63
CA LYS D 319 38.56 15.62 -32.63
C LYS D 319 39.82 15.49 -31.79
N HIS D 320 40.55 16.59 -31.65
CA HIS D 320 41.81 16.60 -30.92
C HIS D 320 41.70 17.43 -29.64
N THR D 321 42.21 16.90 -28.52
CA THR D 321 42.19 17.67 -27.27
C THR D 321 43.39 18.67 -27.30
N GLU D 322 44.57 18.46 -26.69
CA GLU D 322 45.07 17.31 -25.90
C GLU D 322 44.79 17.52 -24.39
N HIS D 323 45.25 16.69 -23.43
CA HIS D 323 46.13 15.49 -23.57
C HIS D 323 45.65 14.27 -24.39
N LYS D 324 44.50 14.33 -25.08
CA LYS D 324 44.01 13.18 -25.86
C LYS D 324 43.52 13.54 -27.26
N ASN D 325 43.27 12.51 -28.07
CA ASN D 325 42.72 12.64 -29.43
C ASN D 325 41.55 11.65 -29.52
N PHE D 326 40.53 11.99 -30.30
CA PHE D 326 39.35 11.12 -30.45
C PHE D 326 38.95 10.91 -31.90
N ALA D 327 38.73 9.65 -32.27
CA ALA D 327 38.23 9.34 -33.58
C ALA D 327 36.81 8.90 -33.34
N ILE D 328 35.86 9.64 -33.91
CA ILE D 328 34.43 9.33 -33.78
C ILE D 328 34.08 8.39 -34.93
N ILE D 329 33.70 7.16 -34.59
CA ILE D 329 33.34 6.18 -35.59
C ILE D 329 31.83 5.92 -35.60
N ASP D 330 31.33 5.32 -36.67
CA ASP D 330 29.87 5.11 -36.82
C ASP D 330 29.31 3.86 -36.17
N ALA D 331 30.18 3.05 -35.57
CA ALA D 331 29.78 1.85 -34.85
C ALA D 331 29.60 2.21 -33.37
N ALA D 332 28.42 1.90 -32.85
CA ALA D 332 28.05 2.23 -31.48
C ALA D 332 27.92 1.00 -30.61
N MET D 333 27.70 1.22 -29.31
CA MET D 333 27.56 0.13 -28.35
C MET D 333 26.41 -0.83 -28.70
N ASN D 334 25.40 -0.36 -29.44
CA ASN D 334 24.27 -1.24 -29.82
C ASN D 334 24.69 -2.21 -30.93
N ASP D 335 25.81 -1.94 -31.61
CA ASP D 335 26.38 -2.76 -32.70
C ASP D 335 27.40 -3.77 -32.19
N LEU D 336 28.27 -3.33 -31.30
CA LEU D 336 29.34 -4.17 -30.70
C LEU D 336 29.47 -3.70 -29.24
N ILE D 337 29.18 -4.63 -28.33
CA ILE D 337 29.11 -4.35 -26.90
C ILE D 337 30.43 -4.66 -26.20
N TRP D 345 39.66 -6.61 -25.33
CA TRP D 345 40.57 -5.91 -26.23
C TRP D 345 40.53 -6.52 -27.63
N GLN D 346 40.18 -5.70 -28.61
CA GLN D 346 40.10 -6.13 -30.01
C GLN D 346 40.99 -5.24 -30.86
N ASP D 347 41.80 -5.86 -31.71
CA ASP D 347 42.69 -5.13 -32.58
C ASP D 347 41.89 -4.34 -33.63
N ILE D 348 42.28 -3.09 -33.86
CA ILE D 348 41.61 -2.22 -34.82
C ILE D 348 42.58 -1.78 -35.87
N ILE D 349 42.28 -2.08 -37.13
CA ILE D 349 43.19 -1.78 -38.22
C ILE D 349 42.54 -1.06 -39.38
N PRO D 350 43.30 -0.20 -40.05
CA PRO D 350 42.72 0.51 -41.16
C PRO D 350 42.57 -0.36 -42.41
N LEU D 351 41.51 -0.13 -43.19
CA LEU D 351 41.35 -0.83 -44.46
C LEU D 351 42.45 -0.46 -45.46
N ARG D 352 42.89 0.79 -45.41
CA ARG D 352 43.94 1.32 -46.29
C ARG D 352 44.96 2.09 -45.45
N PRO D 353 45.94 1.37 -44.88
CA PRO D 353 46.91 1.99 -43.98
C PRO D 353 47.68 3.10 -44.65
N ARG D 354 47.74 4.26 -43.99
CA ARG D 354 48.47 5.44 -44.50
C ARG D 354 49.79 5.61 -43.76
N GLN D 355 50.81 6.11 -44.45
CA GLN D 355 52.07 6.40 -43.79
C GLN D 355 52.10 7.89 -43.45
N GLY D 356 52.68 8.21 -42.30
CA GLY D 356 52.76 9.58 -41.80
C GLY D 356 52.93 9.55 -40.30
N GLU D 357 52.66 10.66 -39.62
CA GLU D 357 52.78 10.71 -38.18
C GLU D 357 51.59 10.02 -37.50
N ALA D 358 51.87 8.97 -36.72
CA ALA D 358 50.82 8.28 -35.99
C ALA D 358 50.46 9.11 -34.77
N GLN D 359 49.18 9.13 -34.41
CA GLN D 359 48.71 9.85 -33.25
C GLN D 359 47.88 8.88 -32.45
N THR D 360 47.88 9.03 -31.13
CA THR D 360 47.16 8.11 -30.26
C THR D 360 45.70 8.54 -30.18
N TYR D 361 44.79 7.61 -30.44
CA TYR D 361 43.35 7.92 -30.42
C TYR D 361 42.53 6.99 -29.57
N ASP D 362 41.45 7.54 -29.01
CA ASP D 362 40.41 6.72 -28.39
C ASP D 362 39.37 6.66 -29.48
N LEU D 363 38.84 5.48 -29.75
CA LEU D 363 37.84 5.29 -30.79
C LEU D 363 36.52 5.29 -30.08
N VAL D 364 35.70 6.29 -30.36
CA VAL D 364 34.42 6.47 -29.67
C VAL D 364 33.23 6.43 -30.63
N GLY D 365 32.14 5.83 -30.17
CA GLY D 365 30.92 5.69 -30.96
C GLY D 365 30.20 7.00 -31.13
N PRO D 366 29.15 7.01 -31.97
CA PRO D 366 28.46 8.26 -32.37
C PRO D 366 27.35 8.77 -31.46
N VAL D 367 26.96 7.98 -30.46
CA VAL D 367 25.84 8.36 -29.61
C VAL D 367 26.23 9.27 -28.42
N CYS D 368 25.67 9.01 -27.23
CA CYS D 368 25.90 9.82 -26.04
C CYS D 368 26.04 8.95 -24.79
N GLU D 369 27.02 8.04 -24.81
CA GLU D 369 27.27 7.18 -23.66
C GLU D 369 28.77 7.16 -23.43
N THR D 370 29.18 7.14 -22.16
CA THR D 370 30.59 7.09 -21.82
C THR D 370 31.17 5.70 -22.08
N SER D 371 30.27 4.71 -22.15
CA SER D 371 30.64 3.33 -22.45
C SER D 371 30.61 3.08 -23.96
N ASP D 372 30.35 4.13 -24.73
CA ASP D 372 30.27 4.04 -26.18
C ASP D 372 31.65 4.21 -26.82
N PHE D 373 32.48 3.19 -26.67
CA PHE D 373 33.83 3.17 -27.23
C PHE D 373 34.24 1.74 -27.58
N LEU D 374 35.10 1.60 -28.59
CA LEU D 374 35.58 0.27 -29.00
C LEU D 374 37.07 0.08 -28.78
N GLY D 375 37.83 1.16 -28.62
CA GLY D 375 39.27 1.05 -28.44
C GLY D 375 39.88 2.27 -27.78
N LYS D 376 40.83 2.02 -26.90
CA LYS D 376 41.51 3.07 -26.16
C LYS D 376 43.00 3.06 -26.51
N ASP D 377 43.57 4.25 -26.61
CA ASP D 377 45.00 4.41 -26.85
C ASP D 377 45.51 3.63 -28.07
N ARG D 378 45.02 3.98 -29.24
CA ARG D 378 45.44 3.32 -30.48
C ARG D 378 46.20 4.29 -31.38
N ASP D 379 47.40 3.90 -31.79
CA ASP D 379 48.23 4.71 -32.67
C ASP D 379 47.85 4.49 -34.11
N LEU D 380 47.35 5.53 -34.75
CA LEU D 380 46.87 5.44 -36.09
C LEU D 380 47.14 6.70 -36.90
N VAL D 381 47.13 6.54 -38.22
CA VAL D 381 47.29 7.64 -39.18
C VAL D 381 45.96 7.79 -39.92
N LEU D 382 45.10 8.66 -39.37
CA LEU D 382 43.74 8.83 -39.89
C LEU D 382 43.37 10.14 -40.57
N GLN D 383 42.38 10.05 -41.46
CA GLN D 383 41.72 11.19 -42.10
C GLN D 383 40.22 10.87 -41.99
N GLU D 384 39.40 11.91 -41.88
CA GLU D 384 37.95 11.70 -41.76
C GLU D 384 37.46 10.94 -42.99
N GLY D 385 36.59 9.96 -42.80
CA GLY D 385 36.08 9.16 -43.90
C GLY D 385 36.77 7.80 -44.05
N ASP D 386 37.92 7.63 -43.41
CA ASP D 386 38.66 6.37 -43.48
C ASP D 386 37.85 5.24 -42.86
N LEU D 387 38.01 4.04 -43.40
CA LEU D 387 37.36 2.83 -42.86
C LEU D 387 38.34 2.02 -42.03
N LEU D 388 37.83 1.44 -40.95
CA LEU D 388 38.61 0.64 -40.04
C LEU D 388 37.92 -0.70 -39.89
N ALA D 389 38.71 -1.70 -39.56
CA ALA D 389 38.16 -3.03 -39.29
C ALA D 389 38.48 -3.39 -37.85
N VAL D 390 37.45 -3.74 -37.10
CA VAL D 390 37.59 -4.22 -35.75
C VAL D 390 37.69 -5.75 -35.83
N ARG D 391 38.86 -6.29 -35.50
CA ARG D 391 39.15 -7.69 -35.66
C ARG D 391 38.56 -8.50 -34.52
N SER D 392 38.48 -9.80 -34.75
CA SER D 392 38.01 -10.73 -33.75
C SER D 392 36.58 -10.37 -33.32
N SER D 393 35.73 -10.02 -34.29
CA SER D 393 34.35 -9.59 -34.03
C SER D 393 33.31 -10.60 -34.49
N GLY D 394 33.75 -11.84 -34.71
CA GLY D 394 32.88 -12.89 -35.19
C GLY D 394 32.12 -13.60 -34.09
N ALA D 395 32.53 -13.38 -32.84
CA ALA D 395 31.89 -13.98 -31.66
C ALA D 395 31.49 -12.90 -30.67
N TYR D 396 30.28 -13.02 -30.12
CA TYR D 396 29.77 -12.04 -29.16
C TYR D 396 29.85 -10.62 -29.71
N GLY D 397 29.51 -10.52 -30.99
CA GLY D 397 29.47 -9.28 -31.74
C GLY D 397 27.99 -9.02 -32.07
N PHE D 398 27.56 -9.40 -33.27
CA PHE D 398 26.17 -9.16 -33.66
C PHE D 398 25.17 -9.86 -32.71
N THR D 399 25.58 -10.98 -32.13
CA THR D 399 24.72 -11.74 -31.22
C THR D 399 24.14 -10.90 -30.05
N MET D 400 24.90 -9.90 -29.60
CA MET D 400 24.46 -9.04 -28.49
C MET D 400 24.02 -7.63 -28.95
N SER D 401 23.90 -7.44 -30.28
CA SER D 401 23.49 -6.16 -30.87
C SER D 401 22.04 -5.84 -30.48
N SER D 402 21.75 -4.57 -30.28
CA SER D 402 20.40 -4.14 -29.91
C SER D 402 20.00 -2.93 -30.77
N ASN D 403 18.83 -2.37 -30.48
CA ASN D 403 18.37 -1.17 -31.15
C ASN D 403 18.46 0.08 -30.28
N TYR D 404 19.31 0.04 -29.25
CA TYR D 404 19.44 1.17 -28.31
C TYR D 404 19.75 2.44 -29.10
N ASN D 405 19.05 3.52 -28.74
CA ASN D 405 19.06 4.83 -29.46
C ASN D 405 18.27 4.77 -30.78
N THR D 406 17.38 3.77 -30.91
CA THR D 406 16.58 3.57 -32.13
C THR D 406 17.49 3.53 -33.39
N ARG D 407 18.49 2.68 -33.29
CA ARG D 407 19.45 2.45 -34.36
C ARG D 407 19.19 1.10 -34.96
N PRO D 408 18.97 1.05 -36.30
CA PRO D 408 18.76 -0.23 -36.95
C PRO D 408 20.00 -1.11 -36.90
N ARG D 409 19.80 -2.40 -36.67
CA ARG D 409 20.91 -3.33 -36.64
C ARG D 409 21.51 -3.46 -38.02
N VAL D 410 22.81 -3.66 -38.05
CA VAL D 410 23.53 -3.68 -39.32
C VAL D 410 23.39 -4.93 -40.16
N ALA D 411 23.89 -4.83 -41.38
CA ALA D 411 23.97 -5.95 -42.27
C ALA D 411 25.12 -6.90 -41.86
N GLU D 412 24.93 -8.19 -42.17
CA GLU D 412 25.91 -9.24 -42.00
C GLU D 412 26.13 -9.88 -43.39
N VAL D 413 27.37 -9.87 -43.81
N VAL D 413 27.38 -10.06 -43.80
CA VAL D 413 27.78 -10.39 -45.10
CA VAL D 413 27.68 -10.68 -45.11
C VAL D 413 28.83 -11.46 -44.85
C VAL D 413 28.78 -11.74 -44.97
N MET D 414 28.79 -12.49 -45.70
N MET D 414 28.70 -12.81 -45.76
CA MET D 414 29.69 -13.63 -45.66
CA MET D 414 29.73 -13.82 -45.68
C MET D 414 30.45 -13.68 -47.00
C MET D 414 30.46 -13.94 -46.99
N VAL D 415 31.78 -13.81 -46.93
CA VAL D 415 32.60 -13.98 -48.13
C VAL D 415 32.99 -15.46 -48.27
N ASP D 416 33.09 -15.91 -49.52
CA ASP D 416 33.43 -17.28 -49.88
C ASP D 416 34.25 -17.20 -51.20
N GLY D 417 35.56 -17.11 -51.09
CA GLY D 417 36.43 -16.96 -52.25
C GLY D 417 36.24 -15.54 -52.73
N ASN D 418 35.70 -15.39 -53.94
CA ASN D 418 35.40 -14.08 -54.50
C ASN D 418 33.90 -13.81 -54.46
N LYS D 419 33.13 -14.67 -53.79
CA LYS D 419 31.69 -14.50 -53.76
C LYS D 419 31.30 -13.82 -52.46
N THR D 420 30.20 -13.08 -52.53
CA THR D 420 29.66 -12.37 -51.39
C THR D 420 28.24 -12.80 -51.19
N TYR D 421 27.88 -13.20 -49.96
CA TYR D 421 26.50 -13.57 -49.67
C TYR D 421 25.96 -12.65 -48.57
N LEU D 422 24.82 -12.00 -48.81
CA LEU D 422 24.18 -11.21 -47.78
C LEU D 422 23.53 -12.26 -46.89
N VAL D 423 23.95 -12.35 -45.62
CA VAL D 423 23.37 -13.34 -44.70
C VAL D 423 22.46 -12.73 -43.63
N ARG D 424 22.45 -11.39 -43.57
CA ARG D 424 21.45 -10.65 -42.82
C ARG D 424 21.32 -9.25 -43.36
N GLN D 425 20.11 -8.91 -43.79
CA GLN D 425 19.82 -7.57 -44.28
C GLN D 425 19.88 -6.56 -43.17
N ARG D 426 20.32 -5.33 -43.48
CA ARG D 426 20.26 -4.24 -42.51
C ARG D 426 18.78 -3.96 -42.22
N GLU D 427 18.46 -3.74 -40.95
CA GLU D 427 17.06 -3.41 -40.60
C GLU D 427 16.58 -2.09 -41.17
N GLU D 428 15.31 -2.08 -41.59
CA GLU D 428 14.66 -0.87 -42.08
C GLU D 428 14.30 -0.05 -40.83
N LEU D 429 14.62 1.22 -40.83
CA LEU D 429 14.40 2.05 -39.66
C LEU D 429 12.99 1.99 -39.09
N SER D 430 11.97 2.13 -39.94
CA SER D 430 10.60 2.21 -39.40
C SER D 430 10.09 0.93 -38.81
N SER D 431 10.76 -0.17 -39.13
CA SER D 431 10.41 -1.47 -38.54
C SER D 431 10.66 -1.50 -37.01
N LEU D 432 11.56 -0.62 -36.52
CA LEU D 432 11.88 -0.65 -35.08
C LEU D 432 10.71 -0.37 -34.14
N TRP D 433 9.70 0.39 -34.60
CA TRP D 433 8.52 0.68 -33.77
C TRP D 433 7.23 0.17 -34.42
N ALA D 434 7.37 -0.74 -35.39
CA ALA D 434 6.22 -1.29 -36.09
C ALA D 434 5.26 -2.04 -35.15
N LEU D 435 5.76 -2.58 -34.05
CA LEU D 435 4.93 -3.32 -33.09
C LEU D 435 4.33 -2.42 -31.98
N GLU D 436 4.55 -1.12 -32.07
CA GLU D 436 4.12 -0.22 -31.02
C GLU D 436 2.89 0.64 -31.36
N SER D 437 2.31 1.21 -30.33
CA SER D 437 1.18 2.10 -30.52
C SER D 437 1.09 3.18 -29.44
N VAL D 438 0.46 4.28 -29.82
CA VAL D 438 0.26 5.41 -28.94
C VAL D 438 -0.99 5.17 -28.10
N LEU D 439 -1.30 6.09 -27.19
CA LEU D 439 -2.50 5.95 -26.37
C LEU D 439 -3.70 6.47 -27.17
N PRO D 440 -4.88 5.84 -26.99
CA PRO D 440 -6.07 6.31 -27.71
C PRO D 440 -6.52 7.69 -27.28
N GLU D 441 -7.38 8.31 -28.10
CA GLU D 441 -7.92 9.66 -27.85
C GLU D 441 -6.94 10.73 -28.35
#